data_2I5B
#
_entry.id   2I5B
#
_cell.length_a   102.499
_cell.length_b   102.499
_cell.length_c   251.360
_cell.angle_alpha   90.000
_cell.angle_beta   90.000
_cell.angle_gamma   90.000
#
_symmetry.space_group_name_H-M   'P 41 21 2'
#
loop_
_entity.id
_entity.type
_entity.pdbx_description
1 polymer 'Phosphomethylpyrimidine kinase'
2 non-polymer "ADENOSINE-5'-DIPHOSPHATE"
#
_entity_poly.entity_id   1
_entity_poly.type   'polypeptide(L)'
_entity_poly.pdbx_seq_one_letter_code
;MSMHKALTIAGSDSSGGAGIQADLKTFQEKNVYGMTALTVIVAMDPNNSWNHQVFPIDTDTIRAQLATITDGIGVDAMKT
GMLPTVDIIELAAKTIKEKQLKNVVIDPVMVCKGANEVLYPEHAQALREQLAPLATVITPNLFEASQLSGMDELKTVDDM
IEAAKKIHALGAQYVVITGGGKLKHEKAVDVLYDGETAEVLESEMIDTPYTHGAGCTFSAAVTAELAKGAEVKEAIYAAK
EFITAAIKESFPLNQYVGPTKHSALRLNQQS
;
_entity_poly.pdbx_strand_id   A,C,D,B,E
#
# COMPACT_ATOMS: atom_id res chain seq x y z
N MET A 3 12.83 8.89 40.42
CA MET A 3 12.86 8.36 39.03
C MET A 3 12.26 9.32 38.01
N HIS A 4 12.92 9.44 36.86
CA HIS A 4 12.28 10.06 35.69
C HIS A 4 11.17 9.16 35.14
N LYS A 5 10.18 9.77 34.49
CA LYS A 5 8.96 9.04 34.09
C LYS A 5 8.69 9.14 32.59
N ALA A 6 8.23 8.05 31.97
CA ALA A 6 7.84 8.10 30.56
C ALA A 6 6.50 7.40 30.31
N LEU A 7 5.75 7.93 29.36
CA LEU A 7 4.50 7.34 28.92
C LEU A 7 4.69 6.72 27.56
N THR A 8 4.08 5.57 27.34
CA THR A 8 3.94 5.05 25.99
C THR A 8 2.45 4.85 25.62
N ILE A 9 2.02 5.47 24.52
CA ILE A 9 0.68 5.22 24.04
C ILE A 9 0.82 4.22 22.91
N ALA A 10 0.59 2.95 23.21
CA ALA A 10 0.91 1.87 22.29
C ALA A 10 0.14 0.59 22.58
N GLY A 11 0.50 -0.47 21.87
CA GLY A 11 -0.24 -1.74 21.93
C GLY A 11 0.50 -2.87 22.60
N SER A 12 -0.25 -3.85 23.09
CA SER A 12 0.34 -5.03 23.72
C SER A 12 0.76 -6.05 22.69
N ASP A 13 1.98 -6.55 22.81
CA ASP A 13 2.47 -7.63 21.95
C ASP A 13 2.51 -8.89 22.81
N SER A 14 1.64 -9.84 22.50
CA SER A 14 1.59 -11.08 23.27
C SER A 14 2.92 -11.84 23.23
N SER A 15 3.70 -11.69 22.15
CA SER A 15 4.96 -12.42 22.08
C SER A 15 6.10 -11.74 22.88
N GLY A 16 5.88 -10.50 23.27
CA GLY A 16 6.72 -9.88 24.31
C GLY A 16 7.94 -9.12 23.83
N GLY A 17 8.10 -8.99 22.52
CA GLY A 17 9.28 -8.31 21.98
C GLY A 17 9.05 -6.89 21.46
N ALA A 18 7.79 -6.58 21.16
CA ALA A 18 7.44 -5.30 20.57
C ALA A 18 6.46 -4.60 21.50
N GLY A 19 5.82 -3.53 20.99
CA GLY A 19 4.87 -2.71 21.74
C GLY A 19 5.18 -2.42 23.21
N ILE A 20 4.13 -2.46 24.01
CA ILE A 20 4.18 -2.15 25.43
C ILE A 20 5.32 -2.87 26.13
N GLN A 21 5.53 -4.12 25.73
CA GLN A 21 6.51 -4.97 26.37
C GLN A 21 7.89 -4.44 26.06
N ALA A 22 8.19 -4.23 24.78
CA ALA A 22 9.45 -3.57 24.37
C ALA A 22 9.65 -2.27 25.11
N ASP A 23 8.61 -1.46 25.15
CA ASP A 23 8.70 -0.14 25.71
C ASP A 23 9.05 -0.21 27.18
N LEU A 24 8.28 -0.99 27.94
CA LEU A 24 8.53 -1.11 29.38
C LEU A 24 9.91 -1.69 29.64
N LYS A 25 10.23 -2.76 28.92
CA LYS A 25 11.54 -3.42 29.06
C LYS A 25 12.67 -2.43 28.83
N THR A 26 12.56 -1.64 27.77
CA THR A 26 13.58 -0.62 27.45
C THR A 26 13.62 0.43 28.54
N PHE A 27 12.45 0.92 28.92
CA PHE A 27 12.37 1.98 29.94
C PHE A 27 13.05 1.51 31.21
N GLN A 28 12.76 0.28 31.63
CA GLN A 28 13.33 -0.28 32.85
C GLN A 28 14.85 -0.41 32.75
N GLU A 29 15.36 -0.92 31.63
CA GLU A 29 16.81 -1.08 31.47
C GLU A 29 17.49 0.24 31.71
N LYS A 30 16.84 1.32 31.29
CA LYS A 30 17.44 2.65 31.38
C LYS A 30 16.92 3.42 32.60
N ASN A 31 16.37 2.68 33.56
CA ASN A 31 15.96 3.25 34.84
C ASN A 31 14.95 4.40 34.71
N VAL A 32 14.02 4.26 33.78
CA VAL A 32 12.94 5.22 33.65
C VAL A 32 11.62 4.51 34.01
N TYR A 33 10.87 5.13 34.91
CA TYR A 33 9.59 4.61 35.37
C TYR A 33 8.53 4.64 34.26
N GLY A 34 8.15 3.46 33.76
CA GLY A 34 7.28 3.37 32.59
C GLY A 34 5.81 3.27 32.94
N MET A 35 4.98 3.91 32.11
CA MET A 35 3.53 3.81 32.22
C MET A 35 2.94 3.67 30.84
N THR A 36 1.87 2.88 30.74
CA THR A 36 1.33 2.48 29.45
C THR A 36 -0.09 2.90 29.32
N ALA A 37 -0.44 3.49 28.18
CA ALA A 37 -1.83 3.63 27.81
C ALA A 37 -2.05 2.65 26.68
N LEU A 38 -2.67 1.50 26.99
CA LEU A 38 -2.83 0.40 26.04
C LEU A 38 -3.89 0.72 24.99
N THR A 39 -3.54 0.59 23.72
CA THR A 39 -4.45 0.93 22.62
C THR A 39 -5.06 -0.28 21.89
N VAL A 40 -4.33 -1.41 21.89
CA VAL A 40 -4.77 -2.67 21.27
C VAL A 40 -4.11 -3.82 21.97
N ILE A 41 -4.77 -4.98 21.92
CA ILE A 41 -4.12 -6.24 22.26
C ILE A 41 -3.92 -7.07 21.00
N VAL A 42 -2.67 -7.45 20.74
CA VAL A 42 -2.35 -8.22 19.54
C VAL A 42 -1.89 -9.61 19.97
N ALA A 43 -2.47 -10.64 19.36
CA ALA A 43 -2.04 -12.03 19.61
C ALA A 43 -1.57 -12.62 18.29
N MET A 44 -0.86 -13.75 18.35
CA MET A 44 -0.45 -14.48 17.14
C MET A 44 -0.96 -15.92 17.25
N ASP A 45 -1.71 -16.37 16.26
CA ASP A 45 -2.34 -17.70 16.29
C ASP A 45 -1.36 -18.86 16.06
N PRO A 46 -1.07 -19.64 17.12
CA PRO A 46 -0.04 -20.70 17.05
C PRO A 46 -0.34 -21.80 16.02
N ASN A 47 -1.61 -22.09 15.78
CA ASN A 47 -1.94 -23.00 14.68
C ASN A 47 -2.63 -22.28 13.53
N ASN A 48 -1.86 -21.39 12.90
CA ASN A 48 -2.30 -20.59 11.77
C ASN A 48 -1.14 -19.69 11.39
N SER A 49 0.06 -20.27 11.46
CA SER A 49 1.27 -19.65 10.95
C SER A 49 1.51 -18.28 11.55
N TRP A 50 1.28 -18.14 12.85
CA TRP A 50 1.57 -16.92 13.59
C TRP A 50 0.75 -15.71 13.12
N ASN A 51 -0.46 -15.97 12.65
CA ASN A 51 -1.28 -14.92 12.10
C ASN A 51 -1.72 -13.93 13.20
N HIS A 52 -1.47 -12.64 12.96
CA HIS A 52 -1.86 -11.57 13.88
C HIS A 52 -3.36 -11.53 14.13
N GLN A 53 -3.76 -11.67 15.38
CA GLN A 53 -5.16 -11.44 15.79
C GLN A 53 -5.18 -10.13 16.57
N VAL A 54 -5.92 -9.14 16.08
CA VAL A 54 -5.90 -7.83 16.73
C VAL A 54 -7.23 -7.48 17.40
N PHE A 55 -7.12 -7.06 18.67
CA PHE A 55 -8.28 -6.80 19.52
C PHE A 55 -8.22 -5.38 20.00
N PRO A 56 -8.99 -4.48 19.39
CA PRO A 56 -8.77 -3.06 19.73
C PRO A 56 -9.43 -2.73 21.05
N ILE A 57 -8.89 -1.75 21.76
CA ILE A 57 -9.43 -1.28 23.03
C ILE A 57 -10.27 -0.02 22.83
N ASP A 58 -11.43 0.01 23.51
CA ASP A 58 -12.36 1.17 23.49
C ASP A 58 -11.66 2.51 23.71
N THR A 59 -11.89 3.44 22.80
CA THR A 59 -11.41 4.81 22.95
C THR A 59 -11.57 5.39 24.37
N ASP A 60 -12.71 5.15 25.03
CA ASP A 60 -12.90 5.58 26.41
C ASP A 60 -11.90 5.01 27.42
N THR A 61 -11.55 3.74 27.25
CA THR A 61 -10.61 3.04 28.12
C THR A 61 -9.23 3.65 27.92
N ILE A 62 -8.87 3.93 26.67
CA ILE A 62 -7.61 4.60 26.37
C ILE A 62 -7.59 5.97 27.06
N ARG A 63 -8.68 6.72 26.92
CA ARG A 63 -8.80 8.05 27.53
C ARG A 63 -8.57 7.98 29.03
N ALA A 64 -9.16 6.97 29.66
CA ALA A 64 -9.07 6.81 31.11
C ALA A 64 -7.63 6.56 31.53
N GLN A 65 -6.93 5.67 30.86
CA GLN A 65 -5.51 5.42 31.15
C GLN A 65 -4.69 6.70 30.98
N LEU A 66 -4.91 7.42 29.89
CA LEU A 66 -4.23 8.69 29.66
C LEU A 66 -4.51 9.71 30.76
N ALA A 67 -5.77 9.82 31.16
CA ALA A 67 -6.17 10.71 32.25
C ALA A 67 -5.27 10.44 33.44
N THR A 68 -5.25 9.20 33.95
CA THR A 68 -4.46 8.94 35.14
C THR A 68 -2.97 9.15 34.92
N ILE A 69 -2.45 8.80 33.76
CA ILE A 69 -1.02 9.00 33.53
C ILE A 69 -0.64 10.50 33.36
N THR A 70 -1.38 11.24 32.54
CA THR A 70 -0.99 12.62 32.22
C THR A 70 -1.48 13.64 33.27
N ASP A 71 -2.72 13.51 33.72
CA ASP A 71 -3.29 14.42 34.73
C ASP A 71 -2.85 14.10 36.16
N GLY A 72 -2.75 12.81 36.50
CA GLY A 72 -2.61 12.39 37.88
C GLY A 72 -1.18 12.23 38.33
N ILE A 73 -0.31 11.93 37.37
CA ILE A 73 1.12 11.80 37.55
C ILE A 73 1.61 12.64 36.40
N GLY A 74 2.88 12.98 36.31
CA GLY A 74 3.30 13.62 35.06
C GLY A 74 4.27 12.74 34.30
N VAL A 75 4.63 13.13 33.08
CA VAL A 75 5.72 12.44 32.38
C VAL A 75 6.82 13.38 31.88
N ASP A 76 8.05 12.90 31.89
CA ASP A 76 9.19 13.68 31.41
C ASP A 76 9.41 13.56 29.92
N ALA A 77 8.96 12.44 29.35
CA ALA A 77 8.95 12.20 27.91
C ALA A 77 7.84 11.22 27.61
N MET A 78 7.69 10.87 26.34
CA MET A 78 6.49 10.17 25.89
C MET A 78 6.69 9.70 24.45
N LYS A 79 6.15 8.53 24.15
CA LYS A 79 6.15 8.04 22.78
C LYS A 79 4.77 7.49 22.37
N THR A 80 4.51 7.47 21.06
CA THR A 80 3.39 6.76 20.54
C THR A 80 3.91 5.56 19.75
N GLY A 81 3.27 4.41 19.96
CA GLY A 81 3.50 3.24 19.14
C GLY A 81 2.33 3.02 18.20
N MET A 82 1.86 1.78 18.16
CA MET A 82 0.71 1.40 17.37
C MET A 82 -0.55 2.09 17.86
N LEU A 83 -1.08 2.97 17.03
CA LEU A 83 -2.35 3.62 17.23
C LEU A 83 -3.21 3.13 16.08
N PRO A 84 -3.97 2.06 16.30
CA PRO A 84 -4.57 1.32 15.17
C PRO A 84 -5.71 2.00 14.41
N THR A 85 -6.19 3.15 14.88
CA THR A 85 -7.46 3.73 14.46
C THR A 85 -7.32 5.26 14.37
N VAL A 86 -7.98 5.89 13.40
CA VAL A 86 -7.92 7.35 13.25
C VAL A 86 -8.36 8.03 14.54
N ASP A 87 -9.45 7.57 15.15
CA ASP A 87 -9.92 8.08 16.45
C ASP A 87 -8.81 8.05 17.52
N ILE A 88 -8.05 6.97 17.52
CA ILE A 88 -6.97 6.81 18.47
C ILE A 88 -5.78 7.73 18.15
N ILE A 89 -5.48 7.94 16.87
CA ILE A 89 -4.49 8.96 16.52
C ILE A 89 -4.92 10.34 17.03
N GLU A 90 -6.20 10.64 16.87
CA GLU A 90 -6.75 11.94 17.23
C GLU A 90 -6.76 12.14 18.73
N LEU A 91 -7.03 11.06 19.44
CA LEU A 91 -6.99 11.08 20.88
C LEU A 91 -5.54 11.34 21.34
N ALA A 92 -4.60 10.62 20.76
CA ALA A 92 -3.20 10.78 21.11
C ALA A 92 -2.72 12.21 20.84
N ALA A 93 -3.08 12.76 19.68
CA ALA A 93 -2.67 14.10 19.31
C ALA A 93 -3.33 15.10 20.23
N LYS A 94 -4.62 14.91 20.48
CA LYS A 94 -5.38 15.79 21.35
C LYS A 94 -4.78 15.80 22.73
N THR A 95 -4.34 14.63 23.21
CA THR A 95 -3.75 14.53 24.52
C THR A 95 -2.44 15.29 24.58
N ILE A 96 -1.62 15.14 23.54
CA ILE A 96 -0.30 15.75 23.48
C ILE A 96 -0.39 17.27 23.53
N LYS A 97 -1.32 17.82 22.75
CA LYS A 97 -1.55 19.24 22.73
C LYS A 97 -2.07 19.72 24.07
N GLU A 98 -3.26 19.25 24.45
CA GLU A 98 -3.91 19.74 25.65
C GLU A 98 -3.09 19.62 26.92
N LYS A 99 -2.34 18.53 27.06
CA LYS A 99 -1.55 18.32 28.26
C LYS A 99 -0.12 18.85 28.10
N GLN A 100 0.15 19.41 26.94
CA GLN A 100 1.44 20.05 26.62
C GLN A 100 2.62 19.13 26.90
N LEU A 101 2.51 17.90 26.44
CA LEU A 101 3.55 16.92 26.71
C LEU A 101 4.89 17.25 26.04
N LYS A 102 5.97 16.99 26.77
CA LYS A 102 7.33 17.32 26.33
C LYS A 102 8.02 16.09 25.76
N ASN A 103 9.07 16.30 24.97
CA ASN A 103 9.87 15.21 24.40
C ASN A 103 8.99 14.12 23.82
N VAL A 104 8.31 14.48 22.75
CA VAL A 104 7.34 13.65 22.08
C VAL A 104 8.04 12.82 21.02
N VAL A 105 8.14 11.53 21.26
CA VAL A 105 8.73 10.63 20.27
C VAL A 105 7.65 9.86 19.56
N ILE A 106 7.42 10.20 18.29
CA ILE A 106 6.36 9.55 17.56
C ILE A 106 6.88 8.44 16.65
N ASP A 107 6.57 7.19 17.00
CA ASP A 107 6.94 6.07 16.14
C ASP A 107 5.75 5.74 15.26
N PRO A 108 5.82 6.12 13.97
CA PRO A 108 4.62 6.09 13.14
C PRO A 108 4.30 4.72 12.59
N VAL A 109 4.07 3.76 13.50
CA VAL A 109 3.63 2.42 13.12
C VAL A 109 2.40 2.44 12.22
N MET A 110 2.52 1.88 11.02
CA MET A 110 1.38 1.85 10.11
C MET A 110 0.57 0.57 10.28
N VAL A 111 -0.73 0.69 10.05
CA VAL A 111 -1.61 -0.45 10.18
C VAL A 111 -1.61 -1.20 8.86
N CYS A 112 -2.63 -1.03 8.03
CA CYS A 112 -2.86 -1.97 6.94
C CYS A 112 -1.85 -1.99 5.80
N LYS A 113 -0.66 -2.50 6.07
CA LYS A 113 0.37 -2.67 5.03
C LYS A 113 -0.13 -3.57 3.89
N GLY A 114 0.42 -3.38 2.71
CA GLY A 114 0.02 -4.16 1.54
C GLY A 114 1.17 -4.48 0.64
N ALA A 115 1.47 -3.53 -0.26
CA ALA A 115 2.65 -3.63 -1.13
C ALA A 115 3.66 -2.60 -0.66
N ASN A 116 3.51 -1.36 -1.14
CA ASN A 116 4.25 -0.21 -0.63
C ASN A 116 3.29 0.93 -0.35
N GLU A 117 2.06 0.53 -0.02
CA GLU A 117 0.98 1.45 0.31
C GLU A 117 0.26 0.94 1.56
N VAL A 118 -0.41 1.88 2.22
CA VAL A 118 -1.27 1.58 3.34
C VAL A 118 -2.70 1.52 2.79
N LEU A 119 -3.44 0.49 3.19
CA LEU A 119 -4.79 0.23 2.73
C LEU A 119 -5.81 0.97 3.59
N TYR A 120 -5.34 1.70 4.59
CA TYR A 120 -6.16 2.48 5.49
C TYR A 120 -5.66 3.91 5.33
N PRO A 121 -5.98 4.55 4.18
CA PRO A 121 -5.44 5.84 3.79
C PRO A 121 -5.54 6.91 4.87
N GLU A 122 -6.69 7.07 5.51
CA GLU A 122 -6.86 8.18 6.45
C GLU A 122 -6.09 8.01 7.76
N HIS A 123 -5.73 6.76 8.07
CA HIS A 123 -4.87 6.47 9.21
C HIS A 123 -3.51 7.09 8.97
N ALA A 124 -2.90 6.74 7.84
CA ALA A 124 -1.61 7.27 7.43
C ALA A 124 -1.67 8.79 7.35
N GLN A 125 -2.78 9.30 6.83
CA GLN A 125 -2.98 10.73 6.69
C GLN A 125 -3.09 11.45 8.05
N ALA A 126 -3.81 10.87 9.01
CA ALA A 126 -3.90 11.43 10.35
C ALA A 126 -2.54 11.47 11.02
N LEU A 127 -1.69 10.48 10.71
CA LEU A 127 -0.35 10.39 11.25
C LEU A 127 0.47 11.56 10.71
N ARG A 128 0.34 11.77 9.40
CA ARG A 128 0.99 12.85 8.68
C ARG A 128 0.51 14.24 9.14
N GLU A 129 -0.79 14.43 9.18
CA GLU A 129 -1.36 15.76 9.42
C GLU A 129 -1.57 16.16 10.89
N GLN A 130 -1.63 15.17 11.78
CA GLN A 130 -2.01 15.46 13.17
C GLN A 130 -0.96 15.10 14.19
N LEU A 131 -0.19 14.05 13.92
CA LEU A 131 0.75 13.57 14.91
C LEU A 131 2.17 14.00 14.60
N ALA A 132 2.54 13.89 13.32
CA ALA A 132 3.88 14.28 12.89
C ALA A 132 4.28 15.71 13.33
N PRO A 133 3.39 16.71 13.13
CA PRO A 133 3.78 18.08 13.49
C PRO A 133 4.11 18.24 14.97
N LEU A 134 3.62 17.31 15.79
CA LEU A 134 3.80 17.35 17.24
C LEU A 134 5.09 16.69 17.75
N ALA A 135 5.81 16.05 16.85
CA ALA A 135 6.96 15.26 17.23
C ALA A 135 8.19 16.10 17.56
N THR A 136 8.84 15.78 18.68
CA THR A 136 10.20 16.20 18.96
C THR A 136 11.11 15.32 18.07
N VAL A 137 10.92 14.01 18.17
CA VAL A 137 11.57 13.05 17.27
C VAL A 137 10.49 12.19 16.60
N ILE A 138 10.67 11.88 15.33
CA ILE A 138 9.79 10.94 14.67
C ILE A 138 10.68 9.90 14.01
N THR A 139 10.31 8.62 14.16
CA THR A 139 11.22 7.51 13.85
C THR A 139 10.66 6.48 12.83
N PRO A 140 10.35 6.92 11.61
CA PRO A 140 9.85 5.97 10.62
C PRO A 140 10.93 5.05 10.07
N ASN A 141 10.55 3.83 9.71
CA ASN A 141 11.44 2.98 8.94
C ASN A 141 11.19 3.20 7.46
N LEU A 142 11.87 2.45 6.61
CA LEU A 142 11.82 2.71 5.18
C LEU A 142 10.40 2.74 4.62
N PHE A 143 9.60 1.76 5.01
CA PHE A 143 8.20 1.73 4.58
C PHE A 143 7.43 2.94 5.10
N GLU A 144 7.46 3.13 6.41
CA GLU A 144 6.77 4.23 7.10
C GLU A 144 7.19 5.60 6.58
N ALA A 145 8.49 5.73 6.31
CA ALA A 145 9.07 6.97 5.78
C ALA A 145 8.51 7.32 4.41
N SER A 146 8.41 6.34 3.52
CA SER A 146 7.92 6.62 2.17
C SER A 146 6.41 6.92 2.19
N GLN A 147 5.72 6.32 3.14
CA GLN A 147 4.32 6.61 3.35
C GLN A 147 4.09 8.05 3.84
N LEU A 148 4.87 8.49 4.82
CA LEU A 148 4.72 9.86 5.34
C LEU A 148 5.12 10.92 4.32
N SER A 149 6.15 10.63 3.54
CA SER A 149 6.73 11.59 2.63
C SER A 149 6.04 11.59 1.28
N GLY A 150 5.25 10.55 1.02
CA GLY A 150 4.48 10.44 -0.21
C GLY A 150 5.32 9.99 -1.38
N MET A 151 6.50 9.42 -1.12
CA MET A 151 7.38 8.97 -2.21
C MET A 151 7.47 7.45 -2.36
N ASP A 152 8.30 7.01 -3.31
CA ASP A 152 8.39 5.59 -3.63
C ASP A 152 9.31 4.85 -2.68
N GLU A 153 9.35 3.53 -2.80
CA GLU A 153 10.14 2.71 -1.92
C GLU A 153 11.56 3.31 -1.80
N LEU A 154 12.02 3.53 -0.57
CA LEU A 154 13.37 4.03 -0.35
C LEU A 154 14.36 2.89 -0.52
N LYS A 155 15.38 3.11 -1.33
CA LYS A 155 16.36 2.07 -1.63
C LYS A 155 17.79 2.45 -1.26
N THR A 156 18.08 3.75 -1.26
CA THR A 156 19.43 4.27 -1.05
C THR A 156 19.48 5.27 0.09
N VAL A 157 20.67 5.53 0.62
CA VAL A 157 20.85 6.51 1.68
C VAL A 157 20.37 7.89 1.22
N ASP A 158 20.49 8.17 -0.06
CA ASP A 158 20.01 9.42 -0.63
C ASP A 158 18.48 9.56 -0.54
N ASP A 159 17.78 8.48 -0.86
CA ASP A 159 16.34 8.38 -0.71
C ASP A 159 15.91 8.73 0.74
N MET A 160 16.62 8.16 1.71
CA MET A 160 16.31 8.38 3.11
C MET A 160 16.43 9.87 3.44
N ILE A 161 17.51 10.48 2.94
CA ILE A 161 17.81 11.88 3.17
C ILE A 161 16.71 12.81 2.66
N GLU A 162 16.21 12.56 1.44
CA GLU A 162 15.14 13.43 0.93
C GLU A 162 13.77 13.16 1.60
N ALA A 163 13.52 11.91 1.99
CA ALA A 163 12.36 11.57 2.82
C ALA A 163 12.41 12.32 4.15
N ALA A 164 13.58 12.31 4.78
CA ALA A 164 13.76 13.02 6.05
C ALA A 164 13.39 14.50 5.89
N LYS A 165 13.90 15.13 4.83
CA LYS A 165 13.61 16.53 4.55
C LYS A 165 12.12 16.73 4.35
N LYS A 166 11.53 15.82 3.57
CA LYS A 166 10.09 15.85 3.29
C LYS A 166 9.28 15.69 4.56
N ILE A 167 9.65 14.73 5.42
CA ILE A 167 8.85 14.54 6.64
C ILE A 167 9.15 15.57 7.75
N HIS A 168 10.35 16.13 7.75
CA HIS A 168 10.64 17.26 8.64
C HIS A 168 9.79 18.46 8.27
N ALA A 169 9.43 18.56 6.99
CA ALA A 169 8.56 19.65 6.50
C ALA A 169 7.10 19.57 7.04
N LEU A 170 6.77 18.47 7.70
CA LEU A 170 5.46 18.30 8.29
C LEU A 170 5.37 19.00 9.65
N GLY A 171 6.52 19.27 10.26
CA GLY A 171 6.53 19.93 11.55
C GLY A 171 7.27 19.20 12.66
N ALA A 172 7.75 18.01 12.37
CA ALA A 172 8.60 17.28 13.32
C ALA A 172 9.96 18.00 13.48
N GLN A 173 10.40 18.16 14.72
CA GLN A 173 11.66 18.83 15.05
C GLN A 173 12.85 18.04 14.52
N TYR A 174 12.84 16.74 14.80
CA TYR A 174 13.92 15.84 14.37
C TYR A 174 13.35 14.60 13.73
N VAL A 175 13.99 14.17 12.65
CA VAL A 175 13.59 12.95 11.98
C VAL A 175 14.71 11.93 12.06
N VAL A 176 14.39 10.71 12.46
CA VAL A 176 15.30 9.58 12.25
C VAL A 176 14.61 8.61 11.30
N ILE A 177 15.13 8.49 10.09
CA ILE A 177 14.71 7.41 9.21
C ILE A 177 15.54 6.19 9.57
N THR A 178 14.88 5.10 9.97
CA THR A 178 15.59 3.87 10.27
C THR A 178 15.67 2.97 9.04
N GLY A 179 16.85 2.41 8.78
CA GLY A 179 17.08 1.57 7.63
C GLY A 179 17.54 0.18 8.00
N GLY A 180 18.67 0.09 8.70
CA GLY A 180 19.22 -1.17 9.21
C GLY A 180 19.13 -2.31 8.23
N GLY A 181 18.68 -3.47 8.73
CA GLY A 181 18.62 -4.73 7.97
C GLY A 181 17.86 -4.72 6.66
N LYS A 182 16.91 -3.80 6.52
CA LYS A 182 16.08 -3.72 5.32
C LYS A 182 16.69 -2.85 4.21
N LEU A 183 17.84 -2.23 4.50
CA LEU A 183 18.54 -1.43 3.52
C LEU A 183 19.69 -2.25 2.98
N LYS A 184 19.83 -2.28 1.66
CA LYS A 184 21.01 -2.89 1.02
C LYS A 184 22.21 -1.97 1.27
N HIS A 185 23.12 -2.42 2.14
CA HIS A 185 24.23 -1.60 2.60
C HIS A 185 25.20 -2.47 3.40
N GLU A 186 26.44 -2.02 3.47
CA GLU A 186 27.48 -2.67 4.24
C GLU A 186 27.26 -2.53 5.76
N LYS A 187 26.66 -1.41 6.18
CA LYS A 187 26.45 -1.12 7.59
C LYS A 187 24.97 -0.94 7.93
N ALA A 188 24.66 -0.92 9.22
CA ALA A 188 23.28 -0.68 9.68
C ALA A 188 23.10 0.82 9.83
N VAL A 189 22.45 1.43 8.84
CA VAL A 189 22.41 2.89 8.74
C VAL A 189 21.04 3.51 9.00
N ASP A 190 21.05 4.58 9.77
CA ASP A 190 19.88 5.40 9.94
C ASP A 190 20.27 6.85 9.60
N VAL A 191 19.28 7.65 9.19
CA VAL A 191 19.50 9.04 8.85
C VAL A 191 18.81 9.96 9.87
N LEU A 192 19.61 10.78 10.54
CA LEU A 192 19.13 11.77 11.49
C LEU A 192 19.16 13.13 10.85
N TYR A 193 18.06 13.86 10.93
CA TYR A 193 17.94 15.17 10.29
C TYR A 193 17.29 16.18 11.25
N ASP A 194 18.01 17.26 11.56
CA ASP A 194 17.40 18.43 12.22
C ASP A 194 16.85 19.33 11.13
N GLY A 195 16.55 20.59 11.43
CA GLY A 195 16.11 21.50 10.37
C GLY A 195 17.10 21.67 9.23
N GLU A 196 18.37 21.40 9.52
CA GLU A 196 19.50 21.91 8.76
C GLU A 196 20.28 20.87 7.97
N THR A 197 20.87 19.90 8.68
CA THR A 197 21.77 18.93 8.05
C THR A 197 21.47 17.47 8.39
N ALA A 198 21.77 16.60 7.43
CA ALA A 198 21.56 15.18 7.53
C ALA A 198 22.83 14.49 8.01
N GLU A 199 22.67 13.66 9.03
CA GLU A 199 23.77 12.87 9.55
C GLU A 199 23.46 11.40 9.32
N VAL A 200 24.45 10.62 8.90
CA VAL A 200 24.25 9.20 8.67
C VAL A 200 24.79 8.44 9.89
N LEU A 201 23.90 7.81 10.63
CA LEU A 201 24.29 7.04 11.81
C LEU A 201 24.63 5.64 11.37
N GLU A 202 25.76 5.13 11.83
CA GLU A 202 26.20 3.82 11.42
C GLU A 202 26.55 2.93 12.61
N SER A 203 26.22 1.66 12.45
CA SER A 203 26.60 0.63 13.40
C SER A 203 26.91 -0.63 12.60
N GLU A 204 27.56 -1.59 13.25
CA GLU A 204 27.76 -2.91 12.68
C GLU A 204 26.40 -3.47 12.23
N MET A 205 26.36 -4.06 11.04
CA MET A 205 25.21 -4.88 10.61
C MET A 205 25.31 -6.21 11.28
N ILE A 206 24.27 -6.60 11.98
CA ILE A 206 24.26 -7.93 12.57
C ILE A 206 23.50 -8.81 11.61
N ASP A 207 24.14 -9.89 11.17
CA ASP A 207 23.48 -10.81 10.28
C ASP A 207 22.55 -11.71 11.08
N THR A 208 21.27 -11.32 11.12
CA THR A 208 20.26 -11.99 11.93
C THR A 208 18.87 -11.63 11.49
N PRO A 209 17.96 -12.60 11.49
CA PRO A 209 16.55 -12.28 11.20
C PRO A 209 15.77 -11.96 12.46
N TYR A 210 16.47 -11.90 13.59
CA TYR A 210 15.81 -11.72 14.86
C TYR A 210 15.75 -10.25 15.27
N THR A 211 14.94 -9.47 14.57
CA THR A 211 14.85 -8.04 14.85
C THR A 211 13.42 -7.60 15.14
N HIS A 212 12.59 -8.54 15.60
CA HIS A 212 11.24 -8.20 16.05
C HIS A 212 11.26 -7.22 17.22
N GLY A 213 10.51 -6.12 17.03
CA GLY A 213 10.40 -5.09 18.04
C GLY A 213 11.58 -4.14 18.09
N ALA A 214 12.44 -4.21 17.08
CA ALA A 214 13.60 -3.33 17.03
C ALA A 214 13.17 -1.87 17.03
N GLY A 215 12.26 -1.53 16.12
CA GLY A 215 11.78 -0.16 15.95
C GLY A 215 11.07 0.35 17.19
N CYS A 216 10.35 -0.53 17.89
CA CYS A 216 9.70 -0.16 19.14
C CYS A 216 10.75 0.15 20.18
N THR A 217 11.81 -0.66 20.18
CA THR A 217 12.87 -0.59 21.18
C THR A 217 13.71 0.66 20.95
N PHE A 218 14.00 0.93 19.68
CA PHE A 218 14.74 2.15 19.33
C PHE A 218 14.02 3.39 19.85
N SER A 219 12.77 3.57 19.46
CA SER A 219 11.98 4.72 19.89
C SER A 219 11.75 4.79 21.40
N ALA A 220 11.68 3.64 22.06
CA ALA A 220 11.57 3.60 23.51
C ALA A 220 12.86 4.11 24.13
N ALA A 221 13.99 3.65 23.58
CA ALA A 221 15.31 4.07 24.02
C ALA A 221 15.50 5.59 23.88
N VAL A 222 15.10 6.15 22.74
CA VAL A 222 15.13 7.61 22.58
C VAL A 222 14.28 8.27 23.69
N THR A 223 13.06 7.81 23.82
CA THR A 223 12.15 8.35 24.84
C THR A 223 12.75 8.33 26.23
N ALA A 224 13.29 7.18 26.65
CA ALA A 224 13.86 7.01 27.98
C ALA A 224 14.98 8.01 28.20
N GLU A 225 15.87 8.10 27.22
CA GLU A 225 17.03 8.98 27.26
C GLU A 225 16.61 10.46 27.32
N LEU A 226 15.62 10.85 26.52
CA LEU A 226 15.02 12.16 26.66
C LEU A 226 14.43 12.43 28.06
N ALA A 227 13.83 11.41 28.66
CA ALA A 227 13.15 11.58 29.94
C ALA A 227 14.16 11.88 31.05
N LYS A 228 15.38 11.39 30.87
CA LYS A 228 16.46 11.57 31.84
C LYS A 228 17.21 12.89 31.65
N GLY A 229 16.81 13.67 30.64
CA GLY A 229 17.32 15.03 30.49
C GLY A 229 18.30 15.22 29.35
N ALA A 230 18.63 14.15 28.64
CA ALA A 230 19.57 14.21 27.52
C ALA A 230 19.13 15.17 26.42
N GLU A 231 20.10 15.64 25.64
CA GLU A 231 19.83 16.40 24.43
C GLU A 231 19.26 15.43 23.41
N VAL A 232 18.51 15.97 22.46
CA VAL A 232 17.83 15.16 21.47
C VAL A 232 18.82 14.27 20.71
N LYS A 233 19.84 14.89 20.11
CA LYS A 233 20.81 14.13 19.33
C LYS A 233 21.56 13.14 20.22
N GLU A 234 21.98 13.62 21.38
CA GLU A 234 22.61 12.79 22.41
C GLU A 234 21.78 11.52 22.63
N ALA A 235 20.47 11.70 22.82
CA ALA A 235 19.55 10.61 23.08
C ALA A 235 19.49 9.63 21.91
N ILE A 236 19.35 10.17 20.72
CA ILE A 236 19.33 9.34 19.53
C ILE A 236 20.58 8.46 19.41
N TYR A 237 21.77 9.05 19.61
CA TYR A 237 23.01 8.26 19.61
C TYR A 237 22.96 7.15 20.65
N ALA A 238 22.60 7.49 21.89
CA ALA A 238 22.48 6.49 22.95
C ALA A 238 21.54 5.36 22.54
N ALA A 239 20.42 5.72 21.90
CA ALA A 239 19.42 4.75 21.46
C ALA A 239 19.95 3.87 20.36
N LYS A 240 20.74 4.47 19.46
CA LYS A 240 21.40 3.72 18.40
C LYS A 240 22.33 2.65 19.00
N GLU A 241 23.02 3.02 20.08
CA GLU A 241 23.94 2.13 20.77
C GLU A 241 23.16 0.97 21.39
N PHE A 242 22.00 1.28 21.95
CA PHE A 242 21.13 0.32 22.63
C PHE A 242 20.60 -0.82 21.75
N ILE A 243 19.92 -0.52 20.64
CA ILE A 243 19.41 -1.63 19.80
C ILE A 243 20.51 -2.36 19.08
N THR A 244 21.60 -1.67 18.77
CA THR A 244 22.72 -2.36 18.17
C THR A 244 23.10 -3.53 19.09
N ALA A 245 23.32 -3.22 20.37
CA ALA A 245 23.64 -4.23 21.35
C ALA A 245 22.54 -5.29 21.47
N ALA A 246 21.29 -4.84 21.50
CA ALA A 246 20.12 -5.70 21.70
C ALA A 246 19.84 -6.62 20.51
N ILE A 247 20.14 -6.15 19.31
CA ILE A 247 20.07 -6.99 18.11
C ILE A 247 21.26 -7.97 18.05
N LYS A 248 22.45 -7.49 18.41
CA LYS A 248 23.64 -8.34 18.42
C LYS A 248 23.42 -9.60 19.26
N GLU A 249 22.64 -9.48 20.32
CA GLU A 249 22.37 -10.60 21.23
C GLU A 249 20.96 -11.15 21.07
N SER A 250 20.35 -10.92 19.92
CA SER A 250 19.01 -11.37 19.67
C SER A 250 18.95 -12.88 19.49
N PHE A 251 17.75 -13.46 19.59
CA PHE A 251 17.59 -14.91 19.63
C PHE A 251 16.17 -15.31 19.19
N PRO A 252 15.95 -16.60 18.86
CA PRO A 252 14.61 -17.01 18.47
C PRO A 252 13.72 -17.40 19.65
N LEU A 253 12.42 -17.17 19.53
CA LEU A 253 11.44 -17.64 20.48
C LEU A 253 10.81 -18.92 19.95
N ASN A 254 10.50 -18.91 18.66
CA ASN A 254 10.04 -20.10 17.94
C ASN A 254 10.44 -19.92 16.49
N GLN A 255 9.79 -20.63 15.57
CA GLN A 255 10.22 -20.56 14.18
C GLN A 255 9.71 -19.32 13.44
N TYR A 256 8.88 -18.51 14.10
CA TYR A 256 8.33 -17.33 13.43
C TYR A 256 8.93 -16.01 13.85
N VAL A 257 9.50 -15.97 15.05
CA VAL A 257 9.81 -14.70 15.67
C VAL A 257 11.03 -14.78 16.57
N GLY A 258 11.85 -13.74 16.50
CA GLY A 258 13.01 -13.60 17.35
C GLY A 258 13.11 -12.15 17.77
N PRO A 259 12.96 -11.86 19.08
CA PRO A 259 13.04 -10.51 19.61
C PRO A 259 14.48 -10.10 19.88
N THR A 260 14.69 -8.81 20.13
CA THR A 260 16.00 -8.31 20.55
C THR A 260 16.19 -8.52 22.05
N LYS A 261 17.42 -8.48 22.54
CA LYS A 261 17.71 -8.69 23.95
C LYS A 261 17.97 -7.36 24.63
N HIS A 262 16.95 -6.84 25.28
CA HIS A 262 17.01 -5.54 25.91
C HIS A 262 18.10 -5.39 26.96
N SER A 263 18.40 -6.48 27.65
CA SER A 263 19.41 -6.47 28.72
C SER A 263 20.84 -6.45 28.16
N ALA A 264 20.99 -6.56 26.84
CA ALA A 264 22.30 -6.73 26.23
C ALA A 264 23.33 -5.66 26.62
N LEU A 265 22.97 -4.38 26.43
CA LEU A 265 23.89 -3.29 26.76
C LEU A 265 24.33 -3.32 28.22
N ARG A 266 23.41 -3.64 29.12
CA ARG A 266 23.73 -3.76 30.54
C ARG A 266 24.75 -4.88 30.76
N LEU A 267 24.56 -6.02 30.08
CA LEU A 267 25.34 -7.24 30.34
C LEU A 267 26.34 -7.61 29.26
N ASN A 268 26.07 -7.16 28.05
CA ASN A 268 26.75 -7.71 26.90
C ASN A 268 27.63 -6.69 26.18
N GLN A 269 27.84 -5.54 26.80
CA GLN A 269 28.84 -4.58 26.34
C GLN A 269 29.15 -3.63 27.48
N GLN A 270 30.36 -3.12 27.56
CA GLN A 270 30.74 -2.37 28.75
C GLN A 270 29.89 -1.13 28.92
N SER A 271 29.10 -1.11 29.99
CA SER A 271 28.21 0.03 30.25
C SER A 271 28.86 0.96 31.25
N MET B 3 -25.10 -9.01 -27.36
CA MET B 3 -24.69 -9.55 -26.03
C MET B 3 -25.20 -8.69 -24.89
N HIS B 4 -25.56 -9.34 -23.78
CA HIS B 4 -25.80 -8.60 -22.55
C HIS B 4 -24.47 -8.15 -21.95
N LYS B 5 -24.52 -7.10 -21.15
CA LYS B 5 -23.31 -6.49 -20.64
C LYS B 5 -23.24 -6.42 -19.11
N ALA B 6 -22.04 -6.58 -18.56
CA ALA B 6 -21.87 -6.51 -17.10
C ALA B 6 -20.58 -5.80 -16.69
N LEU B 7 -20.67 -5.01 -15.65
CA LEU B 7 -19.54 -4.27 -15.11
C LEU B 7 -19.10 -4.90 -13.81
N THR B 8 -17.79 -5.03 -13.63
CA THR B 8 -17.27 -5.34 -12.31
C THR B 8 -16.33 -4.22 -11.82
N ILE B 9 -16.64 -3.66 -10.65
CA ILE B 9 -15.75 -2.71 -9.99
C ILE B 9 -14.97 -3.51 -8.97
N ALA B 10 -13.75 -3.91 -9.33
CA ALA B 10 -12.98 -4.88 -8.54
C ALA B 10 -11.48 -4.82 -8.82
N GLY B 11 -10.75 -5.81 -8.30
CA GLY B 11 -9.30 -5.75 -8.31
C GLY B 11 -8.71 -6.89 -9.10
N SER B 12 -7.46 -6.69 -9.53
CA SER B 12 -6.74 -7.67 -10.33
C SER B 12 -6.02 -8.69 -9.45
N ASP B 13 -6.22 -9.97 -9.78
CA ASP B 13 -5.54 -11.02 -9.06
C ASP B 13 -4.48 -11.53 -10.02
N SER B 14 -3.23 -11.38 -9.65
CA SER B 14 -2.15 -11.82 -10.51
C SER B 14 -2.13 -13.33 -10.66
N SER B 15 -2.71 -14.06 -9.72
CA SER B 15 -2.69 -15.54 -9.84
C SER B 15 -3.82 -16.06 -10.71
N GLY B 16 -4.78 -15.20 -11.02
CA GLY B 16 -5.70 -15.50 -12.10
C GLY B 16 -6.98 -16.22 -11.74
N GLY B 17 -7.22 -16.44 -10.45
CA GLY B 17 -8.41 -17.17 -10.01
C GLY B 17 -9.49 -16.36 -9.33
N ALA B 18 -9.13 -15.18 -8.86
CA ALA B 18 -10.07 -14.30 -8.16
C ALA B 18 -10.20 -12.95 -8.90
N GLY B 19 -10.80 -11.97 -8.22
CA GLY B 19 -11.06 -10.65 -8.79
C GLY B 19 -11.50 -10.55 -10.24
N ILE B 20 -11.02 -9.50 -10.90
CA ILE B 20 -11.20 -9.24 -12.33
C ILE B 20 -11.12 -10.47 -13.20
N GLN B 21 -10.09 -11.29 -12.99
CA GLN B 21 -9.90 -12.51 -13.78
C GLN B 21 -11.07 -13.49 -13.54
N ALA B 22 -11.44 -13.71 -12.28
CA ALA B 22 -12.58 -14.56 -11.96
C ALA B 22 -13.83 -14.00 -12.59
N ASP B 23 -14.01 -12.69 -12.42
CA ASP B 23 -15.17 -12.02 -12.95
C ASP B 23 -15.26 -12.17 -14.47
N LEU B 24 -14.20 -11.80 -15.20
CA LEU B 24 -14.22 -11.91 -16.67
C LEU B 24 -14.40 -13.35 -17.15
N LYS B 25 -13.63 -14.27 -16.59
CA LYS B 25 -13.77 -15.67 -16.91
C LYS B 25 -15.22 -16.17 -16.72
N THR B 26 -15.82 -15.84 -15.59
CA THR B 26 -17.21 -16.23 -15.34
C THR B 26 -18.17 -15.58 -16.35
N PHE B 27 -18.04 -14.27 -16.54
CA PHE B 27 -18.88 -13.53 -17.49
C PHE B 27 -18.83 -14.11 -18.90
N GLN B 28 -17.62 -14.47 -19.35
CA GLN B 28 -17.45 -15.06 -20.65
C GLN B 28 -18.11 -16.43 -20.72
N GLU B 29 -17.93 -17.25 -19.69
CA GLU B 29 -18.50 -18.62 -19.74
C GLU B 29 -20.00 -18.57 -19.93
N LYS B 30 -20.60 -17.52 -19.38
CA LYS B 30 -22.04 -17.34 -19.44
C LYS B 30 -22.42 -16.37 -20.56
N ASN B 31 -21.48 -16.12 -21.47
CA ASN B 31 -21.76 -15.31 -22.64
C ASN B 31 -22.24 -13.89 -22.33
N VAL B 32 -21.71 -13.29 -21.27
CA VAL B 32 -22.00 -11.90 -20.97
C VAL B 32 -20.72 -11.07 -21.20
N TYR B 33 -20.86 -9.93 -21.87
CA TYR B 33 -19.74 -9.06 -22.25
C TYR B 33 -19.24 -8.30 -21.03
N GLY B 34 -18.02 -8.60 -20.60
CA GLY B 34 -17.54 -8.08 -19.33
C GLY B 34 -16.71 -6.82 -19.51
N MET B 35 -16.87 -5.89 -18.60
CA MET B 35 -16.00 -4.73 -18.54
C MET B 35 -15.56 -4.50 -17.10
N THR B 36 -14.32 -4.08 -16.93
CA THR B 36 -13.70 -3.99 -15.61
C THR B 36 -13.34 -2.57 -15.26
N ALA B 37 -13.70 -2.15 -14.05
CA ALA B 37 -13.15 -0.93 -13.47
C ALA B 37 -12.15 -1.38 -12.40
N LEU B 38 -10.87 -1.45 -12.80
CA LEU B 38 -9.80 -1.93 -11.90
C LEU B 38 -9.52 -1.00 -10.71
N THR B 39 -9.57 -1.57 -9.50
CA THR B 39 -9.42 -0.80 -8.24
C THR B 39 -8.09 -1.00 -7.47
N VAL B 40 -7.44 -2.14 -7.68
CA VAL B 40 -6.15 -2.49 -7.11
C VAL B 40 -5.51 -3.55 -7.95
N ILE B 41 -4.17 -3.54 -7.96
CA ILE B 41 -3.44 -4.68 -8.47
C ILE B 41 -2.87 -5.44 -7.25
N VAL B 42 -3.10 -6.76 -7.23
CA VAL B 42 -2.61 -7.62 -6.16
C VAL B 42 -1.63 -8.65 -6.73
N ALA B 43 -0.42 -8.66 -6.20
CA ALA B 43 0.57 -9.68 -6.55
C ALA B 43 0.79 -10.59 -5.34
N MET B 44 1.40 -11.75 -5.55
CA MET B 44 1.84 -12.63 -4.44
C MET B 44 3.31 -12.92 -4.59
N ASP B 45 4.10 -12.62 -3.56
CA ASP B 45 5.57 -12.74 -3.59
C ASP B 45 6.03 -14.20 -3.59
N PRO B 46 6.53 -14.69 -4.74
CA PRO B 46 6.92 -16.10 -4.85
C PRO B 46 8.03 -16.50 -3.88
N ASN B 47 8.96 -15.61 -3.56
CA ASN B 47 9.96 -15.94 -2.53
C ASN B 47 9.71 -15.20 -1.23
N ASN B 48 8.56 -15.50 -0.62
CA ASN B 48 8.08 -14.87 0.61
C ASN B 48 6.74 -15.47 1.01
N SER B 49 6.62 -16.77 0.79
CA SER B 49 5.42 -17.53 1.12
C SER B 49 4.13 -16.96 0.56
N TRP B 50 4.17 -16.49 -0.69
CA TRP B 50 2.98 -16.04 -1.40
C TRP B 50 2.32 -14.87 -0.68
N ASN B 51 3.14 -14.04 -0.07
CA ASN B 51 2.64 -12.88 0.63
C ASN B 51 1.99 -11.87 -0.36
N HIS B 52 0.80 -11.41 0.00
CA HIS B 52 0.09 -10.44 -0.83
C HIS B 52 0.83 -9.09 -0.90
N GLN B 53 1.15 -8.66 -2.12
CA GLN B 53 1.59 -7.30 -2.37
C GLN B 53 0.44 -6.53 -3.04
N VAL B 54 -0.11 -5.49 -2.38
CA VAL B 54 -1.24 -4.76 -2.97
C VAL B 54 -0.88 -3.37 -3.41
N PHE B 55 -1.23 -3.06 -4.66
CA PHE B 55 -0.88 -1.81 -5.30
C PHE B 55 -2.18 -1.12 -5.67
N PRO B 56 -2.57 -0.12 -4.89
CA PRO B 56 -3.85 0.55 -5.19
C PRO B 56 -3.74 1.48 -6.38
N ILE B 57 -4.87 1.65 -7.06
CA ILE B 57 -5.01 2.50 -8.23
C ILE B 57 -5.66 3.84 -7.82
N ASP B 58 -5.13 4.93 -8.35
CA ASP B 58 -5.68 6.26 -8.14
C ASP B 58 -7.18 6.33 -8.33
N THR B 59 -7.86 6.92 -7.37
CA THR B 59 -9.30 7.18 -7.47
C THR B 59 -9.71 7.83 -8.81
N ASP B 60 -8.91 8.75 -9.34
CA ASP B 60 -9.24 9.34 -10.66
C ASP B 60 -9.28 8.32 -11.78
N THR B 61 -8.30 7.40 -11.76
CA THR B 61 -8.20 6.34 -12.77
C THR B 61 -9.42 5.43 -12.71
N ILE B 62 -9.79 5.02 -11.50
CA ILE B 62 -11.04 4.29 -11.29
C ILE B 62 -12.23 5.08 -11.85
N ARG B 63 -12.25 6.40 -11.61
CA ARG B 63 -13.37 7.25 -12.08
C ARG B 63 -13.45 7.21 -13.59
N ALA B 64 -12.30 7.33 -14.24
CA ALA B 64 -12.23 7.36 -15.68
C ALA B 64 -12.76 6.05 -16.27
N GLN B 65 -12.39 4.92 -15.68
CA GLN B 65 -12.84 3.61 -16.18
C GLN B 65 -14.37 3.52 -16.04
N LEU B 66 -14.89 3.89 -14.86
CA LEU B 66 -16.34 3.94 -14.65
C LEU B 66 -17.05 4.85 -15.66
N ALA B 67 -16.44 6.01 -15.91
CA ALA B 67 -16.99 6.99 -16.83
C ALA B 67 -17.26 6.28 -18.15
N THR B 68 -16.21 5.70 -18.72
CA THR B 68 -16.38 5.08 -20.01
C THR B 68 -17.29 3.87 -19.99
N ILE B 69 -17.33 3.13 -18.89
CA ILE B 69 -18.21 1.95 -18.85
C ILE B 69 -19.70 2.31 -18.61
N THR B 70 -19.97 3.18 -17.64
CA THR B 70 -21.35 3.48 -17.27
C THR B 70 -21.99 4.56 -18.16
N ASP B 71 -21.22 5.60 -18.54
CA ASP B 71 -21.73 6.68 -19.40
C ASP B 71 -21.69 6.33 -20.87
N GLY B 72 -20.58 5.75 -21.33
CA GLY B 72 -20.32 5.58 -22.76
C GLY B 72 -20.88 4.32 -23.39
N ILE B 73 -21.12 3.30 -22.57
CA ILE B 73 -21.71 2.02 -22.91
C ILE B 73 -22.63 1.88 -21.73
N GLY B 74 -23.58 0.98 -21.74
CA GLY B 74 -24.29 0.76 -20.49
C GLY B 74 -24.03 -0.63 -19.97
N VAL B 75 -24.62 -0.94 -18.82
CA VAL B 75 -24.56 -2.31 -18.30
C VAL B 75 -25.90 -2.86 -17.80
N ASP B 76 -26.09 -4.15 -18.00
CA ASP B 76 -27.33 -4.82 -17.63
C ASP B 76 -27.36 -5.28 -16.18
N ALA B 77 -26.16 -5.53 -15.65
CA ALA B 77 -25.99 -5.81 -14.23
C ALA B 77 -24.59 -5.35 -13.87
N MET B 78 -24.19 -5.57 -12.62
CA MET B 78 -22.97 -4.99 -12.09
C MET B 78 -22.67 -5.56 -10.72
N LYS B 79 -21.39 -5.82 -10.45
CA LYS B 79 -21.00 -6.23 -9.12
C LYS B 79 -19.84 -5.38 -8.66
N THR B 80 -19.62 -5.36 -7.34
CA THR B 80 -18.40 -4.84 -6.77
C THR B 80 -17.64 -5.98 -6.11
N GLY B 81 -16.32 -6.00 -6.33
CA GLY B 81 -15.44 -6.91 -5.60
C GLY B 81 -14.68 -6.15 -4.53
N MET B 82 -13.37 -6.37 -4.52
CA MET B 82 -12.42 -5.65 -3.67
C MET B 82 -12.40 -4.13 -3.93
N LEU B 83 -12.92 -3.37 -2.98
CA LEU B 83 -12.85 -1.91 -2.96
C LEU B 83 -11.97 -1.56 -1.77
N PRO B 84 -10.67 -1.43 -2.00
CA PRO B 84 -9.74 -1.47 -0.85
C PRO B 84 -9.78 -0.28 0.10
N THR B 85 -10.54 0.74 -0.26
CA THR B 85 -10.41 2.08 0.32
C THR B 85 -11.77 2.75 0.50
N VAL B 86 -11.92 3.54 1.57
CA VAL B 86 -13.22 4.17 1.84
C VAL B 86 -13.63 5.08 0.70
N ASP B 87 -12.71 5.88 0.17
CA ASP B 87 -12.96 6.70 -1.03
C ASP B 87 -13.46 5.88 -2.21
N ILE B 88 -12.87 4.70 -2.41
CA ILE B 88 -13.29 3.79 -3.46
C ILE B 88 -14.71 3.23 -3.21
N ILE B 89 -15.07 2.99 -1.96
CA ILE B 89 -16.44 2.51 -1.66
C ILE B 89 -17.40 3.62 -1.99
N GLU B 90 -17.03 4.85 -1.64
CA GLU B 90 -17.89 5.99 -1.81
C GLU B 90 -18.01 6.32 -3.27
N LEU B 91 -16.93 6.11 -4.02
CA LEU B 91 -16.97 6.30 -5.45
C LEU B 91 -17.90 5.28 -6.09
N ALA B 92 -17.86 4.04 -5.60
CA ALA B 92 -18.64 2.95 -6.17
C ALA B 92 -20.11 3.19 -5.91
N ALA B 93 -20.43 3.57 -4.68
CA ALA B 93 -21.80 3.84 -4.28
C ALA B 93 -22.34 5.02 -5.05
N LYS B 94 -21.49 6.04 -5.21
CA LYS B 94 -21.91 7.29 -5.81
C LYS B 94 -22.20 7.04 -7.26
N THR B 95 -21.43 6.13 -7.85
CA THR B 95 -21.64 5.79 -9.24
C THR B 95 -22.97 5.05 -9.35
N ILE B 96 -23.24 4.14 -8.39
CA ILE B 96 -24.40 3.27 -8.47
C ILE B 96 -25.64 4.12 -8.43
N LYS B 97 -25.67 5.07 -7.50
CA LYS B 97 -26.80 5.97 -7.37
C LYS B 97 -26.94 6.83 -8.61
N GLU B 98 -25.92 7.63 -8.90
CA GLU B 98 -26.04 8.63 -9.95
C GLU B 98 -26.39 8.04 -11.30
N LYS B 99 -25.77 6.91 -11.66
CA LYS B 99 -26.00 6.31 -12.97
C LYS B 99 -27.20 5.38 -13.00
N GLN B 100 -27.81 5.23 -11.83
CA GLN B 100 -28.98 4.39 -11.62
C GLN B 100 -28.84 2.93 -12.05
N LEU B 101 -27.75 2.30 -11.61
CA LEU B 101 -27.41 0.97 -12.07
C LEU B 101 -28.40 -0.08 -11.56
N LYS B 102 -28.68 -1.07 -12.39
CA LYS B 102 -29.64 -2.12 -12.06
C LYS B 102 -28.92 -3.39 -11.59
N ASN B 103 -29.64 -4.31 -10.98
CA ASN B 103 -29.07 -5.61 -10.63
C ASN B 103 -27.70 -5.49 -10.02
N VAL B 104 -27.67 -4.91 -8.83
CA VAL B 104 -26.45 -4.56 -8.13
C VAL B 104 -26.06 -5.74 -7.25
N VAL B 105 -25.00 -6.43 -7.64
CA VAL B 105 -24.45 -7.51 -6.81
C VAL B 105 -23.24 -7.02 -6.00
N ILE B 106 -23.45 -6.82 -4.70
CA ILE B 106 -22.34 -6.36 -3.89
C ILE B 106 -21.64 -7.48 -3.12
N ASP B 107 -20.41 -7.83 -3.54
CA ASP B 107 -19.59 -8.81 -2.81
C ASP B 107 -18.70 -8.06 -1.83
N PRO B 108 -19.06 -8.07 -0.54
CA PRO B 108 -18.40 -7.21 0.44
C PRO B 108 -17.03 -7.72 0.91
N VAL B 109 -16.10 -7.87 -0.04
CA VAL B 109 -14.72 -8.24 0.25
C VAL B 109 -14.18 -7.33 1.33
N MET B 110 -13.68 -7.89 2.42
CA MET B 110 -13.09 -7.06 3.46
C MET B 110 -11.59 -6.96 3.29
N VAL B 111 -11.03 -5.80 3.64
CA VAL B 111 -9.60 -5.61 3.53
C VAL B 111 -8.96 -6.23 4.78
N CYS B 112 -8.59 -5.40 5.75
CA CYS B 112 -7.68 -5.81 6.84
C CYS B 112 -8.18 -6.84 7.87
N LYS B 113 -8.30 -8.08 7.40
CA LYS B 113 -8.65 -9.22 8.25
C LYS B 113 -7.61 -9.38 9.37
N GLY B 114 -8.04 -9.96 10.48
CA GLY B 114 -7.16 -10.12 11.65
C GLY B 114 -7.52 -11.41 12.39
N ALA B 115 -8.41 -11.26 13.36
CA ALA B 115 -8.93 -12.40 14.10
C ALA B 115 -10.30 -12.72 13.52
N ASN B 116 -11.29 -12.04 14.09
CA ASN B 116 -12.68 -12.03 13.61
C ASN B 116 -13.16 -10.58 13.62
N GLU B 117 -12.19 -9.69 13.39
CA GLU B 117 -12.40 -8.25 13.28
C GLU B 117 -11.66 -7.67 12.07
N VAL B 118 -12.17 -6.53 11.61
CA VAL B 118 -11.53 -5.76 10.53
C VAL B 118 -10.80 -4.56 11.18
N LEU B 119 -9.51 -4.45 10.84
CA LEU B 119 -8.57 -3.49 11.42
C LEU B 119 -8.75 -2.10 10.80
N TYR B 120 -9.64 -2.00 9.81
CA TYR B 120 -9.88 -0.76 9.07
C TYR B 120 -11.37 -0.41 9.23
N PRO B 121 -11.74 0.01 10.44
CA PRO B 121 -13.11 0.16 10.91
C PRO B 121 -14.04 0.88 9.96
N GLU B 122 -13.60 2.01 9.45
CA GLU B 122 -14.46 2.82 8.57
C GLU B 122 -14.67 2.23 7.16
N HIS B 123 -13.81 1.30 6.73
CA HIS B 123 -14.02 0.62 5.45
C HIS B 123 -15.26 -0.24 5.61
N ALA B 124 -15.22 -1.12 6.60
CA ALA B 124 -16.33 -2.02 6.90
C ALA B 124 -17.62 -1.22 7.09
N GLN B 125 -17.50 -0.11 7.79
CA GLN B 125 -18.64 0.74 8.07
C GLN B 125 -19.23 1.38 6.80
N ALA B 126 -18.38 1.86 5.91
CA ALA B 126 -18.82 2.35 4.61
C ALA B 126 -19.55 1.26 3.78
N LEU B 127 -19.09 0.01 3.91
CA LEU B 127 -19.72 -1.12 3.25
C LEU B 127 -21.14 -1.27 3.81
N ARG B 128 -21.24 -1.19 5.11
CA ARG B 128 -22.49 -1.34 5.83
C ARG B 128 -23.42 -0.20 5.47
N GLU B 129 -22.96 1.02 5.65
CA GLU B 129 -23.81 2.21 5.57
C GLU B 129 -24.06 2.79 4.18
N GLN B 130 -23.16 2.56 3.22
CA GLN B 130 -23.27 3.17 1.90
C GLN B 130 -23.47 2.23 0.72
N LEU B 131 -22.94 1.01 0.83
CA LEU B 131 -23.01 0.10 -0.32
C LEU B 131 -24.09 -0.95 -0.13
N ALA B 132 -24.18 -1.50 1.07
CA ALA B 132 -25.16 -2.52 1.39
C ALA B 132 -26.59 -2.12 0.99
N PRO B 133 -27.02 -0.88 1.32
CA PRO B 133 -28.40 -0.50 1.05
C PRO B 133 -28.72 -0.50 -0.45
N LEU B 134 -27.69 -0.41 -1.29
CA LEU B 134 -27.90 -0.34 -2.71
C LEU B 134 -27.94 -1.72 -3.38
N ALA B 135 -27.64 -2.77 -2.62
CA ALA B 135 -27.55 -4.09 -3.20
C ALA B 135 -28.90 -4.63 -3.65
N THR B 136 -28.94 -5.20 -4.84
CA THR B 136 -30.00 -6.14 -5.24
C THR B 136 -29.73 -7.47 -4.49
N VAL B 137 -28.55 -8.05 -4.69
CA VAL B 137 -28.05 -9.18 -3.89
C VAL B 137 -26.76 -8.73 -3.18
N ILE B 138 -26.52 -9.27 -1.99
CA ILE B 138 -25.24 -9.07 -1.34
C ILE B 138 -24.78 -10.46 -0.90
N THR B 139 -23.49 -10.73 -1.09
CA THR B 139 -22.94 -12.08 -0.95
C THR B 139 -21.74 -12.21 -0.01
N PRO B 140 -21.95 -11.91 1.30
CA PRO B 140 -20.85 -12.11 2.25
C PRO B 140 -20.61 -13.59 2.51
N ASN B 141 -19.39 -13.93 2.92
CA ASN B 141 -19.11 -15.25 3.47
C ASN B 141 -19.14 -15.12 5.00
N LEU B 142 -18.80 -16.20 5.71
CA LEU B 142 -18.99 -16.23 7.15
C LEU B 142 -18.33 -15.08 7.89
N PHE B 143 -17.07 -14.81 7.53
CA PHE B 143 -16.32 -13.75 8.15
C PHE B 143 -16.97 -12.40 7.83
N GLU B 144 -17.21 -12.16 6.54
CA GLU B 144 -17.82 -10.93 6.04
C GLU B 144 -19.17 -10.68 6.69
N ALA B 145 -19.95 -11.76 6.80
CA ALA B 145 -21.32 -11.73 7.29
C ALA B 145 -21.35 -11.28 8.75
N SER B 146 -20.41 -11.77 9.54
CA SER B 146 -20.40 -11.42 10.94
C SER B 146 -19.93 -9.99 11.12
N GLN B 147 -19.04 -9.56 10.24
CA GLN B 147 -18.62 -8.15 10.17
C GLN B 147 -19.72 -7.16 9.76
N LEU B 148 -20.53 -7.50 8.77
CA LEU B 148 -21.64 -6.64 8.38
C LEU B 148 -22.71 -6.57 9.47
N SER B 149 -22.96 -7.72 10.11
CA SER B 149 -24.09 -7.89 11.05
C SER B 149 -23.71 -7.53 12.48
N GLY B 150 -22.42 -7.36 12.71
CA GLY B 150 -21.91 -6.94 14.01
C GLY B 150 -21.96 -8.06 15.03
N MET B 151 -22.05 -9.30 14.58
CA MET B 151 -22.12 -10.40 15.52
C MET B 151 -20.86 -11.26 15.54
N ASP B 152 -20.88 -12.29 16.38
CA ASP B 152 -19.73 -13.14 16.57
C ASP B 152 -19.57 -14.13 15.44
N GLU B 153 -18.45 -14.85 15.45
CA GLU B 153 -18.15 -15.81 14.40
C GLU B 153 -19.34 -16.73 14.15
N LEU B 154 -19.76 -16.84 12.91
CA LEU B 154 -20.89 -17.69 12.57
C LEU B 154 -20.41 -19.14 12.55
N LYS B 155 -21.13 -20.02 13.24
CA LYS B 155 -20.71 -21.42 13.30
C LYS B 155 -21.78 -22.41 12.84
N THR B 156 -23.05 -22.00 12.85
CA THR B 156 -24.17 -22.88 12.51
C THR B 156 -25.07 -22.25 11.45
N VAL B 157 -25.89 -23.09 10.81
CA VAL B 157 -26.84 -22.60 9.84
C VAL B 157 -27.76 -21.56 10.49
N ASP B 158 -28.07 -21.75 11.77
CA ASP B 158 -28.89 -20.78 12.49
C ASP B 158 -28.24 -19.40 12.58
N ASP B 159 -26.93 -19.39 12.84
CA ASP B 159 -26.14 -18.15 12.88
C ASP B 159 -26.24 -17.39 11.57
N MET B 160 -26.07 -18.13 10.48
CA MET B 160 -26.17 -17.57 9.13
C MET B 160 -27.51 -16.89 8.93
N ILE B 161 -28.58 -17.58 9.31
CA ILE B 161 -29.95 -17.09 9.16
C ILE B 161 -30.19 -15.76 9.88
N GLU B 162 -29.67 -15.61 11.10
CA GLU B 162 -29.89 -14.34 11.80
C GLU B 162 -29.01 -13.21 11.25
N ALA B 163 -27.81 -13.60 10.79
CA ALA B 163 -26.92 -12.68 10.12
C ALA B 163 -27.57 -12.12 8.86
N ALA B 164 -28.12 -12.99 8.04
CA ALA B 164 -28.88 -12.57 6.86
C ALA B 164 -29.96 -11.55 7.26
N LYS B 165 -30.71 -11.88 8.30
CA LYS B 165 -31.80 -11.03 8.74
C LYS B 165 -31.23 -9.68 9.12
N LYS B 166 -30.13 -9.74 9.85
CA LYS B 166 -29.46 -8.55 10.30
C LYS B 166 -28.89 -7.74 9.15
N ILE B 167 -28.31 -8.41 8.14
CA ILE B 167 -27.75 -7.61 7.05
C ILE B 167 -28.81 -7.19 6.02
N HIS B 168 -29.89 -7.96 5.90
CA HIS B 168 -31.02 -7.52 5.07
C HIS B 168 -31.63 -6.22 5.63
N ALA B 169 -31.50 -6.05 6.94
CA ALA B 169 -32.01 -4.85 7.62
C ALA B 169 -31.25 -3.57 7.22
N LEU B 170 -30.12 -3.74 6.54
CA LEU B 170 -29.31 -2.60 6.08
C LEU B 170 -29.87 -2.03 4.79
N GLY B 171 -30.71 -2.81 4.09
CA GLY B 171 -31.38 -2.32 2.90
C GLY B 171 -31.01 -3.02 1.61
N ALA B 172 -30.27 -4.11 1.71
CA ALA B 172 -30.08 -5.02 0.59
C ALA B 172 -31.40 -5.75 0.34
N GLN B 173 -31.74 -5.95 -0.93
CA GLN B 173 -32.98 -6.66 -1.30
C GLN B 173 -32.87 -8.14 -0.96
N TYR B 174 -31.73 -8.73 -1.31
CA TYR B 174 -31.52 -10.14 -1.11
C TYR B 174 -30.15 -10.37 -0.50
N VAL B 175 -30.08 -11.27 0.47
CA VAL B 175 -28.81 -11.63 1.08
C VAL B 175 -28.52 -13.08 0.75
N VAL B 176 -27.29 -13.36 0.33
CA VAL B 176 -26.80 -14.73 0.31
C VAL B 176 -25.60 -14.79 1.25
N ILE B 177 -25.75 -15.48 2.38
CA ILE B 177 -24.59 -15.78 3.22
C ILE B 177 -23.98 -17.07 2.70
N THR B 178 -22.71 -17.00 2.30
CA THR B 178 -22.02 -18.17 1.77
C THR B 178 -21.26 -18.85 2.91
N GLY B 179 -21.38 -20.16 2.99
CA GLY B 179 -20.76 -20.95 4.04
C GLY B 179 -19.81 -21.98 3.50
N GLY B 180 -20.32 -22.89 2.65
CA GLY B 180 -19.50 -23.91 2.01
C GLY B 180 -18.44 -24.58 2.86
N GLY B 181 -17.22 -24.67 2.33
CA GLY B 181 -16.10 -25.38 2.97
C GLY B 181 -15.68 -24.90 4.35
N LYS B 182 -16.00 -23.65 4.68
CA LYS B 182 -15.66 -23.08 5.99
C LYS B 182 -16.71 -23.34 7.09
N LEU B 183 -17.82 -23.97 6.72
CA LEU B 183 -18.87 -24.31 7.68
C LEU B 183 -18.73 -25.80 8.02
N LYS B 184 -18.75 -26.12 9.32
CA LYS B 184 -18.81 -27.52 9.75
C LYS B 184 -20.20 -28.03 9.45
N HIS B 185 -20.31 -28.89 8.44
CA HIS B 185 -21.59 -29.36 7.91
C HIS B 185 -21.36 -30.48 6.91
N GLU B 186 -22.35 -31.33 6.75
CA GLU B 186 -22.30 -32.44 5.81
C GLU B 186 -22.32 -31.97 4.35
N LYS B 187 -22.96 -30.83 4.10
CA LYS B 187 -23.13 -30.32 2.73
C LYS B 187 -22.57 -28.91 2.57
N ALA B 188 -22.43 -28.47 1.32
CA ALA B 188 -21.98 -27.10 1.03
C ALA B 188 -23.17 -26.15 1.03
N VAL B 189 -23.33 -25.41 2.12
CA VAL B 189 -24.56 -24.69 2.35
C VAL B 189 -24.40 -23.19 2.33
N ASP B 190 -25.39 -22.54 1.72
CA ASP B 190 -25.51 -21.09 1.73
C ASP B 190 -26.95 -20.72 2.08
N VAL B 191 -27.11 -19.55 2.68
CA VAL B 191 -28.41 -19.09 3.14
C VAL B 191 -28.88 -17.89 2.29
N LEU B 192 -29.99 -18.07 1.58
CA LEU B 192 -30.61 -17.03 0.76
C LEU B 192 -31.83 -16.49 1.48
N TYR B 193 -31.88 -15.17 1.65
CA TYR B 193 -32.93 -14.53 2.40
C TYR B 193 -33.47 -13.29 1.65
N ASP B 194 -34.75 -13.34 1.26
CA ASP B 194 -35.48 -12.16 0.79
C ASP B 194 -35.96 -11.41 2.02
N GLY B 195 -36.94 -10.53 1.88
CA GLY B 195 -37.46 -9.84 3.07
C GLY B 195 -38.06 -10.82 4.10
N GLU B 196 -38.53 -11.96 3.61
CA GLU B 196 -39.52 -12.76 4.30
C GLU B 196 -38.96 -14.03 4.88
N THR B 197 -38.47 -14.92 4.03
CA THR B 197 -38.10 -16.26 4.48
C THR B 197 -36.69 -16.65 4.08
N ALA B 198 -36.07 -17.47 4.93
CA ALA B 198 -34.73 -18.01 4.69
C ALA B 198 -34.78 -19.37 4.00
N GLU B 199 -34.02 -19.49 2.93
CA GLU B 199 -33.88 -20.76 2.24
C GLU B 199 -32.45 -21.24 2.44
N VAL B 200 -32.27 -22.53 2.67
CA VAL B 200 -30.94 -23.09 2.77
C VAL B 200 -30.58 -23.78 1.45
N LEU B 201 -29.62 -23.19 0.73
CA LEU B 201 -29.17 -23.75 -0.53
C LEU B 201 -28.13 -24.80 -0.22
N GLU B 202 -28.23 -25.94 -0.90
CA GLU B 202 -27.33 -27.04 -0.62
C GLU B 202 -26.75 -27.62 -1.90
N SER B 203 -25.48 -27.99 -1.83
CA SER B 203 -24.81 -28.71 -2.89
C SER B 203 -23.84 -29.71 -2.29
N GLU B 204 -23.30 -30.58 -3.12
CA GLU B 204 -22.29 -31.52 -2.66
C GLU B 204 -21.08 -30.75 -2.07
N MET B 205 -20.56 -31.22 -0.94
CA MET B 205 -19.27 -30.72 -0.42
C MET B 205 -18.17 -31.38 -1.19
N ILE B 206 -17.30 -30.59 -1.77
CA ILE B 206 -16.18 -31.16 -2.45
C ILE B 206 -15.03 -31.04 -1.50
N ASP B 207 -14.40 -32.18 -1.21
CA ASP B 207 -13.29 -32.21 -0.28
C ASP B 207 -12.05 -31.77 -1.03
N THR B 208 -11.74 -30.48 -0.92
CA THR B 208 -10.65 -29.85 -1.67
C THR B 208 -10.27 -28.53 -1.01
N PRO B 209 -8.96 -28.23 -0.97
CA PRO B 209 -8.52 -26.93 -0.52
C PRO B 209 -8.39 -25.92 -1.68
N TYR B 210 -8.83 -26.32 -2.86
CA TYR B 210 -8.70 -25.48 -4.03
C TYR B 210 -9.90 -24.60 -4.33
N THR B 211 -10.19 -23.63 -3.46
CA THR B 211 -11.40 -22.83 -3.62
C THR B 211 -11.09 -21.36 -3.76
N HIS B 212 -9.87 -21.04 -4.18
CA HIS B 212 -9.46 -19.65 -4.37
C HIS B 212 -10.28 -19.02 -5.48
N GLY B 213 -10.87 -17.88 -5.17
CA GLY B 213 -11.71 -17.19 -6.13
C GLY B 213 -13.16 -17.64 -6.15
N ALA B 214 -13.50 -18.58 -5.27
CA ALA B 214 -14.84 -19.10 -5.24
C ALA B 214 -15.86 -17.97 -5.06
N GLY B 215 -15.65 -17.15 -4.04
CA GLY B 215 -16.56 -16.06 -3.70
C GLY B 215 -16.70 -15.05 -4.81
N CYS B 216 -15.60 -14.76 -5.49
CA CYS B 216 -15.62 -13.84 -6.60
C CYS B 216 -16.38 -14.48 -7.74
N THR B 217 -16.22 -15.79 -7.91
CA THR B 217 -16.85 -16.49 -9.00
C THR B 217 -18.35 -16.60 -8.78
N PHE B 218 -18.73 -16.96 -7.56
CA PHE B 218 -20.13 -17.04 -7.21
C PHE B 218 -20.80 -15.75 -7.58
N SER B 219 -20.42 -14.64 -6.95
CA SER B 219 -21.02 -13.33 -7.24
C SER B 219 -21.01 -12.92 -8.72
N ALA B 220 -19.97 -13.30 -9.45
CA ALA B 220 -19.87 -13.00 -10.86
C ALA B 220 -20.98 -13.77 -11.60
N ALA B 221 -21.18 -15.02 -11.21
CA ALA B 221 -22.18 -15.84 -11.83
C ALA B 221 -23.58 -15.25 -11.59
N VAL B 222 -23.88 -14.83 -10.37
CA VAL B 222 -25.13 -14.17 -10.08
C VAL B 222 -25.28 -12.97 -11.02
N THR B 223 -24.23 -12.15 -11.08
CA THR B 223 -24.25 -10.96 -11.92
C THR B 223 -24.55 -11.28 -13.38
N ALA B 224 -23.82 -12.24 -13.95
CA ALA B 224 -23.98 -12.59 -15.35
C ALA B 224 -25.43 -13.01 -15.62
N GLU B 225 -25.93 -13.87 -14.76
CA GLU B 225 -27.28 -14.40 -14.90
C GLU B 225 -28.29 -13.25 -14.80
N LEU B 226 -28.10 -12.35 -13.84
CA LEU B 226 -28.97 -11.20 -13.76
C LEU B 226 -28.95 -10.39 -15.06
N ALA B 227 -27.77 -10.26 -15.66
CA ALA B 227 -27.59 -9.41 -16.83
C ALA B 227 -28.36 -9.96 -18.02
N LYS B 228 -28.54 -11.28 -18.03
CA LYS B 228 -29.27 -11.98 -19.08
C LYS B 228 -30.81 -11.99 -18.90
N GLY B 229 -31.28 -11.33 -17.85
CA GLY B 229 -32.71 -11.22 -17.66
C GLY B 229 -33.33 -12.13 -16.61
N ALA B 230 -32.56 -13.08 -16.06
CA ALA B 230 -33.06 -13.96 -14.98
C ALA B 230 -33.66 -13.22 -13.78
N GLU B 231 -34.54 -13.92 -13.06
CA GLU B 231 -35.04 -13.45 -11.77
C GLU B 231 -33.88 -13.53 -10.82
N VAL B 232 -33.99 -12.81 -9.70
CA VAL B 232 -32.94 -12.80 -8.68
C VAL B 232 -32.64 -14.19 -8.09
N LYS B 233 -33.64 -14.83 -7.46
CA LYS B 233 -33.46 -16.16 -6.92
C LYS B 233 -33.06 -17.15 -8.01
N GLU B 234 -33.75 -17.10 -9.14
CA GLU B 234 -33.37 -17.89 -10.32
C GLU B 234 -31.87 -17.82 -10.54
N ALA B 235 -31.33 -16.60 -10.50
CA ALA B 235 -29.94 -16.35 -10.82
C ALA B 235 -29.05 -16.96 -9.77
N ILE B 236 -29.39 -16.74 -8.51
CA ILE B 236 -28.64 -17.29 -7.39
C ILE B 236 -28.52 -18.82 -7.49
N TYR B 237 -29.62 -19.51 -7.81
CA TYR B 237 -29.57 -20.96 -7.98
C TYR B 237 -28.62 -21.35 -9.10
N ALA B 238 -28.75 -20.70 -10.25
CA ALA B 238 -27.84 -20.97 -11.37
C ALA B 238 -26.38 -20.77 -10.93
N ALA B 239 -26.15 -19.72 -10.14
CA ALA B 239 -24.83 -19.36 -9.67
C ALA B 239 -24.30 -20.41 -8.71
N LYS B 240 -25.20 -20.97 -7.90
CA LYS B 240 -24.85 -22.06 -7.02
C LYS B 240 -24.40 -23.29 -7.80
N GLU B 241 -25.05 -23.57 -8.92
CA GLU B 241 -24.73 -24.73 -9.72
C GLU B 241 -23.39 -24.54 -10.38
N PHE B 242 -23.07 -23.29 -10.71
CA PHE B 242 -21.83 -22.93 -11.40
C PHE B 242 -20.55 -23.14 -10.56
N ILE B 243 -20.47 -22.58 -9.35
CA ILE B 243 -19.26 -22.81 -8.57
C ILE B 243 -19.17 -24.25 -8.10
N THR B 244 -20.31 -24.88 -7.84
CA THR B 244 -20.29 -26.27 -7.42
C THR B 244 -19.43 -27.05 -8.44
N ALA B 245 -19.86 -26.99 -9.70
CA ALA B 245 -19.10 -27.59 -10.80
C ALA B 245 -17.63 -27.12 -10.85
N ALA B 246 -17.40 -25.81 -10.69
CA ALA B 246 -16.06 -25.21 -10.80
C ALA B 246 -15.11 -25.60 -9.66
N ILE B 247 -15.63 -25.67 -8.44
CA ILE B 247 -14.91 -26.26 -7.32
C ILE B 247 -14.66 -27.77 -7.51
N LYS B 248 -15.71 -28.50 -7.95
CA LYS B 248 -15.58 -29.95 -8.19
C LYS B 248 -14.39 -30.29 -9.08
N GLU B 249 -14.06 -29.39 -10.01
CA GLU B 249 -12.97 -29.61 -10.97
C GLU B 249 -11.76 -28.72 -10.67
N SER B 250 -11.69 -28.21 -9.45
CA SER B 250 -10.63 -27.31 -9.05
C SER B 250 -9.26 -28.00 -9.00
N PHE B 251 -8.19 -27.23 -9.06
CA PHE B 251 -6.85 -27.82 -9.15
C PHE B 251 -5.77 -26.92 -8.53
N PRO B 252 -4.55 -27.46 -8.32
CA PRO B 252 -3.49 -26.58 -7.80
C PRO B 252 -2.72 -25.82 -8.90
N LEU B 253 -2.26 -24.61 -8.58
CA LEU B 253 -1.35 -23.86 -9.45
C LEU B 253 0.08 -24.03 -8.96
N ASN B 254 0.21 -24.00 -7.64
CA ASN B 254 1.45 -24.27 -6.93
C ASN B 254 1.08 -24.69 -5.52
N GLN B 255 2.01 -24.57 -4.57
CA GLN B 255 1.73 -25.13 -3.24
C GLN B 255 0.91 -24.20 -2.34
N TYR B 256 0.54 -23.04 -2.86
CA TYR B 256 -0.13 -22.05 -2.03
C TYR B 256 -1.59 -21.85 -2.43
N VAL B 257 -1.89 -22.19 -3.67
CA VAL B 257 -3.13 -21.74 -4.27
C VAL B 257 -3.68 -22.72 -5.30
N GLY B 258 -4.99 -22.91 -5.25
CA GLY B 258 -5.69 -23.69 -6.23
C GLY B 258 -6.98 -22.98 -6.56
N PRO B 259 -7.15 -22.55 -7.83
CA PRO B 259 -8.36 -21.85 -8.25
C PRO B 259 -9.44 -22.81 -8.71
N THR B 260 -10.66 -22.30 -8.86
CA THR B 260 -11.76 -23.10 -9.37
C THR B 260 -11.68 -23.18 -10.91
N LYS B 261 -12.37 -24.14 -11.50
CA LYS B 261 -12.37 -24.32 -12.95
C LYS B 261 -13.63 -23.78 -13.62
N HIS B 262 -13.55 -22.55 -14.09
CA HIS B 262 -14.73 -21.82 -14.63
C HIS B 262 -15.43 -22.53 -15.78
N SER B 263 -14.61 -23.19 -16.62
CA SER B 263 -15.13 -23.95 -17.75
C SER B 263 -15.89 -25.24 -17.36
N ALA B 264 -15.78 -25.68 -16.11
CA ALA B 264 -16.34 -26.96 -15.68
C ALA B 264 -17.80 -27.22 -16.12
N LEU B 265 -18.72 -26.32 -15.77
CA LEU B 265 -20.11 -26.52 -16.07
C LEU B 265 -20.33 -26.68 -17.56
N ARG B 266 -19.51 -26.00 -18.36
CA ARG B 266 -19.55 -26.14 -19.80
C ARG B 266 -19.07 -27.55 -20.19
N LEU B 267 -17.96 -28.03 -19.61
CA LEU B 267 -17.38 -29.33 -19.99
C LEU B 267 -17.75 -30.49 -19.06
N SER C 2 -4.33 -29.08 -13.68
CA SER C 2 -4.97 -29.75 -14.85
C SER C 2 -5.78 -28.80 -15.74
N MET C 3 -5.19 -27.63 -16.03
CA MET C 3 -5.52 -26.74 -17.16
C MET C 3 -4.19 -26.27 -17.78
N HIS C 4 -4.16 -26.04 -19.08
CA HIS C 4 -3.00 -25.34 -19.67
C HIS C 4 -3.01 -23.85 -19.29
N LYS C 5 -1.82 -23.26 -19.16
CA LYS C 5 -1.71 -21.90 -18.62
C LYS C 5 -1.03 -20.91 -19.58
N ALA C 6 -1.63 -19.72 -19.72
CA ALA C 6 -1.02 -18.63 -20.50
C ALA C 6 -0.83 -17.31 -19.72
N LEU C 7 0.25 -16.62 -20.02
CA LEU C 7 0.50 -15.28 -19.47
C LEU C 7 0.28 -14.23 -20.54
N THR C 8 -0.40 -13.15 -20.21
CA THR C 8 -0.40 -11.97 -21.10
C THR C 8 0.20 -10.74 -20.42
N ILE C 9 1.26 -10.19 -21.03
CA ILE C 9 1.84 -8.94 -20.56
C ILE C 9 1.29 -7.84 -21.42
N ALA C 10 0.25 -7.18 -20.93
CA ALA C 10 -0.50 -6.24 -21.74
C ALA C 10 -1.29 -5.28 -20.87
N GLY C 11 -2.19 -4.52 -21.51
CA GLY C 11 -2.88 -3.44 -20.83
C GLY C 11 -4.36 -3.64 -20.74
N SER C 12 -5.00 -2.96 -19.79
CA SER C 12 -6.45 -3.04 -19.61
C SER C 12 -7.15 -2.15 -20.62
N ASP C 13 -8.21 -2.65 -21.24
CA ASP C 13 -9.05 -1.82 -22.13
C ASP C 13 -10.43 -1.62 -21.46
N SER C 14 -10.73 -0.40 -21.05
CA SER C 14 -11.92 -0.16 -20.26
C SER C 14 -13.19 -0.52 -21.01
N SER C 15 -13.11 -0.54 -22.35
CA SER C 15 -14.29 -0.83 -23.17
C SER C 15 -14.52 -2.34 -23.34
N GLY C 16 -13.47 -3.10 -23.08
CA GLY C 16 -13.60 -4.52 -22.83
C GLY C 16 -13.36 -5.41 -24.01
N GLY C 17 -12.95 -4.83 -25.13
CA GLY C 17 -12.77 -5.60 -26.37
C GLY C 17 -11.34 -5.87 -26.82
N ALA C 18 -10.40 -5.10 -26.27
CA ALA C 18 -8.99 -5.33 -26.58
C ALA C 18 -8.23 -5.61 -25.28
N GLY C 19 -6.91 -5.64 -25.36
CA GLY C 19 -6.06 -5.88 -24.21
C GLY C 19 -6.43 -7.08 -23.35
N ILE C 20 -6.13 -6.93 -22.07
CA ILE C 20 -6.35 -7.93 -21.04
C ILE C 20 -7.70 -8.61 -21.18
N GLN C 21 -8.70 -7.82 -21.54
CA GLN C 21 -10.05 -8.34 -21.61
C GLN C 21 -10.18 -9.23 -22.84
N ALA C 22 -9.67 -8.78 -23.98
CA ALA C 22 -9.65 -9.65 -25.15
C ALA C 22 -8.88 -10.93 -24.84
N ASP C 23 -7.67 -10.77 -24.28
CA ASP C 23 -6.79 -11.90 -23.98
C ASP C 23 -7.44 -12.94 -23.05
N LEU C 24 -7.97 -12.49 -21.90
CA LEU C 24 -8.61 -13.39 -20.95
C LEU C 24 -9.82 -14.07 -21.56
N LYS C 25 -10.67 -13.28 -22.25
CA LYS C 25 -11.88 -13.80 -22.89
C LYS C 25 -11.53 -14.86 -23.94
N THR C 26 -10.54 -14.58 -24.78
CA THR C 26 -10.05 -15.58 -25.74
C THR C 26 -9.47 -16.81 -25.02
N PHE C 27 -8.57 -16.57 -24.08
CA PHE C 27 -8.03 -17.66 -23.30
C PHE C 27 -9.12 -18.55 -22.72
N GLN C 28 -10.16 -17.94 -22.16
CA GLN C 28 -11.23 -18.70 -21.51
C GLN C 28 -12.06 -19.51 -22.54
N GLU C 29 -12.43 -18.86 -23.64
CA GLU C 29 -13.16 -19.55 -24.72
C GLU C 29 -12.47 -20.84 -25.12
N LYS C 30 -11.14 -20.84 -25.08
CA LYS C 30 -10.35 -21.95 -25.50
C LYS C 30 -9.83 -22.76 -24.32
N ASN C 31 -10.43 -22.57 -23.15
CA ASN C 31 -10.08 -23.38 -21.98
C ASN C 31 -8.58 -23.35 -21.65
N VAL C 32 -7.99 -22.16 -21.69
CA VAL C 32 -6.65 -21.95 -21.15
C VAL C 32 -6.78 -21.01 -19.95
N TYR C 33 -6.08 -21.35 -18.86
CA TYR C 33 -6.08 -20.56 -17.61
C TYR C 33 -5.25 -19.31 -17.76
N GLY C 34 -5.94 -18.18 -17.80
CA GLY C 34 -5.28 -16.93 -18.13
C GLY C 34 -4.77 -16.18 -16.91
N MET C 35 -3.59 -15.60 -17.07
CA MET C 35 -3.04 -14.70 -16.06
C MET C 35 -2.48 -13.43 -16.73
N THR C 36 -2.64 -12.30 -16.05
CA THR C 36 -2.31 -11.01 -16.63
C THR C 36 -1.25 -10.31 -15.83
N ALA C 37 -0.26 -9.78 -16.53
CA ALA C 37 0.61 -8.78 -15.94
C ALA C 37 0.21 -7.43 -16.53
N LEU C 38 -0.46 -6.61 -15.74
CA LEU C 38 -1.09 -5.37 -16.22
C LEU C 38 -0.11 -4.21 -16.42
N THR C 39 0.10 -3.76 -17.66
CA THR C 39 1.12 -2.72 -17.93
C THR C 39 0.60 -1.26 -17.98
N VAL C 40 -0.69 -1.08 -18.26
CA VAL C 40 -1.37 0.23 -18.37
C VAL C 40 -2.85 0.07 -18.17
N ILE C 41 -3.49 1.12 -17.64
CA ILE C 41 -4.93 1.22 -17.71
C ILE C 41 -5.31 2.27 -18.77
N VAL C 42 -6.13 1.87 -19.74
CA VAL C 42 -6.63 2.80 -20.77
C VAL C 42 -8.15 3.03 -20.59
N ALA C 43 -8.56 4.29 -20.45
CA ALA C 43 -9.99 4.65 -20.48
C ALA C 43 -10.29 5.42 -21.76
N MET C 44 -11.58 5.56 -22.07
CA MET C 44 -12.03 6.40 -23.19
C MET C 44 -13.06 7.44 -22.71
N ASP C 45 -12.76 8.73 -22.92
CA ASP C 45 -13.59 9.83 -22.40
C ASP C 45 -14.97 9.98 -23.08
N PRO C 46 -16.05 9.60 -22.37
CA PRO C 46 -17.39 9.60 -23.00
C PRO C 46 -17.83 10.99 -23.50
N ASN C 47 -17.46 12.07 -22.82
CA ASN C 47 -17.74 13.38 -23.36
C ASN C 47 -16.45 14.05 -23.81
N ASN C 48 -15.93 13.54 -24.92
CA ASN C 48 -14.72 14.03 -25.55
C ASN C 48 -14.37 13.10 -26.66
N SER C 49 -15.42 12.60 -27.32
CA SER C 49 -15.28 11.82 -28.53
C SER C 49 -14.42 10.58 -28.35
N TRP C 50 -14.63 9.87 -27.25
CA TRP C 50 -13.94 8.58 -26.99
C TRP C 50 -12.42 8.71 -27.01
N ASN C 51 -11.92 9.80 -26.47
CA ASN C 51 -10.51 10.06 -26.47
C ASN C 51 -9.78 9.18 -25.45
N HIS C 52 -8.75 8.47 -25.92
CA HIS C 52 -7.95 7.59 -25.06
C HIS C 52 -7.28 8.33 -23.91
N GLN C 53 -7.63 7.97 -22.68
CA GLN C 53 -6.91 8.41 -21.48
C GLN C 53 -6.02 7.27 -21.01
N VAL C 54 -4.70 7.47 -21.03
CA VAL C 54 -3.83 6.36 -20.66
C VAL C 54 -3.15 6.60 -19.33
N PHE C 55 -3.21 5.60 -18.46
CA PHE C 55 -2.68 5.65 -17.09
C PHE C 55 -1.66 4.53 -16.92
N PRO C 56 -0.37 4.85 -16.96
CA PRO C 56 0.60 3.75 -16.95
C PRO C 56 0.77 3.17 -15.54
N ILE C 57 1.23 1.94 -15.46
CA ILE C 57 1.49 1.31 -14.17
C ILE C 57 3.00 1.25 -13.94
N ASP C 58 3.41 1.59 -12.71
CA ASP C 58 4.79 1.50 -12.25
C ASP C 58 5.49 0.20 -12.59
N THR C 59 6.70 0.32 -13.13
CA THR C 59 7.53 -0.83 -13.48
C THR C 59 7.59 -1.86 -12.34
N ASP C 60 7.66 -1.40 -11.11
CA ASP C 60 7.75 -2.32 -9.98
C ASP C 60 6.51 -3.14 -9.79
N THR C 61 5.34 -2.54 -10.03
CA THR C 61 4.08 -3.28 -9.96
C THR C 61 4.04 -4.36 -11.05
N ILE C 62 4.49 -3.99 -12.24
CA ILE C 62 4.56 -4.95 -13.34
C ILE C 62 5.46 -6.10 -12.92
N ARG C 63 6.64 -5.75 -12.44
CA ARG C 63 7.63 -6.75 -12.04
C ARG C 63 7.05 -7.75 -11.05
N ALA C 64 6.36 -7.24 -10.01
CA ALA C 64 5.67 -8.05 -9.02
C ALA C 64 4.63 -9.01 -9.64
N GLN C 65 3.73 -8.51 -10.48
CA GLN C 65 2.78 -9.40 -11.16
C GLN C 65 3.54 -10.52 -11.90
N LEU C 66 4.65 -10.15 -12.56
CA LEU C 66 5.42 -11.07 -13.37
C LEU C 66 6.07 -12.12 -12.52
N ALA C 67 6.60 -11.68 -11.37
CA ALA C 67 7.21 -12.58 -10.42
C ALA C 67 6.19 -13.62 -10.01
N THR C 68 5.01 -13.21 -9.57
CA THR C 68 4.06 -14.21 -9.16
C THR C 68 3.71 -15.17 -10.26
N ILE C 69 3.55 -14.68 -11.49
CA ILE C 69 3.06 -15.52 -12.58
C ILE C 69 4.17 -16.43 -13.13
N THR C 70 5.37 -15.89 -13.27
CA THR C 70 6.41 -16.66 -13.91
C THR C 70 7.19 -17.52 -12.93
N ASP C 71 7.45 -17.00 -11.73
CA ASP C 71 8.22 -17.72 -10.70
C ASP C 71 7.39 -18.64 -9.82
N GLY C 72 6.15 -18.26 -9.52
CA GLY C 72 5.36 -18.97 -8.53
C GLY C 72 4.44 -20.01 -9.13
N ILE C 73 4.05 -19.77 -10.37
CA ILE C 73 3.22 -20.65 -11.18
C ILE C 73 4.07 -20.79 -12.43
N GLY C 74 3.74 -21.65 -13.38
CA GLY C 74 4.43 -21.52 -14.67
C GLY C 74 3.48 -21.15 -15.80
N VAL C 75 4.02 -20.86 -16.97
CA VAL C 75 3.13 -20.78 -18.12
C VAL C 75 3.55 -21.66 -19.30
N ASP C 76 2.56 -22.09 -20.07
CA ASP C 76 2.81 -22.98 -21.20
C ASP C 76 3.09 -22.18 -22.44
N ALA C 77 2.37 -21.06 -22.60
CA ALA C 77 2.65 -20.04 -23.61
C ALA C 77 2.46 -18.67 -23.01
N MET C 78 2.71 -17.63 -23.81
CA MET C 78 2.77 -16.26 -23.32
C MET C 78 2.72 -15.31 -24.50
N LYS C 79 2.07 -14.17 -24.32
CA LYS C 79 2.04 -13.11 -25.31
C LYS C 79 2.31 -11.74 -24.70
N THR C 80 2.87 -10.83 -25.49
CA THR C 80 2.94 -9.42 -25.08
C THR C 80 1.93 -8.60 -25.90
N GLY C 81 1.23 -7.70 -25.22
CA GLY C 81 0.33 -6.77 -25.90
C GLY C 81 0.95 -5.39 -25.87
N MET C 82 0.15 -4.43 -25.46
CA MET C 82 0.64 -3.07 -25.23
C MET C 82 1.65 -2.99 -24.08
N LEU C 83 2.89 -2.67 -24.44
CA LEU C 83 3.95 -2.34 -23.52
C LEU C 83 4.29 -0.89 -23.77
N PRO C 84 3.69 0.03 -23.01
CA PRO C 84 3.72 1.48 -23.39
C PRO C 84 5.05 2.23 -23.41
N THR C 85 6.10 1.64 -22.82
CA THR C 85 7.27 2.38 -22.44
C THR C 85 8.49 1.50 -22.73
N VAL C 86 9.62 2.12 -23.09
CA VAL C 86 10.84 1.33 -23.38
C VAL C 86 11.26 0.45 -22.19
N ASP C 87 11.22 1.00 -20.97
CA ASP C 87 11.47 0.26 -19.73
C ASP C 87 10.56 -0.95 -19.60
N ILE C 88 9.32 -0.83 -20.06
CA ILE C 88 8.40 -1.96 -19.96
C ILE C 88 8.71 -2.99 -21.02
N ILE C 89 9.18 -2.56 -22.20
CA ILE C 89 9.59 -3.54 -23.21
C ILE C 89 10.78 -4.32 -22.64
N GLU C 90 11.70 -3.59 -22.00
CA GLU C 90 12.95 -4.18 -21.51
C GLU C 90 12.67 -5.15 -20.38
N LEU C 91 11.65 -4.85 -19.58
CA LEU C 91 11.25 -5.75 -18.53
C LEU C 91 10.67 -7.00 -19.17
N ALA C 92 9.75 -6.82 -20.10
CA ALA C 92 9.15 -7.97 -20.79
C ALA C 92 10.20 -8.89 -21.40
N ALA C 93 11.12 -8.32 -22.16
CA ALA C 93 12.16 -9.11 -22.79
C ALA C 93 13.09 -9.72 -21.73
N LYS C 94 13.47 -8.93 -20.72
CA LYS C 94 14.28 -9.45 -19.63
C LYS C 94 13.64 -10.67 -18.95
N THR C 95 12.34 -10.59 -18.69
CA THR C 95 11.59 -11.69 -18.12
C THR C 95 11.60 -12.91 -19.03
N ILE C 96 11.29 -12.71 -20.30
CA ILE C 96 11.25 -13.82 -21.27
C ILE C 96 12.56 -14.61 -21.31
N LYS C 97 13.68 -13.90 -21.36
CA LYS C 97 14.99 -14.52 -21.38
C LYS C 97 15.30 -15.25 -20.08
N GLU C 98 15.48 -14.48 -19.01
CA GLU C 98 15.77 -15.05 -17.70
C GLU C 98 14.85 -16.18 -17.26
N LYS C 99 13.55 -16.10 -17.53
CA LYS C 99 12.65 -17.16 -17.09
C LYS C 99 12.49 -18.23 -18.15
N GLN C 100 13.16 -18.04 -19.29
CA GLN C 100 13.15 -18.99 -20.44
C GLN C 100 11.77 -19.40 -20.95
N LEU C 101 10.88 -18.43 -21.02
CA LEU C 101 9.51 -18.69 -21.38
C LEU C 101 9.41 -19.26 -22.77
N LYS C 102 8.47 -20.19 -22.95
CA LYS C 102 8.25 -20.89 -24.21
C LYS C 102 7.05 -20.31 -24.94
N ASN C 103 6.95 -20.60 -26.24
CA ASN C 103 5.84 -20.13 -27.05
C ASN C 103 5.51 -18.66 -26.82
N VAL C 104 6.47 -17.83 -27.23
CA VAL C 104 6.41 -16.40 -27.07
C VAL C 104 5.69 -15.75 -28.25
N VAL C 105 4.48 -15.26 -28.01
CA VAL C 105 3.74 -14.59 -29.05
C VAL C 105 3.79 -13.10 -28.82
N ILE C 106 4.54 -12.41 -29.67
CA ILE C 106 4.70 -10.99 -29.51
C ILE C 106 3.81 -10.21 -30.43
N ASP C 107 2.84 -9.51 -29.85
CA ASP C 107 1.98 -8.64 -30.62
C ASP C 107 2.54 -7.23 -30.51
N PRO C 108 3.19 -6.75 -31.57
CA PRO C 108 3.96 -5.53 -31.43
C PRO C 108 3.12 -4.26 -31.52
N VAL C 109 2.13 -4.14 -30.63
CA VAL C 109 1.37 -2.91 -30.45
C VAL C 109 2.29 -1.66 -30.38
N MET C 110 2.12 -0.73 -31.30
CA MET C 110 2.87 0.50 -31.24
C MET C 110 2.14 1.60 -30.49
N VAL C 111 2.93 2.47 -29.85
CA VAL C 111 2.35 3.57 -29.08
C VAL C 111 2.13 4.75 -30.01
N CYS C 112 2.91 5.83 -29.88
CA CYS C 112 2.48 7.10 -30.48
C CYS C 112 2.36 7.13 -32.01
N LYS C 113 1.28 6.56 -32.53
CA LYS C 113 0.99 6.61 -33.97
C LYS C 113 0.82 8.07 -34.43
N GLY C 114 1.13 8.33 -35.70
CA GLY C 114 0.99 9.68 -36.26
C GLY C 114 0.47 9.73 -37.69
N ALA C 115 1.36 9.44 -38.64
CA ALA C 115 0.98 9.33 -40.04
C ALA C 115 1.21 7.88 -40.41
N ASN C 116 2.45 7.57 -40.76
CA ASN C 116 2.89 6.20 -40.99
C ASN C 116 4.19 6.08 -40.29
N GLU C 117 4.31 6.85 -39.22
CA GLU C 117 5.49 6.84 -38.34
C GLU C 117 5.04 6.83 -36.89
N VAL C 118 5.89 6.24 -36.05
CA VAL C 118 5.71 6.26 -34.61
C VAL C 118 6.51 7.45 -34.07
N LEU C 119 5.91 8.17 -33.13
CA LEU C 119 6.48 9.41 -32.59
C LEU C 119 7.28 9.16 -31.33
N TYR C 120 7.40 7.91 -30.96
CA TYR C 120 8.23 7.48 -29.85
C TYR C 120 9.21 6.47 -30.45
N PRO C 121 10.23 6.98 -31.17
CA PRO C 121 11.13 6.17 -31.98
C PRO C 121 11.76 4.98 -31.24
N GLU C 122 12.20 5.18 -30.00
CA GLU C 122 12.99 4.16 -29.30
C GLU C 122 12.15 3.01 -28.77
N HIS C 123 10.88 3.30 -28.47
CA HIS C 123 9.89 2.27 -28.22
C HIS C 123 9.81 1.29 -29.39
N ALA C 124 9.56 1.81 -30.59
CA ALA C 124 9.51 0.99 -31.78
C ALA C 124 10.82 0.23 -31.97
N GLN C 125 11.94 0.89 -31.67
CA GLN C 125 13.25 0.31 -31.85
C GLN C 125 13.48 -0.84 -30.86
N ALA C 126 13.08 -0.64 -29.60
CA ALA C 126 13.19 -1.65 -28.56
C ALA C 126 12.34 -2.86 -28.94
N LEU C 127 11.23 -2.62 -29.62
CA LEU C 127 10.36 -3.69 -30.09
C LEU C 127 11.06 -4.53 -31.17
N ARG C 128 11.77 -3.85 -32.04
CA ARG C 128 12.56 -4.43 -33.11
C ARG C 128 13.77 -5.17 -32.54
N GLU C 129 14.53 -4.49 -31.69
CA GLU C 129 15.85 -4.97 -31.26
C GLU C 129 15.84 -5.91 -30.05
N GLN C 130 14.80 -5.86 -29.23
CA GLN C 130 14.81 -6.60 -27.98
C GLN C 130 13.70 -7.61 -27.84
N LEU C 131 12.59 -7.40 -28.51
CA LEU C 131 11.43 -8.25 -28.31
C LEU C 131 11.26 -9.16 -29.49
N ALA C 132 11.37 -8.60 -30.69
CA ALA C 132 11.24 -9.38 -31.93
C ALA C 132 12.13 -10.63 -31.98
N PRO C 133 13.42 -10.51 -31.57
CA PRO C 133 14.27 -11.70 -31.66
C PRO C 133 13.80 -12.85 -30.77
N LEU C 134 12.94 -12.57 -29.80
CA LEU C 134 12.54 -13.60 -28.85
C LEU C 134 11.26 -14.30 -29.27
N ALA C 135 10.64 -13.83 -30.34
CA ALA C 135 9.31 -14.30 -30.69
C ALA C 135 9.32 -15.71 -31.26
N THR C 136 8.31 -16.48 -30.87
CA THR C 136 8.02 -17.73 -31.53
C THR C 136 7.14 -17.30 -32.70
N VAL C 137 6.14 -16.49 -32.40
CA VAL C 137 5.31 -15.86 -33.43
C VAL C 137 5.29 -14.37 -33.14
N ILE C 138 5.33 -13.56 -34.17
CA ILE C 138 5.13 -12.12 -34.02
C ILE C 138 4.03 -11.74 -34.99
N THR C 139 3.05 -10.98 -34.52
CA THR C 139 1.84 -10.73 -35.31
C THR C 139 1.55 -9.25 -35.62
N PRO C 140 2.44 -8.58 -36.39
CA PRO C 140 2.16 -7.18 -36.74
C PRO C 140 1.06 -7.00 -37.77
N ASN C 141 0.27 -5.95 -37.62
CA ASN C 141 -0.61 -5.53 -38.70
C ASN C 141 0.15 -4.67 -39.70
N LEU C 142 -0.58 -4.07 -40.64
CA LEU C 142 0.07 -3.40 -41.76
C LEU C 142 0.93 -2.25 -41.30
N PHE C 143 0.41 -1.46 -40.37
CA PHE C 143 1.17 -0.35 -39.81
C PHE C 143 2.39 -0.83 -39.07
N GLU C 144 2.18 -1.74 -38.11
CA GLU C 144 3.21 -2.26 -37.22
C GLU C 144 4.27 -2.93 -38.03
N ALA C 145 3.84 -3.62 -39.08
CA ALA C 145 4.73 -4.36 -39.93
C ALA C 145 5.72 -3.46 -40.62
N SER C 146 5.24 -2.34 -41.16
CA SER C 146 6.12 -1.44 -41.89
C SER C 146 7.05 -0.67 -40.95
N GLN C 147 6.58 -0.45 -39.73
CA GLN C 147 7.40 0.08 -38.65
C GLN C 147 8.55 -0.86 -38.25
N LEU C 148 8.28 -2.14 -38.07
CA LEU C 148 9.34 -3.07 -37.70
C LEU C 148 10.33 -3.33 -38.84
N SER C 149 9.83 -3.29 -40.07
CA SER C 149 10.64 -3.64 -41.22
C SER C 149 11.33 -2.43 -41.84
N GLY C 150 10.89 -1.23 -41.45
CA GLY C 150 11.54 -0.01 -41.89
C GLY C 150 11.12 0.41 -43.27
N MET C 151 10.03 -0.16 -43.76
CA MET C 151 9.58 0.16 -45.11
C MET C 151 8.33 1.05 -45.12
N ASP C 152 7.83 1.37 -46.31
CA ASP C 152 6.70 2.29 -46.45
C ASP C 152 5.38 1.58 -46.25
N GLU C 153 4.31 2.35 -46.20
CA GLU C 153 2.98 1.78 -46.01
C GLU C 153 2.79 0.52 -46.89
N LEU C 154 2.30 -0.56 -46.27
CA LEU C 154 2.06 -1.79 -47.03
C LEU C 154 0.70 -1.70 -47.72
N LYS C 155 0.68 -1.96 -49.03
CA LYS C 155 -0.56 -1.82 -49.82
C LYS C 155 -0.98 -3.10 -50.52
N THR C 156 -0.01 -3.98 -50.80
CA THR C 156 -0.26 -5.22 -51.55
C THR C 156 0.19 -6.46 -50.78
N VAL C 157 -0.28 -7.63 -51.22
CA VAL C 157 0.13 -8.90 -50.62
C VAL C 157 1.64 -9.09 -50.77
N ASP C 158 2.21 -8.53 -51.83
CA ASP C 158 3.66 -8.59 -52.07
C ASP C 158 4.43 -7.76 -51.03
N ASP C 159 3.92 -6.56 -50.76
CA ASP C 159 4.45 -5.74 -49.68
C ASP C 159 4.52 -6.52 -48.36
N MET C 160 3.44 -7.21 -48.02
CA MET C 160 3.38 -8.00 -46.78
C MET C 160 4.47 -9.08 -46.75
N ILE C 161 4.68 -9.73 -47.88
CA ILE C 161 5.64 -10.82 -48.01
C ILE C 161 7.07 -10.34 -47.76
N GLU C 162 7.43 -9.18 -48.32
CA GLU C 162 8.80 -8.72 -48.14
C GLU C 162 9.03 -8.15 -46.74
N ALA C 163 7.97 -7.59 -46.15
CA ALA C 163 7.97 -7.19 -44.75
C ALA C 163 8.19 -8.41 -43.85
N ALA C 164 7.43 -9.48 -44.12
CA ALA C 164 7.57 -10.73 -43.39
C ALA C 164 9.00 -11.19 -43.38
N LYS C 165 9.64 -11.20 -44.55
CA LYS C 165 11.02 -11.65 -44.66
C LYS C 165 11.95 -10.71 -43.88
N LYS C 166 11.67 -9.42 -43.98
CA LYS C 166 12.49 -8.42 -43.31
C LYS C 166 12.36 -8.57 -41.80
N ILE C 167 11.13 -8.75 -41.30
CA ILE C 167 10.94 -8.88 -39.86
C ILE C 167 11.33 -10.27 -39.30
N HIS C 168 11.24 -11.31 -40.13
CA HIS C 168 11.79 -12.64 -39.79
C HIS C 168 13.32 -12.55 -39.66
N ALA C 169 13.91 -11.60 -40.38
CA ALA C 169 15.34 -11.36 -40.25
C ALA C 169 15.77 -10.74 -38.92
N LEU C 170 14.83 -10.38 -38.05
CA LEU C 170 15.18 -9.85 -36.73
C LEU C 170 15.45 -10.95 -35.68
N GLY C 171 14.97 -12.17 -35.97
CA GLY C 171 15.12 -13.28 -35.03
C GLY C 171 13.81 -13.97 -34.68
N ALA C 172 12.69 -13.42 -35.12
CA ALA C 172 11.42 -14.07 -34.91
C ALA C 172 11.40 -15.39 -35.70
N GLN C 173 10.91 -16.46 -35.05
CA GLN C 173 10.78 -17.77 -35.67
C GLN C 173 9.72 -17.75 -36.77
N TYR C 174 8.54 -17.21 -36.44
CA TYR C 174 7.42 -17.15 -37.38
C TYR C 174 6.81 -15.76 -37.38
N VAL C 175 6.44 -15.30 -38.57
CA VAL C 175 5.82 -14.00 -38.74
C VAL C 175 4.42 -14.18 -39.30
N VAL C 176 3.45 -13.52 -38.68
CA VAL C 176 2.15 -13.33 -39.30
C VAL C 176 1.91 -11.83 -39.48
N ILE C 177 1.88 -11.38 -40.75
CA ILE C 177 1.46 -10.02 -41.06
C ILE C 177 -0.04 -10.06 -41.19
N THR C 178 -0.75 -9.29 -40.38
CA THR C 178 -2.20 -9.25 -40.49
C THR C 178 -2.65 -8.08 -41.36
N GLY C 179 -3.55 -8.35 -42.29
CA GLY C 179 -4.05 -7.31 -43.19
C GLY C 179 -5.54 -7.11 -43.05
N GLY C 180 -6.30 -8.15 -43.39
CA GLY C 180 -7.74 -8.15 -43.27
C GLY C 180 -8.37 -6.90 -43.85
N GLY C 181 -9.25 -6.28 -43.04
CA GLY C 181 -10.04 -5.10 -43.44
C GLY C 181 -9.28 -3.87 -43.94
N LYS C 182 -8.02 -3.72 -43.54
CA LYS C 182 -7.23 -2.54 -43.90
C LYS C 182 -6.44 -2.78 -45.19
N LEU C 183 -6.61 -3.97 -45.75
CA LEU C 183 -5.97 -4.29 -47.01
C LEU C 183 -7.04 -4.23 -48.08
N LYS C 184 -6.74 -3.51 -49.17
CA LYS C 184 -7.62 -3.49 -50.34
C LYS C 184 -7.49 -4.85 -51.03
N HIS C 185 -8.54 -5.66 -50.88
CA HIS C 185 -8.49 -7.05 -51.32
C HIS C 185 -9.90 -7.65 -51.27
N GLU C 186 -10.09 -8.68 -52.08
CA GLU C 186 -11.32 -9.45 -52.13
C GLU C 186 -11.54 -10.28 -50.85
N LYS C 187 -10.45 -10.79 -50.28
CA LYS C 187 -10.48 -11.63 -49.08
C LYS C 187 -9.74 -11.03 -47.86
N ALA C 188 -10.08 -11.51 -46.67
CA ALA C 188 -9.37 -11.12 -45.44
C ALA C 188 -8.10 -11.94 -45.37
N VAL C 189 -7.00 -11.32 -45.79
CA VAL C 189 -5.72 -12.04 -45.95
C VAL C 189 -4.65 -11.68 -44.93
N ASP C 190 -3.93 -12.70 -44.49
CA ASP C 190 -2.77 -12.51 -43.64
C ASP C 190 -1.67 -13.34 -44.26
N VAL C 191 -0.42 -13.00 -43.93
CA VAL C 191 0.74 -13.67 -44.50
C VAL C 191 1.54 -14.33 -43.39
N LEU C 192 1.67 -15.65 -43.49
CA LEU C 192 2.45 -16.42 -42.54
C LEU C 192 3.76 -16.81 -43.19
N TYR C 193 4.86 -16.60 -42.47
CA TYR C 193 6.16 -16.87 -43.05
C TYR C 193 7.07 -17.56 -42.03
N ASP C 194 7.51 -18.78 -42.33
CA ASP C 194 8.54 -19.42 -41.49
C ASP C 194 9.86 -18.94 -42.07
N GLY C 195 10.97 -19.62 -41.77
CA GLY C 195 12.26 -19.24 -42.38
C GLY C 195 12.32 -19.38 -43.90
N GLU C 196 11.40 -20.13 -44.48
CA GLU C 196 11.53 -20.62 -45.85
C GLU C 196 10.49 -20.10 -46.84
N THR C 197 9.20 -20.29 -46.54
CA THR C 197 8.17 -19.96 -47.51
C THR C 197 6.99 -19.19 -46.94
N ALA C 198 6.44 -18.31 -47.78
CA ALA C 198 5.32 -17.45 -47.44
C ALA C 198 4.01 -18.12 -47.80
N GLU C 199 3.09 -18.17 -46.85
CA GLU C 199 1.78 -18.71 -47.09
C GLU C 199 0.72 -17.63 -46.91
N VAL C 200 -0.22 -17.54 -47.84
CA VAL C 200 -1.25 -16.53 -47.76
C VAL C 200 -2.51 -17.12 -47.12
N LEU C 201 -2.80 -16.73 -45.89
CA LEU C 201 -4.00 -17.23 -45.21
C LEU C 201 -5.20 -16.39 -45.61
N GLU C 202 -6.28 -17.05 -45.99
CA GLU C 202 -7.48 -16.35 -46.43
C GLU C 202 -8.72 -16.73 -45.63
N SER C 203 -9.62 -15.75 -45.52
CA SER C 203 -10.94 -15.96 -44.95
C SER C 203 -11.92 -15.00 -45.61
N GLU C 204 -13.20 -15.28 -45.43
CA GLU C 204 -14.24 -14.35 -45.85
C GLU C 204 -13.96 -12.98 -45.25
N MET C 205 -14.04 -11.94 -46.08
CA MET C 205 -14.04 -10.54 -45.61
C MET C 205 -15.40 -10.23 -45.04
N ILE C 206 -15.44 -9.85 -43.78
CA ILE C 206 -16.72 -9.44 -43.24
C ILE C 206 -16.82 -7.94 -43.42
N ASP C 207 -17.88 -7.48 -44.05
CA ASP C 207 -18.07 -6.06 -44.22
C ASP C 207 -18.63 -5.47 -42.93
N THR C 208 -17.71 -4.97 -42.10
CA THR C 208 -18.07 -4.47 -40.77
C THR C 208 -16.99 -3.55 -40.25
N PRO C 209 -17.37 -2.48 -39.52
CA PRO C 209 -16.35 -1.63 -38.91
C PRO C 209 -16.08 -2.06 -37.47
N TYR C 210 -16.69 -3.15 -37.04
CA TYR C 210 -16.60 -3.55 -35.65
C TYR C 210 -15.46 -4.52 -35.46
N THR C 211 -14.22 -4.05 -35.58
CA THR C 211 -13.08 -4.95 -35.44
C THR C 211 -12.13 -4.56 -34.33
N HIS C 212 -12.64 -3.81 -33.36
CA HIS C 212 -11.87 -3.42 -32.17
C HIS C 212 -11.38 -4.64 -31.39
N GLY C 213 -10.09 -4.69 -31.12
CA GLY C 213 -9.51 -5.81 -30.39
C GLY C 213 -9.27 -7.06 -31.23
N ALA C 214 -9.51 -6.97 -32.53
CA ALA C 214 -9.27 -8.09 -33.43
C ALA C 214 -7.84 -8.58 -33.29
N GLY C 215 -6.86 -7.69 -33.43
CA GLY C 215 -5.44 -8.09 -33.36
C GLY C 215 -5.04 -8.68 -32.02
N CYS C 216 -5.67 -8.20 -30.94
CA CYS C 216 -5.39 -8.68 -29.59
C CYS C 216 -5.96 -10.06 -29.48
N THR C 217 -7.18 -10.21 -30.01
CA THR C 217 -7.87 -11.49 -30.06
C THR C 217 -7.08 -12.52 -30.87
N PHE C 218 -6.68 -12.16 -32.09
CA PHE C 218 -5.87 -13.05 -32.91
C PHE C 218 -4.60 -13.58 -32.21
N SER C 219 -3.79 -12.70 -31.62
CA SER C 219 -2.57 -13.16 -30.92
C SER C 219 -2.88 -13.97 -29.63
N ALA C 220 -3.96 -13.61 -28.95
CA ALA C 220 -4.43 -14.38 -27.79
C ALA C 220 -4.79 -15.80 -28.21
N ALA C 221 -5.56 -15.90 -29.30
CA ALA C 221 -5.92 -17.17 -29.91
C ALA C 221 -4.70 -18.01 -30.27
N VAL C 222 -3.69 -17.41 -30.91
CA VAL C 222 -2.44 -18.16 -31.19
C VAL C 222 -1.83 -18.66 -29.88
N THR C 223 -1.69 -17.74 -28.91
CA THR C 223 -1.10 -18.06 -27.61
C THR C 223 -1.80 -19.21 -26.88
N ALA C 224 -3.14 -19.19 -26.88
CA ALA C 224 -3.94 -20.20 -26.25
C ALA C 224 -3.70 -21.56 -26.90
N GLU C 225 -3.78 -21.56 -28.22
CA GLU C 225 -3.58 -22.76 -29.01
C GLU C 225 -2.19 -23.37 -28.81
N LEU C 226 -1.15 -22.53 -28.83
CA LEU C 226 0.19 -22.99 -28.45
C LEU C 226 0.27 -23.56 -27.03
N ALA C 227 -0.52 -23.00 -26.11
CA ALA C 227 -0.43 -23.35 -24.70
C ALA C 227 -0.98 -24.76 -24.49
N LYS C 228 -1.88 -25.15 -25.41
CA LYS C 228 -2.50 -26.48 -25.43
C LYS C 228 -1.68 -27.53 -26.19
N GLY C 229 -0.50 -27.16 -26.66
CA GLY C 229 0.41 -28.13 -27.27
C GLY C 229 0.43 -28.19 -28.79
N ALA C 230 -0.44 -27.40 -29.44
CA ALA C 230 -0.49 -27.30 -30.89
C ALA C 230 0.86 -26.88 -31.51
N GLU C 231 1.10 -27.33 -32.75
CA GLU C 231 2.23 -26.86 -33.56
C GLU C 231 1.95 -25.42 -33.93
N VAL C 232 3.03 -24.68 -34.13
CA VAL C 232 2.95 -23.25 -34.41
C VAL C 232 1.97 -22.99 -35.54
N LYS C 233 2.21 -23.59 -36.72
CA LYS C 233 1.37 -23.31 -37.88
C LYS C 233 -0.09 -23.72 -37.63
N GLU C 234 -0.24 -24.90 -37.02
CA GLU C 234 -1.53 -25.40 -36.58
C GLU C 234 -2.24 -24.33 -35.76
N ALA C 235 -1.54 -23.76 -34.78
CA ALA C 235 -2.13 -22.77 -33.87
C ALA C 235 -2.58 -21.55 -34.64
N ILE C 236 -1.69 -21.04 -35.51
CA ILE C 236 -2.03 -19.89 -36.33
C ILE C 236 -3.33 -20.13 -37.14
N TYR C 237 -3.45 -21.29 -37.78
CA TYR C 237 -4.68 -21.62 -38.55
C TYR C 237 -5.89 -21.54 -37.63
N ALA C 238 -5.82 -22.25 -36.51
CA ALA C 238 -6.88 -22.27 -35.51
C ALA C 238 -7.28 -20.87 -35.08
N ALA C 239 -6.29 -19.99 -34.94
CA ALA C 239 -6.50 -18.60 -34.52
C ALA C 239 -7.18 -17.82 -35.62
N LYS C 240 -6.73 -18.06 -36.85
CA LYS C 240 -7.33 -17.43 -38.02
C LYS C 240 -8.81 -17.76 -38.05
N GLU C 241 -9.12 -19.02 -37.75
CA GLU C 241 -10.50 -19.48 -37.73
C GLU C 241 -11.30 -18.72 -36.65
N PHE C 242 -10.68 -18.60 -35.47
CA PHE C 242 -11.26 -17.94 -34.31
C PHE C 242 -11.74 -16.49 -34.54
N ILE C 243 -10.86 -15.57 -34.99
CA ILE C 243 -11.31 -14.16 -35.18
C ILE C 243 -12.26 -13.98 -36.34
N THR C 244 -12.08 -14.76 -37.41
CA THR C 244 -13.03 -14.74 -38.53
C THR C 244 -14.43 -14.86 -37.98
N ALA C 245 -14.67 -15.92 -37.21
CA ALA C 245 -15.95 -16.14 -36.56
C ALA C 245 -16.30 -14.94 -35.67
N ALA C 246 -15.33 -14.47 -34.87
CA ALA C 246 -15.59 -13.45 -33.87
C ALA C 246 -15.92 -12.09 -34.49
N ILE C 247 -15.25 -11.81 -35.60
CA ILE C 247 -15.54 -10.66 -36.43
C ILE C 247 -16.90 -10.78 -37.13
N LYS C 248 -17.17 -11.95 -37.72
CA LYS C 248 -18.45 -12.25 -38.37
C LYS C 248 -19.68 -11.93 -37.48
N GLU C 249 -19.54 -12.14 -36.18
CA GLU C 249 -20.65 -11.90 -35.25
C GLU C 249 -20.45 -10.62 -34.41
N SER C 250 -19.53 -9.77 -34.84
CA SER C 250 -19.20 -8.54 -34.12
C SER C 250 -20.39 -7.59 -34.09
N PHE C 251 -20.37 -6.61 -33.21
CA PHE C 251 -21.52 -5.75 -32.95
C PHE C 251 -21.06 -4.43 -32.32
N PRO C 252 -21.93 -3.39 -32.28
CA PRO C 252 -21.55 -2.12 -31.68
C PRO C 252 -21.80 -2.05 -30.17
N LEU C 253 -20.96 -1.29 -29.47
CA LEU C 253 -21.18 -0.99 -28.06
C LEU C 253 -21.82 0.37 -27.94
N ASN C 254 -21.36 1.31 -28.76
CA ASN C 254 -21.89 2.67 -28.85
C ASN C 254 -21.46 3.19 -30.20
N GLN C 255 -21.48 4.50 -30.41
CA GLN C 255 -21.20 5.02 -31.76
C GLN C 255 -19.72 5.08 -32.14
N TYR C 256 -18.83 4.78 -31.21
CA TYR C 256 -17.39 4.85 -31.46
C TYR C 256 -16.72 3.50 -31.65
N VAL C 257 -17.29 2.45 -31.07
CA VAL C 257 -16.55 1.22 -30.98
C VAL C 257 -17.48 0.01 -31.11
N GLY C 258 -16.95 -1.06 -31.71
CA GLY C 258 -17.66 -2.31 -31.82
C GLY C 258 -16.62 -3.39 -31.71
N PRO C 259 -16.71 -4.25 -30.66
CA PRO C 259 -15.72 -5.31 -30.42
C PRO C 259 -16.06 -6.55 -31.20
N THR C 260 -15.18 -7.55 -31.23
CA THR C 260 -15.53 -8.83 -31.84
C THR C 260 -16.29 -9.68 -30.80
N LYS C 261 -16.96 -10.75 -31.21
CA LYS C 261 -17.67 -11.62 -30.27
C LYS C 261 -16.88 -12.90 -30.09
N HIS C 262 -16.20 -12.99 -28.95
CA HIS C 262 -15.27 -14.08 -28.69
C HIS C 262 -15.98 -15.43 -28.66
N SER C 263 -17.22 -15.43 -28.15
CA SER C 263 -18.02 -16.65 -28.01
C SER C 263 -18.57 -17.21 -29.33
N ALA C 264 -18.37 -16.47 -30.43
CA ALA C 264 -18.86 -16.86 -31.75
C ALA C 264 -18.53 -18.31 -32.16
N LEU C 265 -17.25 -18.63 -32.31
CA LEU C 265 -16.84 -19.98 -32.67
C LEU C 265 -17.53 -21.04 -31.82
N ARG C 266 -17.57 -20.84 -30.50
CA ARG C 266 -18.22 -21.79 -29.61
C ARG C 266 -19.73 -21.93 -29.92
N LEU C 267 -20.43 -20.80 -29.99
CA LEU C 267 -21.90 -20.80 -30.16
C LEU C 267 -22.46 -21.25 -31.53
N ASN C 268 -21.67 -21.03 -32.59
CA ASN C 268 -22.11 -21.23 -33.99
C ASN C 268 -22.07 -22.69 -34.47
N SER D 2 19.19 -16.82 24.49
CA SER D 2 19.88 -16.86 25.79
C SER D 2 19.00 -16.28 26.91
N MET D 3 17.68 -16.41 26.77
CA MET D 3 16.80 -15.99 27.87
C MET D 3 15.85 -17.06 28.41
N HIS D 4 15.71 -17.08 29.73
CA HIS D 4 14.59 -17.75 30.36
C HIS D 4 13.30 -16.91 30.24
N LYS D 5 12.14 -17.55 30.30
CA LYS D 5 10.87 -16.86 29.97
C LYS D 5 9.84 -17.04 31.08
N ALA D 6 9.06 -15.96 31.32
CA ALA D 6 7.93 -16.03 32.28
C ALA D 6 6.63 -15.42 31.74
N LEU D 7 5.51 -16.03 32.13
CA LEU D 7 4.18 -15.57 31.79
C LEU D 7 3.53 -14.98 33.03
N THR D 8 2.82 -13.87 32.86
CA THR D 8 2.01 -13.32 33.93
C THR D 8 0.61 -13.17 33.42
N ILE D 9 -0.33 -13.81 34.10
CA ILE D 9 -1.74 -13.70 33.75
C ILE D 9 -2.27 -12.71 34.75
N ALA D 10 -2.32 -11.44 34.37
CA ALA D 10 -2.65 -10.39 35.31
C ALA D 10 -3.23 -9.13 34.67
N GLY D 11 -3.36 -8.08 35.49
CA GLY D 11 -3.99 -6.84 35.06
C GLY D 11 -3.02 -5.69 34.78
N SER D 12 -3.52 -4.70 34.04
CA SER D 12 -2.76 -3.50 33.77
C SER D 12 -3.01 -2.48 34.86
N ASP D 13 -1.91 -1.93 35.41
CA ASP D 13 -2.00 -0.86 36.37
C ASP D 13 -1.59 0.43 35.68
N SER D 14 -2.58 1.28 35.41
CA SER D 14 -2.31 2.55 34.76
C SER D 14 -1.23 3.34 35.50
N SER D 15 -1.16 3.25 36.83
CA SER D 15 -0.18 4.05 37.56
C SER D 15 1.23 3.49 37.50
N GLY D 16 1.37 2.22 37.14
CA GLY D 16 2.66 1.67 36.75
C GLY D 16 3.49 1.02 37.83
N GLY D 17 2.89 0.74 38.97
CA GLY D 17 3.64 0.12 40.08
C GLY D 17 3.24 -1.30 40.49
N ALA D 18 2.05 -1.71 40.05
CA ALA D 18 1.52 -3.02 40.34
C ALA D 18 1.30 -3.74 39.03
N GLY D 19 0.49 -4.81 39.07
CA GLY D 19 0.14 -5.64 37.92
C GLY D 19 1.21 -5.91 36.87
N ILE D 20 0.74 -6.06 35.64
CA ILE D 20 1.59 -6.24 34.46
C ILE D 20 2.86 -5.38 34.49
N GLN D 21 2.73 -4.13 34.93
CA GLN D 21 3.89 -3.25 34.87
C GLN D 21 4.95 -3.72 35.88
N ALA D 22 4.52 -3.94 37.13
CA ALA D 22 5.38 -4.51 38.20
C ALA D 22 6.04 -5.78 37.72
N ASP D 23 5.21 -6.66 37.15
CA ASP D 23 5.64 -7.97 36.73
C ASP D 23 6.71 -7.82 35.67
N LEU D 24 6.43 -7.06 34.61
CA LEU D 24 7.43 -6.88 33.53
C LEU D 24 8.70 -6.21 34.01
N LYS D 25 8.53 -5.18 34.85
CA LYS D 25 9.65 -4.48 35.43
C LYS D 25 10.51 -5.46 36.27
N THR D 26 9.87 -6.28 37.08
CA THR D 26 10.60 -7.23 37.90
C THR D 26 11.28 -8.26 37.01
N PHE D 27 10.52 -8.86 36.11
CA PHE D 27 11.12 -9.81 35.16
C PHE D 27 12.37 -9.22 34.51
N GLN D 28 12.24 -8.01 33.99
CA GLN D 28 13.35 -7.40 33.27
C GLN D 28 14.60 -7.22 34.16
N GLU D 29 14.41 -6.70 35.38
CA GLU D 29 15.51 -6.51 36.35
C GLU D 29 16.33 -7.78 36.57
N LYS D 30 15.64 -8.94 36.53
CA LYS D 30 16.23 -10.27 36.73
C LYS D 30 16.45 -10.99 35.41
N ASN D 31 16.58 -10.22 34.34
CA ASN D 31 16.92 -10.78 33.05
C ASN D 31 16.05 -11.96 32.63
N VAL D 32 14.75 -11.90 32.91
CA VAL D 32 13.80 -12.89 32.43
C VAL D 32 12.83 -12.27 31.42
N TYR D 33 12.80 -12.85 30.22
CA TYR D 33 11.94 -12.39 29.12
C TYR D 33 10.49 -12.55 29.50
N GLY D 34 9.80 -11.44 29.65
CA GLY D 34 8.44 -11.45 30.16
C GLY D 34 7.37 -11.40 29.09
N MET D 35 6.24 -12.06 29.36
CA MET D 35 5.08 -12.05 28.49
C MET D 35 3.82 -11.92 29.34
N THR D 36 2.83 -11.19 28.83
CA THR D 36 1.66 -10.84 29.62
C THR D 36 0.40 -11.35 28.96
N ALA D 37 -0.46 -11.96 29.75
CA ALA D 37 -1.81 -12.14 29.30
C ALA D 37 -2.67 -11.20 30.16
N LEU D 38 -3.14 -10.13 29.51
CA LEU D 38 -3.83 -9.05 30.19
C LEU D 38 -5.29 -9.43 30.48
N THR D 39 -5.71 -9.30 31.73
CA THR D 39 -7.06 -9.73 32.15
C THR D 39 -8.04 -8.57 32.45
N VAL D 40 -7.47 -7.42 32.85
CA VAL D 40 -8.22 -6.18 33.06
C VAL D 40 -7.29 -5.00 32.87
N ILE D 41 -7.90 -3.88 32.47
CA ILE D 41 -7.25 -2.57 32.52
C ILE D 41 -7.84 -1.75 33.68
N VAL D 42 -6.97 -1.30 34.56
CA VAL D 42 -7.39 -0.53 35.73
C VAL D 42 -6.88 0.89 35.56
N ALA D 43 -7.74 1.87 35.80
CA ALA D 43 -7.32 3.27 35.87
C ALA D 43 -7.78 3.91 37.18
N MET D 44 -7.11 4.98 37.58
CA MET D 44 -7.51 5.73 38.77
C MET D 44 -7.88 7.14 38.31
N ASP D 45 -9.13 7.55 38.59
CA ASP D 45 -9.66 8.87 38.22
C ASP D 45 -9.04 10.03 38.99
N PRO D 46 -8.24 10.87 38.31
CA PRO D 46 -7.47 11.95 38.91
C PRO D 46 -8.30 13.07 39.57
N ASN D 47 -9.54 13.26 39.13
CA ASN D 47 -10.50 14.09 39.87
C ASN D 47 -11.68 13.27 40.41
N ASN D 48 -11.36 12.47 41.43
CA ASN D 48 -12.30 11.61 42.14
C ASN D 48 -11.44 10.78 43.06
N SER D 49 -10.44 11.46 43.63
CA SER D 49 -9.63 10.94 44.72
C SER D 49 -9.07 9.56 44.42
N TRP D 50 -8.59 9.42 43.17
CA TRP D 50 -7.88 8.24 42.71
C TRP D 50 -8.78 7.01 42.61
N ASN D 51 -10.05 7.23 42.28
CA ASN D 51 -11.00 6.14 42.30
C ASN D 51 -10.73 5.10 41.21
N HIS D 52 -10.50 3.84 41.62
CA HIS D 52 -10.25 2.73 40.68
C HIS D 52 -11.39 2.58 39.65
N GLN D 53 -11.09 2.76 38.37
CA GLN D 53 -12.04 2.45 37.30
C GLN D 53 -11.58 1.15 36.64
N VAL D 54 -12.43 0.12 36.61
CA VAL D 54 -11.94 -1.18 36.11
C VAL D 54 -12.61 -1.59 34.80
N PHE D 55 -11.78 -1.89 33.81
CA PHE D 55 -12.27 -2.21 32.47
C PHE D 55 -11.92 -3.66 32.15
N PRO D 56 -12.90 -4.57 32.26
CA PRO D 56 -12.48 -5.96 32.10
C PRO D 56 -12.26 -6.31 30.65
N ILE D 57 -11.33 -7.24 30.41
CA ILE D 57 -11.05 -7.75 29.06
C ILE D 57 -11.81 -9.04 28.74
N ASP D 58 -12.48 -9.07 27.59
CA ASP D 58 -13.13 -10.28 27.09
C ASP D 58 -12.33 -11.57 27.33
N THR D 59 -12.95 -12.53 28.01
CA THR D 59 -12.41 -13.89 28.11
C THR D 59 -11.75 -14.43 26.82
N ASP D 60 -12.36 -14.22 25.67
CA ASP D 60 -11.76 -14.67 24.41
C ASP D 60 -10.40 -14.05 24.11
N THR D 61 -10.29 -12.76 24.37
CA THR D 61 -9.07 -12.01 24.17
C THR D 61 -8.00 -12.57 25.08
N ILE D 62 -8.41 -12.94 26.29
CA ILE D 62 -7.47 -13.50 27.27
C ILE D 62 -6.96 -14.86 26.78
N ARG D 63 -7.89 -15.66 26.27
CA ARG D 63 -7.59 -16.96 25.66
C ARG D 63 -6.58 -16.82 24.52
N ALA D 64 -6.86 -15.88 23.59
CA ALA D 64 -5.98 -15.65 22.45
C ALA D 64 -4.55 -15.36 22.91
N GLN D 65 -4.39 -14.48 23.91
CA GLN D 65 -3.05 -14.12 24.38
C GLN D 65 -2.36 -15.31 24.97
N LEU D 66 -3.11 -16.07 25.76
CA LEU D 66 -2.61 -17.28 26.36
C LEU D 66 -2.19 -18.31 25.32
N ALA D 67 -3.06 -18.54 24.33
CA ALA D 67 -2.73 -19.39 23.18
C ALA D 67 -1.32 -19.05 22.71
N THR D 68 -1.08 -17.83 22.23
CA THR D 68 0.24 -17.49 21.70
C THR D 68 1.35 -17.67 22.72
N ILE D 69 1.12 -17.26 23.96
CA ILE D 69 2.18 -17.37 24.96
C ILE D 69 2.55 -18.80 25.35
N THR D 70 1.55 -19.67 25.50
CA THR D 70 1.76 -21.03 26.01
C THR D 70 1.97 -22.06 24.89
N ASP D 71 1.10 -22.11 23.89
CA ASP D 71 1.25 -23.01 22.74
C ASP D 71 2.40 -22.64 21.76
N GLY D 72 2.60 -21.34 21.50
CA GLY D 72 3.52 -20.90 20.46
C GLY D 72 4.92 -20.57 20.93
N ILE D 73 5.04 -20.25 22.20
CA ILE D 73 6.33 -20.01 22.83
C ILE D 73 6.20 -20.87 24.06
N GLY D 74 7.28 -21.15 24.78
CA GLY D 74 7.05 -21.80 26.08
C GLY D 74 7.36 -20.90 27.27
N VAL D 75 6.93 -21.27 28.46
CA VAL D 75 7.41 -20.54 29.66
C VAL D 75 8.08 -21.43 30.70
N ASP D 76 9.12 -20.92 31.32
CA ASP D 76 9.86 -21.63 32.36
C ASP D 76 9.18 -21.50 33.72
N ALA D 77 8.48 -20.40 33.91
CA ALA D 77 7.68 -20.19 35.10
C ALA D 77 6.49 -19.31 34.74
N MET D 78 5.67 -18.99 35.72
CA MET D 78 4.40 -18.37 35.43
C MET D 78 3.76 -17.90 36.71
N LYS D 79 3.02 -16.79 36.62
CA LYS D 79 2.28 -16.32 37.77
C LYS D 79 0.89 -15.83 37.37
N THR D 80 -0.04 -15.85 38.32
CA THR D 80 -1.33 -15.19 38.15
C THR D 80 -1.39 -14.00 39.12
N GLY D 81 -1.84 -12.86 38.62
CA GLY D 81 -2.16 -11.73 39.49
C GLY D 81 -3.67 -11.54 39.58
N MET D 82 -4.11 -10.31 39.37
CA MET D 82 -5.52 -9.97 39.37
C MET D 82 -6.30 -10.69 38.27
N LEU D 83 -7.10 -11.66 38.71
CA LEU D 83 -8.04 -12.36 37.87
C LEU D 83 -9.43 -11.92 38.32
N PRO D 84 -10.00 -10.91 37.65
CA PRO D 84 -11.20 -10.23 38.22
C PRO D 84 -12.53 -10.96 38.21
N THR D 85 -12.62 -12.11 37.56
CA THR D 85 -13.89 -12.78 37.25
C THR D 85 -13.77 -14.27 37.47
N VAL D 86 -14.86 -14.95 37.85
CA VAL D 86 -14.76 -16.41 38.07
C VAL D 86 -14.35 -17.13 36.78
N ASP D 87 -14.93 -16.71 35.64
CA ASP D 87 -14.57 -17.30 34.35
C ASP D 87 -13.04 -17.19 34.11
N ILE D 88 -12.45 -16.07 34.53
CA ILE D 88 -11.05 -15.83 34.28
C ILE D 88 -10.18 -16.73 35.20
N ILE D 89 -10.59 -16.88 36.45
CA ILE D 89 -9.94 -17.87 37.30
C ILE D 89 -10.01 -19.26 36.69
N GLU D 90 -11.17 -19.56 36.09
CA GLU D 90 -11.39 -20.87 35.47
C GLU D 90 -10.51 -21.08 34.22
N LEU D 91 -10.45 -20.03 33.40
CA LEU D 91 -9.60 -20.03 32.23
C LEU D 91 -8.13 -20.21 32.63
N ALA D 92 -7.70 -19.46 33.63
CA ALA D 92 -6.33 -19.54 34.14
C ALA D 92 -6.01 -20.92 34.65
N ALA D 93 -6.92 -21.51 35.44
CA ALA D 93 -6.71 -22.84 36.00
C ALA D 93 -6.67 -23.85 34.87
N LYS D 94 -7.64 -23.75 33.97
CA LYS D 94 -7.73 -24.63 32.82
C LYS D 94 -6.46 -24.55 31.96
N THR D 95 -5.90 -23.34 31.81
CA THR D 95 -4.70 -23.17 31.00
C THR D 95 -3.57 -23.92 31.67
N ILE D 96 -3.46 -23.73 32.99
CA ILE D 96 -2.36 -24.29 33.78
C ILE D 96 -2.28 -25.82 33.72
N LYS D 97 -3.42 -26.47 33.90
CA LYS D 97 -3.53 -27.93 33.77
C LYS D 97 -3.23 -28.36 32.34
N GLU D 98 -4.15 -28.05 31.41
CA GLU D 98 -3.99 -28.47 30.03
C GLU D 98 -2.61 -28.23 29.41
N LYS D 99 -2.00 -27.09 29.70
CA LYS D 99 -0.68 -26.78 29.13
C LYS D 99 0.45 -27.28 30.03
N GLN D 100 0.07 -27.84 31.17
CA GLN D 100 1.01 -28.42 32.12
C GLN D 100 2.14 -27.49 32.51
N LEU D 101 1.77 -26.26 32.83
CA LEU D 101 2.72 -25.23 33.19
C LEU D 101 3.51 -25.50 34.49
N LYS D 102 4.82 -25.27 34.43
CA LYS D 102 5.74 -25.47 35.56
C LYS D 102 5.95 -24.20 36.42
N ASN D 103 6.41 -24.38 37.66
CA ASN D 103 6.69 -23.26 38.56
C ASN D 103 5.56 -22.20 38.54
N VAL D 104 4.42 -22.64 39.03
CA VAL D 104 3.18 -21.86 39.03
C VAL D 104 3.12 -21.03 40.31
N VAL D 105 3.29 -19.71 40.18
CA VAL D 105 3.22 -18.83 41.35
C VAL D 105 1.90 -18.09 41.35
N ILE D 106 1.00 -18.49 42.24
CA ILE D 106 -0.33 -17.92 42.24
C ILE D 106 -0.42 -16.84 43.30
N ASP D 107 -0.62 -15.60 42.87
CA ASP D 107 -0.76 -14.47 43.81
C ASP D 107 -2.25 -14.18 43.91
N PRO D 108 -2.85 -14.60 45.02
CA PRO D 108 -4.32 -14.65 45.08
C PRO D 108 -4.98 -13.31 45.35
N VAL D 109 -4.71 -12.32 44.50
CA VAL D 109 -5.33 -10.98 44.53
C VAL D 109 -6.85 -11.13 44.59
N MET D 110 -7.47 -10.60 45.66
CA MET D 110 -8.93 -10.60 45.80
C MET D 110 -9.57 -9.32 45.26
N TYR D 120 -16.45 -10.66 45.77
CA TYR D 120 -17.44 -11.68 45.42
C TYR D 120 -17.10 -13.05 46.05
N PRO D 121 -18.08 -13.69 46.74
CA PRO D 121 -17.81 -15.00 47.39
C PRO D 121 -17.22 -16.03 46.43
N GLU D 122 -17.90 -16.30 45.30
CA GLU D 122 -17.47 -17.40 44.38
C GLU D 122 -16.08 -17.16 43.78
N HIS D 123 -15.67 -15.88 43.74
CA HIS D 123 -14.32 -15.51 43.26
C HIS D 123 -13.25 -16.06 44.23
N ALA D 124 -13.37 -15.65 45.48
CA ALA D 124 -12.57 -16.20 46.56
C ALA D 124 -12.58 -17.75 46.54
N GLN D 125 -13.77 -18.33 46.41
CA GLN D 125 -13.94 -19.80 46.40
C GLN D 125 -13.24 -20.48 45.20
N ALA D 126 -13.39 -19.89 44.00
CA ALA D 126 -12.74 -20.44 42.80
C ALA D 126 -11.22 -20.44 42.98
N LEU D 127 -10.71 -19.36 43.60
CA LEU D 127 -9.30 -19.21 43.88
C LEU D 127 -8.89 -20.37 44.76
N ARG D 128 -9.68 -20.57 45.82
CA ARG D 128 -9.49 -21.63 46.80
C ARG D 128 -9.59 -23.05 46.19
N GLU D 129 -10.64 -23.25 45.37
CA GLU D 129 -10.98 -24.60 44.86
C GLU D 129 -10.38 -25.01 43.51
N GLN D 130 -9.88 -24.05 42.75
CA GLN D 130 -9.38 -24.31 41.39
C GLN D 130 -7.97 -23.88 41.13
N LEU D 131 -7.52 -22.81 41.77
CA LEU D 131 -6.21 -22.25 41.48
C LEU D 131 -5.18 -22.62 42.52
N ALA D 132 -5.55 -22.48 43.79
CA ALA D 132 -4.72 -22.90 44.91
C ALA D 132 -4.08 -24.30 44.75
N PRO D 133 -4.90 -25.35 44.44
CA PRO D 133 -4.30 -26.70 44.33
C PRO D 133 -3.21 -26.81 43.29
N LEU D 134 -3.20 -25.91 42.31
CA LEU D 134 -2.24 -25.94 41.21
C LEU D 134 -0.92 -25.20 41.47
N ALA D 135 -0.84 -24.49 42.58
CA ALA D 135 0.30 -23.62 42.85
C ALA D 135 1.54 -24.39 43.31
N THR D 136 2.68 -24.08 42.67
CA THR D 136 4.00 -24.38 43.22
C THR D 136 4.24 -23.49 44.45
N VAL D 137 4.07 -22.18 44.26
CA VAL D 137 4.07 -21.20 45.35
C VAL D 137 2.74 -20.42 45.30
N ILE D 138 2.20 -20.12 46.48
CA ILE D 138 1.05 -19.23 46.59
C ILE D 138 1.39 -18.18 47.64
N THR D 139 1.05 -16.93 47.35
CA THR D 139 1.62 -15.77 48.06
C THR D 139 0.58 -14.79 48.61
N PRO D 140 -0.35 -15.28 49.46
CA PRO D 140 -1.37 -14.38 49.99
C PRO D 140 -0.79 -13.45 51.04
N ASN D 141 -1.36 -12.26 51.15
CA ASN D 141 -1.12 -11.43 52.32
C ASN D 141 -2.13 -11.79 53.42
N LEU D 142 -2.02 -11.08 54.55
CA LEU D 142 -2.85 -11.33 55.72
C LEU D 142 -4.34 -11.38 55.36
N PHE D 143 -4.82 -10.35 54.63
CA PHE D 143 -6.22 -10.36 54.20
C PHE D 143 -6.50 -11.61 53.36
N GLU D 144 -5.71 -11.79 52.30
CA GLU D 144 -5.90 -12.92 51.36
C GLU D 144 -5.76 -14.28 52.05
N ALA D 145 -4.78 -14.38 52.96
CA ALA D 145 -4.55 -15.61 53.71
C ALA D 145 -5.78 -16.04 54.54
N SER D 146 -6.37 -15.09 55.28
CA SER D 146 -7.51 -15.40 56.12
C SER D 146 -8.74 -15.75 55.28
N GLN D 147 -8.87 -15.13 54.11
CA GLN D 147 -9.89 -15.53 53.14
C GLN D 147 -9.73 -17.00 52.64
N LEU D 148 -8.55 -17.35 52.15
CA LEU D 148 -8.30 -18.71 51.63
C LEU D 148 -8.42 -19.81 52.71
N SER D 149 -7.93 -19.50 53.91
CA SER D 149 -7.96 -20.44 55.03
C SER D 149 -9.33 -20.50 55.72
N GLY D 150 -10.16 -19.48 55.51
CA GLY D 150 -11.47 -19.39 56.14
C GLY D 150 -11.41 -18.98 57.61
N MET D 151 -10.30 -18.37 58.04
CA MET D 151 -10.21 -17.91 59.43
C MET D 151 -10.32 -16.39 59.64
N ASP D 152 -10.20 -15.95 60.89
CA ASP D 152 -10.33 -14.52 61.21
C ASP D 152 -9.06 -13.73 60.88
N GLU D 153 -9.13 -12.42 61.13
CA GLU D 153 -8.03 -11.51 60.84
C GLU D 153 -6.73 -12.04 61.48
N LEU D 154 -5.70 -12.20 60.67
CA LEU D 154 -4.41 -12.63 61.20
C LEU D 154 -3.71 -11.45 61.87
N LYS D 155 -3.33 -11.65 63.11
CA LYS D 155 -2.75 -10.57 63.91
C LYS D 155 -1.33 -10.89 64.40
N THR D 156 -1.05 -12.18 64.63
CA THR D 156 0.25 -12.65 65.14
C THR D 156 0.97 -13.60 64.19
N VAL D 157 2.28 -13.74 64.37
CA VAL D 157 3.08 -14.69 63.59
C VAL D 157 2.53 -16.12 63.71
N ASP D 158 1.87 -16.41 64.83
CA ASP D 158 1.28 -17.73 65.02
C ASP D 158 0.09 -17.95 64.12
N ASP D 159 -0.70 -16.88 63.96
CA ASP D 159 -1.88 -16.86 63.12
C ASP D 159 -1.48 -17.21 61.68
N MET D 160 -0.40 -16.59 61.24
CA MET D 160 0.11 -16.73 59.87
C MET D 160 0.49 -18.19 59.63
N ILE D 161 1.15 -18.77 60.62
CA ILE D 161 1.57 -20.18 60.58
C ILE D 161 0.42 -21.18 60.44
N GLU D 162 -0.64 -21.02 61.24
CA GLU D 162 -1.77 -21.94 61.09
C GLU D 162 -2.61 -21.69 59.82
N ALA D 163 -2.66 -20.44 59.33
CA ALA D 163 -3.19 -20.15 58.00
C ALA D 163 -2.36 -20.85 56.91
N ALA D 164 -1.03 -20.77 57.00
CA ALA D 164 -0.17 -21.40 56.02
C ALA D 164 -0.49 -22.90 55.91
N LYS D 165 -0.61 -23.55 57.07
CA LYS D 165 -0.91 -24.99 57.09
C LYS D 165 -2.27 -25.23 56.46
N LYS D 166 -3.26 -24.43 56.87
CA LYS D 166 -4.62 -24.51 56.34
C LYS D 166 -4.62 -24.33 54.82
N ILE D 167 -3.92 -23.32 54.28
CA ILE D 167 -3.95 -23.11 52.83
C ILE D 167 -3.09 -24.11 52.04
N HIS D 168 -2.00 -24.58 52.64
CA HIS D 168 -1.21 -25.70 52.10
C HIS D 168 -2.06 -26.94 51.92
N ALA D 169 -3.02 -27.13 52.82
CA ALA D 169 -3.93 -28.30 52.78
C ALA D 169 -4.83 -28.31 51.54
N LEU D 170 -4.90 -27.16 50.85
CA LEU D 170 -5.67 -27.02 49.62
C LEU D 170 -4.96 -27.65 48.41
N GLY D 171 -3.65 -27.84 48.52
CA GLY D 171 -2.92 -28.49 47.46
C GLY D 171 -1.76 -27.71 46.90
N ALA D 172 -1.56 -26.49 47.41
CA ALA D 172 -0.39 -25.70 47.06
C ALA D 172 0.86 -26.30 47.72
N GLN D 173 1.92 -26.42 46.93
CA GLN D 173 3.19 -27.00 47.36
C GLN D 173 3.85 -26.17 48.44
N TYR D 174 3.96 -24.87 48.20
CA TYR D 174 4.61 -23.96 49.13
C TYR D 174 3.72 -22.77 49.34
N VAL D 175 3.69 -22.28 50.58
CA VAL D 175 2.90 -21.13 50.91
C VAL D 175 3.83 -20.07 51.49
N VAL D 176 3.72 -18.86 50.96
CA VAL D 176 4.31 -17.71 51.61
C VAL D 176 3.17 -16.81 52.04
N ILE D 177 3.02 -16.65 53.35
CA ILE D 177 2.09 -15.64 53.87
C ILE D 177 2.88 -14.35 54.09
N THR D 178 2.51 -13.31 53.33
CA THR D 178 3.20 -12.03 53.43
C THR D 178 2.55 -11.16 54.51
N GLY D 179 3.40 -10.61 55.40
CA GLY D 179 2.92 -9.79 56.50
C GLY D 179 3.41 -8.35 56.46
N GLY D 180 4.74 -8.19 56.47
CA GLY D 180 5.41 -6.88 56.42
C GLY D 180 4.72 -5.75 57.16
N GLY D 181 4.62 -4.59 56.50
CA GLY D 181 4.04 -3.36 57.06
C GLY D 181 2.67 -3.49 57.73
N LYS D 182 1.84 -4.41 57.26
CA LYS D 182 0.49 -4.60 57.82
C LYS D 182 0.45 -5.50 59.08
N LEU D 183 1.62 -5.97 59.49
CA LEU D 183 1.71 -6.80 60.66
C LEU D 183 2.35 -5.97 61.77
N LYS D 184 1.74 -6.02 62.96
CA LYS D 184 2.31 -5.37 64.15
C LYS D 184 3.52 -6.19 64.60
N HIS D 185 4.71 -5.63 64.43
CA HIS D 185 5.95 -6.36 64.62
C HIS D 185 7.16 -5.44 64.44
N GLU D 186 8.27 -5.85 65.01
CA GLU D 186 9.50 -5.10 64.96
C GLU D 186 10.17 -5.21 63.58
N LYS D 187 9.90 -6.33 62.89
CA LYS D 187 10.51 -6.61 61.58
C LYS D 187 9.49 -6.88 60.48
N ALA D 188 9.95 -6.85 59.23
CA ALA D 188 9.11 -7.19 58.09
C ALA D 188 9.12 -8.71 57.89
N VAL D 189 8.07 -9.37 58.39
CA VAL D 189 8.03 -10.83 58.46
C VAL D 189 7.04 -11.50 57.51
N ASP D 190 7.53 -12.50 56.80
CA ASP D 190 6.68 -13.42 56.06
C ASP D 190 6.88 -14.84 56.54
N VAL D 191 5.85 -15.67 56.36
CA VAL D 191 5.90 -17.07 56.77
C VAL D 191 5.92 -18.03 55.57
N LEU D 192 7.04 -18.74 55.42
CA LEU D 192 7.26 -19.73 54.38
C LEU D 192 7.03 -21.15 54.90
N TYR D 193 6.12 -21.88 54.26
CA TYR D 193 5.77 -23.24 54.67
C TYR D 193 5.83 -24.24 53.50
N ASP D 194 6.69 -25.26 53.62
CA ASP D 194 6.56 -26.43 52.74
C ASP D 194 5.48 -27.37 53.31
N GLY D 195 5.46 -28.63 52.90
CA GLY D 195 4.55 -29.58 53.54
C GLY D 195 4.79 -29.74 55.04
N GLU D 196 6.02 -29.39 55.45
CA GLU D 196 6.61 -29.88 56.67
C GLU D 196 6.76 -28.86 57.77
N THR D 197 7.64 -27.88 57.57
CA THR D 197 7.96 -26.90 58.61
C THR D 197 7.75 -25.44 58.18
N ALA D 198 7.45 -24.60 59.15
CA ALA D 198 7.31 -23.18 58.94
C ALA D 198 8.61 -22.41 59.25
N GLU D 199 9.02 -21.58 58.30
CA GLU D 199 10.13 -20.70 58.51
C GLU D 199 9.62 -19.27 58.54
N VAL D 200 10.21 -18.45 59.40
CA VAL D 200 9.84 -17.05 59.50
C VAL D 200 10.94 -16.27 58.78
N LEU D 201 10.60 -15.63 57.67
CA LEU D 201 11.52 -14.79 56.91
C LEU D 201 11.51 -13.40 57.50
N GLU D 202 12.69 -12.83 57.71
CA GLU D 202 12.75 -11.47 58.26
C GLU D 202 13.67 -10.55 57.47
N SER D 203 13.24 -9.29 57.35
CA SER D 203 14.04 -8.24 56.76
C SER D 203 13.76 -7.00 57.57
N GLU D 204 14.61 -6.00 57.39
CA GLU D 204 14.37 -4.68 57.98
C GLU D 204 12.95 -4.20 57.63
N MET D 205 12.25 -3.62 58.60
CA MET D 205 11.02 -2.87 58.35
C MET D 205 11.44 -1.53 57.81
N ILE D 206 10.88 -1.16 56.65
CA ILE D 206 11.11 0.18 56.14
C ILE D 206 9.90 1.00 56.52
N ASP D 207 10.13 2.08 57.27
CA ASP D 207 9.06 2.99 57.66
C ASP D 207 8.71 3.84 56.42
N THR D 208 7.66 3.41 55.73
CA THR D 208 7.21 4.05 54.51
C THR D 208 5.81 3.59 54.14
N PRO D 209 4.96 4.52 53.69
CA PRO D 209 3.63 4.15 53.19
C PRO D 209 3.68 3.87 51.69
N TYR D 210 4.88 3.88 51.13
CA TYR D 210 5.08 3.65 49.71
C TYR D 210 5.37 2.18 49.40
N THR D 211 4.32 1.36 49.44
CA THR D 211 4.44 -0.08 49.17
C THR D 211 3.43 -0.57 48.13
N HIS D 212 2.96 0.34 47.28
CA HIS D 212 2.05 0.00 46.17
C HIS D 212 2.73 -0.96 45.22
N GLY D 213 2.06 -2.09 44.99
CA GLY D 213 2.51 -3.12 44.05
C GLY D 213 3.62 -4.02 44.60
N ALA D 214 3.86 -3.94 45.91
CA ALA D 214 4.87 -4.72 46.59
C ALA D 214 4.59 -6.20 46.44
N GLY D 215 3.33 -6.59 46.66
CA GLY D 215 2.88 -7.97 46.56
C GLY D 215 3.08 -8.51 45.16
N CYS D 216 2.71 -7.71 44.15
CA CYS D 216 2.89 -8.09 42.74
C CYS D 216 4.36 -8.25 42.41
N THR D 217 5.18 -7.40 43.04
CA THR D 217 6.60 -7.39 42.77
C THR D 217 7.30 -8.57 43.43
N PHE D 218 6.84 -8.92 44.64
CA PHE D 218 7.34 -10.09 45.35
C PHE D 218 7.09 -11.36 44.55
N SER D 219 5.82 -11.60 44.22
CA SER D 219 5.43 -12.79 43.45
C SER D 219 6.12 -12.82 42.08
N ALA D 220 6.31 -11.62 41.51
CA ALA D 220 7.00 -11.50 40.23
C ALA D 220 8.43 -11.97 40.43
N ALA D 221 9.04 -11.48 41.49
CA ALA D 221 10.44 -11.82 41.82
C ALA D 221 10.64 -13.33 42.11
N VAL D 222 9.65 -13.98 42.71
CA VAL D 222 9.67 -15.44 42.88
C VAL D 222 9.61 -16.07 41.51
N THR D 223 8.62 -15.69 40.70
CA THR D 223 8.45 -16.25 39.35
C THR D 223 9.74 -16.16 38.53
N ALA D 224 10.35 -14.97 38.51
CA ALA D 224 11.55 -14.74 37.72
C ALA D 224 12.63 -15.72 38.12
N GLU D 225 12.83 -15.80 39.43
CA GLU D 225 13.87 -16.64 40.02
C GLU D 225 13.64 -18.14 39.72
N LEU D 226 12.39 -18.59 39.86
CA LEU D 226 12.01 -19.93 39.46
C LEU D 226 12.25 -20.22 37.97
N ALA D 227 12.04 -19.22 37.13
CA ALA D 227 12.24 -19.37 35.68
C ALA D 227 13.71 -19.61 35.32
N LYS D 228 14.62 -19.04 36.11
CA LYS D 228 16.07 -19.16 35.87
C LYS D 228 16.63 -20.45 36.47
N GLY D 229 15.75 -21.30 37.02
CA GLY D 229 16.11 -22.65 37.46
C GLY D 229 16.41 -22.82 38.94
N ALA D 230 16.12 -21.80 39.74
CA ALA D 230 16.45 -21.83 41.17
C ALA D 230 15.52 -22.80 41.90
N GLU D 231 15.97 -23.22 43.09
CA GLU D 231 15.14 -23.99 44.01
C GLU D 231 14.05 -23.08 44.57
N VAL D 232 12.89 -23.66 44.83
CA VAL D 232 11.74 -22.89 45.31
C VAL D 232 12.10 -21.99 46.51
N LYS D 233 12.64 -22.57 47.56
CA LYS D 233 13.06 -21.79 48.73
C LYS D 233 14.14 -20.77 48.39
N GLU D 234 15.09 -21.17 47.55
CA GLU D 234 16.17 -20.30 47.14
C GLU D 234 15.55 -19.05 46.50
N ALA D 235 14.55 -19.28 45.64
CA ALA D 235 13.89 -18.21 44.90
C ALA D 235 13.12 -17.29 45.86
N ILE D 236 12.39 -17.87 46.80
CA ILE D 236 11.64 -17.08 47.76
C ILE D 236 12.56 -16.17 48.58
N TYR D 237 13.68 -16.70 49.08
CA TYR D 237 14.70 -15.85 49.73
C TYR D 237 15.13 -14.69 48.82
N ALA D 238 15.57 -15.02 47.59
CA ALA D 238 15.97 -14.01 46.61
C ALA D 238 14.91 -12.94 46.43
N ALA D 239 13.64 -13.35 46.32
CA ALA D 239 12.52 -12.42 46.14
C ALA D 239 12.30 -11.55 47.38
N LYS D 240 12.50 -12.16 48.56
CA LYS D 240 12.46 -11.40 49.80
C LYS D 240 13.53 -10.29 49.82
N GLU D 241 14.69 -10.61 49.26
CA GLU D 241 15.80 -9.67 49.17
C GLU D 241 15.43 -8.50 48.24
N PHE D 242 14.74 -8.84 47.15
CA PHE D 242 14.39 -7.90 46.09
C PHE D 242 13.39 -6.82 46.54
N ILE D 243 12.19 -7.17 47.00
CA ILE D 243 11.27 -6.11 47.48
C ILE D 243 11.82 -5.31 48.65
N THR D 244 12.51 -5.96 49.58
CA THR D 244 13.15 -5.21 50.67
C THR D 244 13.97 -4.02 50.08
N ALA D 245 14.81 -4.31 49.09
CA ALA D 245 15.63 -3.27 48.46
C ALA D 245 14.72 -2.28 47.73
N ALA D 246 13.69 -2.82 47.05
CA ALA D 246 12.78 -2.00 46.26
C ALA D 246 11.84 -1.12 47.13
N ILE D 247 11.43 -1.62 48.30
CA ILE D 247 10.66 -0.81 49.25
C ILE D 247 11.55 0.24 49.95
N LYS D 248 12.79 -0.15 50.27
CA LYS D 248 13.72 0.76 50.94
C LYS D 248 13.92 2.05 50.11
N GLU D 249 13.89 1.91 48.79
CA GLU D 249 14.11 3.04 47.88
C GLU D 249 12.80 3.53 47.24
N SER D 250 11.66 3.21 47.88
CA SER D 250 10.34 3.58 47.37
C SER D 250 10.11 5.09 47.50
N PHE D 251 9.16 5.60 46.70
CA PHE D 251 8.92 7.05 46.55
C PHE D 251 7.47 7.36 46.15
N PRO D 252 7.05 8.64 46.28
CA PRO D 252 5.69 8.97 45.87
C PRO D 252 5.61 9.40 44.41
N LEU D 253 4.44 9.13 43.81
CA LEU D 253 4.15 9.54 42.44
C LEU D 253 3.26 10.77 42.49
N ASN D 254 2.27 10.71 43.39
CA ASN D 254 1.43 11.85 43.77
C ASN D 254 0.95 11.62 45.21
N GLN D 255 -0.15 12.26 45.62
CA GLN D 255 -0.50 12.17 47.02
C GLN D 255 -1.29 10.93 47.38
N TYR D 256 -1.57 10.09 46.39
CA TYR D 256 -2.33 8.86 46.62
C TYR D 256 -1.49 7.60 46.55
N VAL D 257 -0.36 7.66 45.87
CA VAL D 257 0.28 6.42 45.50
C VAL D 257 1.78 6.54 45.36
N GLY D 258 2.47 5.54 45.91
CA GLY D 258 3.92 5.48 45.93
C GLY D 258 4.34 4.06 45.67
N PRO D 259 4.94 3.81 44.49
CA PRO D 259 5.35 2.47 44.10
C PRO D 259 6.72 2.11 44.68
N THR D 260 7.12 0.86 44.49
CA THR D 260 8.47 0.42 44.91
C THR D 260 9.46 0.73 43.76
N LYS D 261 10.75 0.73 44.06
CA LYS D 261 11.73 0.98 43.01
C LYS D 261 12.43 -0.33 42.57
N HIS D 262 11.95 -0.89 41.48
CA HIS D 262 12.40 -2.19 41.02
C HIS D 262 13.91 -2.25 40.73
N SER D 263 14.48 -1.12 40.31
CA SER D 263 15.91 -1.06 39.99
C SER D 263 16.80 -0.97 41.23
N ALA D 264 16.19 -0.94 42.42
CA ALA D 264 16.95 -0.66 43.66
C ALA D 264 18.05 -1.68 43.93
N LEU D 265 17.73 -2.97 43.81
CA LEU D 265 18.72 -4.03 44.06
C LEU D 265 19.90 -3.87 43.10
N ARG D 266 19.59 -3.62 41.83
CA ARG D 266 20.60 -3.45 40.79
C ARG D 266 21.54 -2.26 41.02
N LEU D 267 20.99 -1.09 41.37
CA LEU D 267 21.78 0.15 41.52
C LEU D 267 22.66 0.21 42.81
N ASN D 268 22.10 -0.21 43.94
CA ASN D 268 22.85 -0.41 45.19
C ASN D 268 23.66 -1.70 45.16
N SER E 2 21.38 46.30 -39.44
CA SER E 2 21.12 47.01 -38.17
C SER E 2 20.10 46.19 -37.40
N MET E 3 20.30 44.87 -37.39
CA MET E 3 19.39 44.02 -36.63
C MET E 3 20.05 42.98 -35.75
N HIS E 4 19.60 42.88 -34.51
CA HIS E 4 19.96 41.76 -33.69
C HIS E 4 19.27 40.53 -34.25
N LYS E 5 19.80 39.35 -33.94
CA LYS E 5 19.33 38.11 -34.55
C LYS E 5 18.98 37.05 -33.50
N ALA E 6 17.92 36.28 -33.74
CA ALA E 6 17.57 35.16 -32.87
C ALA E 6 17.23 33.88 -33.64
N LEU E 7 17.65 32.75 -33.09
CA LEU E 7 17.29 31.44 -33.58
C LEU E 7 16.18 30.79 -32.73
N THR E 8 15.20 30.18 -33.41
CA THR E 8 14.29 29.27 -32.72
C THR E 8 14.40 27.86 -33.27
N ILE E 9 14.65 26.90 -32.39
CA ILE E 9 14.60 25.49 -32.80
C ILE E 9 13.26 24.94 -32.32
N ALA E 10 12.29 24.88 -33.21
CA ALA E 10 10.91 24.63 -32.82
C ALA E 10 10.05 24.11 -33.98
N GLY E 11 8.77 23.90 -33.70
CA GLY E 11 7.85 23.35 -34.68
C GLY E 11 6.88 24.33 -35.32
N SER E 12 6.37 23.97 -36.49
CA SER E 12 5.36 24.76 -37.18
C SER E 12 3.99 24.49 -36.58
N ASP E 13 3.27 25.58 -36.24
CA ASP E 13 1.85 25.50 -35.86
C ASP E 13 0.99 26.00 -37.01
N SER E 14 0.28 25.08 -37.65
CA SER E 14 -0.56 25.42 -38.81
C SER E 14 -1.60 26.50 -38.46
N SER E 15 -2.06 26.53 -37.21
CA SER E 15 -3.07 27.52 -36.84
C SER E 15 -2.51 28.93 -36.57
N GLY E 16 -1.20 29.02 -36.42
CA GLY E 16 -0.50 30.32 -36.51
C GLY E 16 -0.29 31.08 -35.22
N GLY E 17 -0.63 30.48 -34.09
CA GLY E 17 -0.53 31.20 -32.83
C GLY E 17 0.56 30.72 -31.91
N ALA E 18 1.04 29.51 -32.18
CA ALA E 18 2.09 28.89 -31.38
C ALA E 18 3.35 28.62 -32.23
N GLY E 19 4.32 27.88 -31.68
CA GLY E 19 5.52 27.45 -32.42
C GLY E 19 6.26 28.48 -33.21
N ILE E 20 6.83 28.05 -34.33
CA ILE E 20 7.51 28.91 -35.31
C ILE E 20 6.84 30.25 -35.58
N GLN E 21 5.52 30.20 -35.80
CA GLN E 21 4.70 31.35 -36.10
C GLN E 21 4.71 32.35 -34.93
N ALA E 22 4.46 31.85 -33.73
CA ALA E 22 4.49 32.71 -32.56
C ALA E 22 5.88 33.30 -32.38
N ASP E 23 6.90 32.50 -32.63
CA ASP E 23 8.25 32.94 -32.40
C ASP E 23 8.64 34.06 -33.37
N LEU E 24 8.40 33.83 -34.65
CA LEU E 24 8.69 34.85 -35.66
C LEU E 24 7.90 36.11 -35.42
N LYS E 25 6.61 35.95 -35.16
CA LYS E 25 5.72 37.10 -34.95
C LYS E 25 6.21 37.91 -33.74
N THR E 26 6.50 37.24 -32.64
CA THR E 26 7.11 37.89 -31.47
C THR E 26 8.44 38.57 -31.80
N PHE E 27 9.33 37.83 -32.46
CA PHE E 27 10.62 38.37 -32.84
C PHE E 27 10.46 39.63 -33.66
N GLN E 28 9.54 39.60 -34.60
CA GLN E 28 9.36 40.75 -35.47
C GLN E 28 8.80 41.98 -34.74
N GLU E 29 7.79 41.79 -33.90
CA GLU E 29 7.25 42.90 -33.12
C GLU E 29 8.35 43.67 -32.36
N LYS E 30 9.33 42.93 -31.86
CA LYS E 30 10.40 43.45 -31.05
C LYS E 30 11.64 43.67 -31.85
N ASN E 31 11.51 43.72 -33.18
CA ASN E 31 12.56 44.17 -34.09
C ASN E 31 13.80 43.29 -34.00
N VAL E 32 13.60 41.99 -33.84
CA VAL E 32 14.67 41.02 -33.87
C VAL E 32 14.52 40.13 -35.10
N TYR E 33 15.58 40.09 -35.91
CA TYR E 33 15.64 39.22 -37.08
C TYR E 33 15.54 37.73 -36.70
N GLY E 34 14.44 37.10 -37.09
CA GLY E 34 14.17 35.70 -36.72
C GLY E 34 14.62 34.67 -37.72
N MET E 35 15.09 33.53 -37.22
CA MET E 35 15.43 32.39 -38.07
C MET E 35 14.98 31.09 -37.40
N THR E 36 14.46 30.19 -38.23
CA THR E 36 13.82 28.99 -37.75
C THR E 36 14.55 27.73 -38.18
N ALA E 37 14.86 26.87 -37.22
CA ALA E 37 15.20 25.51 -37.55
C ALA E 37 13.96 24.66 -37.27
N LEU E 38 13.17 24.36 -38.31
CA LEU E 38 11.90 23.64 -38.14
C LEU E 38 12.13 22.19 -37.71
N THR E 39 11.47 21.76 -36.62
CA THR E 39 11.65 20.38 -36.11
C THR E 39 10.48 19.45 -36.39
N VAL E 40 9.27 19.99 -36.47
CA VAL E 40 8.04 19.27 -36.79
C VAL E 40 7.06 20.16 -37.52
N ILE E 41 6.17 19.55 -38.28
CA ILE E 41 4.99 20.22 -38.78
C ILE E 41 3.76 19.63 -38.08
N VAL E 42 3.00 20.47 -37.37
CA VAL E 42 1.75 20.07 -36.68
C VAL E 42 0.51 20.72 -37.35
N ALA E 43 -0.46 19.89 -37.73
CA ALA E 43 -1.71 20.35 -38.31
C ALA E 43 -2.82 19.97 -37.33
N MET E 44 -4.03 20.48 -37.56
CA MET E 44 -5.20 20.14 -36.75
C MET E 44 -6.35 19.79 -37.67
N ASP E 45 -6.91 18.60 -37.47
CA ASP E 45 -7.94 18.05 -38.35
C ASP E 45 -9.30 18.76 -38.20
N PRO E 46 -9.69 19.55 -39.23
CA PRO E 46 -10.95 20.29 -39.09
C PRO E 46 -12.19 19.38 -38.91
N ASN E 47 -12.23 18.21 -39.52
CA ASN E 47 -13.37 17.34 -39.30
C ASN E 47 -12.97 16.13 -38.47
N ASN E 48 -12.55 16.42 -37.25
CA ASN E 48 -12.14 15.43 -36.27
C ASN E 48 -11.74 16.16 -34.98
N SER E 49 -12.54 17.17 -34.65
CA SER E 49 -12.43 17.93 -33.40
C SER E 49 -11.04 18.48 -33.13
N TRP E 50 -10.43 19.08 -34.16
CA TRP E 50 -9.15 19.78 -34.05
C TRP E 50 -8.04 18.88 -33.54
N ASN E 51 -8.12 17.62 -33.89
CA ASN E 51 -7.11 16.66 -33.50
C ASN E 51 -5.73 16.93 -34.14
N HIS E 52 -4.71 16.99 -33.28
CA HIS E 52 -3.34 17.22 -33.68
C HIS E 52 -2.80 16.12 -34.59
N GLN E 53 -2.36 16.49 -35.78
CA GLN E 53 -1.69 15.56 -36.67
C GLN E 53 -0.22 16.03 -36.65
N VAL E 54 0.70 15.16 -36.24
CA VAL E 54 2.12 15.57 -36.15
C VAL E 54 3.06 14.86 -37.12
N PHE E 55 3.80 15.67 -37.87
CA PHE E 55 4.61 15.18 -38.96
C PHE E 55 6.02 15.61 -38.66
N PRO E 56 6.85 14.67 -38.18
CA PRO E 56 8.19 15.06 -37.73
C PRO E 56 9.16 15.23 -38.91
N ILE E 57 10.14 16.11 -38.76
CA ILE E 57 11.11 16.41 -39.82
C ILE E 57 12.41 15.64 -39.63
N ASP E 58 12.95 15.09 -40.72
CA ASP E 58 14.21 14.34 -40.68
C ASP E 58 15.34 15.05 -39.95
N THR E 59 15.96 14.35 -39.00
CA THR E 59 17.08 14.88 -38.22
C THR E 59 18.13 15.60 -39.08
N ASP E 60 18.41 15.05 -40.26
CA ASP E 60 19.38 15.64 -41.17
C ASP E 60 18.98 16.99 -41.68
N THR E 61 17.66 17.16 -41.89
CA THR E 61 17.08 18.41 -42.38
C THR E 61 17.20 19.44 -41.28
N ILE E 62 16.90 19.05 -40.06
CA ILE E 62 17.07 19.94 -38.91
C ILE E 62 18.54 20.37 -38.79
N ARG E 63 19.45 19.41 -38.84
CA ARG E 63 20.90 19.67 -38.83
C ARG E 63 21.34 20.67 -39.90
N ALA E 64 20.84 20.51 -41.12
CA ALA E 64 21.15 21.45 -42.21
C ALA E 64 20.66 22.87 -41.95
N GLN E 65 19.41 23.03 -41.50
CA GLN E 65 18.92 24.36 -41.13
C GLN E 65 19.83 24.98 -40.03
N LEU E 66 20.19 24.17 -39.03
CA LEU E 66 21.03 24.65 -37.94
C LEU E 66 22.38 25.12 -38.45
N ALA E 67 22.93 24.33 -39.38
CA ALA E 67 24.23 24.63 -39.97
C ALA E 67 24.23 26.04 -40.58
N THR E 68 23.29 26.29 -41.48
CA THR E 68 23.17 27.61 -42.08
C THR E 68 22.92 28.73 -41.05
N ILE E 69 22.02 28.53 -40.11
CA ILE E 69 21.77 29.55 -39.12
C ILE E 69 22.96 29.77 -38.17
N THR E 70 23.49 28.70 -37.56
CA THR E 70 24.53 28.87 -36.53
C THR E 70 25.94 29.06 -37.09
N ASP E 71 26.30 28.31 -38.13
CA ASP E 71 27.62 28.45 -38.79
C ASP E 71 27.70 29.59 -39.77
N GLY E 72 26.62 29.85 -40.49
CA GLY E 72 26.68 30.71 -41.66
C GLY E 72 26.37 32.15 -41.38
N ILE E 73 25.52 32.36 -40.37
CA ILE E 73 25.12 33.67 -39.86
C ILE E 73 25.33 33.45 -38.40
N GLY E 74 25.38 34.46 -37.56
CA GLY E 74 25.35 34.14 -36.12
C GLY E 74 24.03 34.49 -35.46
N VAL E 75 23.84 34.10 -34.20
CA VAL E 75 22.66 34.58 -33.43
C VAL E 75 23.01 35.22 -32.09
N ASP E 76 22.27 36.25 -31.71
CA ASP E 76 22.53 36.90 -30.44
C ASP E 76 21.85 36.22 -29.27
N ALA E 77 20.76 35.52 -29.56
CA ALA E 77 20.03 34.72 -28.58
C ALA E 77 19.36 33.57 -29.33
N MET E 78 18.69 32.70 -28.59
CA MET E 78 18.20 31.45 -29.11
C MET E 78 17.19 30.83 -28.15
N LYS E 79 16.17 30.18 -28.70
CA LYS E 79 15.25 29.37 -27.90
C LYS E 79 15.03 28.00 -28.52
N THR E 80 14.66 27.05 -27.67
CA THR E 80 14.11 25.79 -28.13
C THR E 80 12.63 25.73 -27.81
N GLY E 81 11.84 25.30 -28.79
CA GLY E 81 10.41 25.05 -28.60
C GLY E 81 10.18 23.57 -28.58
N MET E 82 9.17 23.13 -29.32
CA MET E 82 8.84 21.69 -29.43
C MET E 82 9.98 20.93 -30.13
N LEU E 83 10.60 20.04 -29.36
CA LEU E 83 11.61 19.13 -29.87
C LEU E 83 11.07 17.75 -29.65
N PRO E 84 10.38 17.20 -30.67
CA PRO E 84 9.46 16.06 -30.47
C PRO E 84 10.08 14.69 -30.14
N THR E 85 11.40 14.58 -30.14
CA THR E 85 12.11 13.31 -30.25
C THR E 85 13.45 13.41 -29.55
N VAL E 86 13.80 12.42 -28.74
CA VAL E 86 15.09 12.45 -28.03
C VAL E 86 16.28 12.82 -28.96
N ASP E 87 16.33 12.23 -30.16
CA ASP E 87 17.37 12.55 -31.16
C ASP E 87 17.44 14.03 -31.46
N ILE E 88 16.27 14.65 -31.57
CA ILE E 88 16.15 16.09 -31.76
C ILE E 88 16.59 16.88 -30.52
N ILE E 89 16.22 16.42 -29.33
CA ILE E 89 16.72 17.09 -28.11
C ILE E 89 18.27 17.07 -28.07
N GLU E 90 18.85 15.91 -28.39
CA GLU E 90 20.29 15.73 -28.36
C GLU E 90 20.94 16.58 -29.42
N LEU E 91 20.34 16.62 -30.61
CA LEU E 91 20.82 17.53 -31.65
C LEU E 91 20.87 18.98 -31.21
N ALA E 92 19.75 19.49 -30.69
CA ALA E 92 19.68 20.85 -30.14
C ALA E 92 20.72 21.08 -29.06
N ALA E 93 20.86 20.11 -28.14
CA ALA E 93 21.81 20.22 -27.04
C ALA E 93 23.22 20.22 -27.63
N LYS E 94 23.43 19.36 -28.62
CA LYS E 94 24.74 19.22 -29.24
C LYS E 94 25.12 20.52 -29.90
N THR E 95 24.17 21.11 -30.62
CA THR E 95 24.38 22.35 -31.33
C THR E 95 24.69 23.53 -30.38
N ILE E 96 23.93 23.66 -29.30
CA ILE E 96 24.14 24.72 -28.30
C ILE E 96 25.57 24.69 -27.69
N LYS E 97 25.98 23.50 -27.20
CA LYS E 97 27.35 23.28 -26.72
C LYS E 97 28.41 23.60 -27.76
N GLU E 98 28.41 22.84 -28.87
CA GLU E 98 29.45 23.00 -29.91
C GLU E 98 29.57 24.41 -30.50
N LYS E 99 28.44 25.08 -30.69
CA LYS E 99 28.47 26.38 -31.31
C LYS E 99 28.57 27.48 -30.25
N GLN E 100 28.56 27.05 -28.99
CA GLN E 100 28.64 27.95 -27.83
C GLN E 100 27.63 29.08 -27.84
N LEU E 101 26.37 28.73 -28.10
CA LEU E 101 25.29 29.68 -28.24
C LEU E 101 24.98 30.39 -26.94
N LYS E 102 24.73 31.70 -27.07
CA LYS E 102 24.52 32.59 -25.94
C LYS E 102 23.05 32.87 -25.73
N ASN E 103 22.68 33.31 -24.53
CA ASN E 103 21.31 33.58 -24.16
C ASN E 103 20.37 32.50 -24.64
N VAL E 104 20.48 31.35 -24.00
CA VAL E 104 19.77 30.13 -24.36
C VAL E 104 18.46 30.04 -23.59
N VAL E 105 17.35 30.27 -24.27
CA VAL E 105 16.05 30.13 -23.62
C VAL E 105 15.41 28.81 -23.98
N ILE E 106 15.31 27.93 -23.00
CA ILE E 106 14.75 26.61 -23.21
C ILE E 106 13.30 26.50 -22.72
N ASP E 107 12.37 26.47 -23.66
CA ASP E 107 10.97 26.26 -23.32
C ASP E 107 10.70 24.78 -23.42
N PRO E 108 10.59 24.10 -22.28
CA PRO E 108 10.62 22.65 -22.28
C PRO E 108 9.28 22.01 -22.66
N VAL E 109 8.79 22.28 -23.87
CA VAL E 109 7.55 21.68 -24.37
C VAL E 109 7.56 20.16 -24.29
N MET E 110 6.60 19.58 -23.57
CA MET E 110 6.51 18.13 -23.46
C MET E 110 5.65 17.50 -24.55
N VAL E 111 6.01 16.28 -24.95
CA VAL E 111 5.27 15.61 -26.03
C VAL E 111 4.07 14.86 -25.48
N CYS E 112 4.16 13.55 -25.30
CA CYS E 112 2.97 12.72 -25.03
C CYS E 112 2.32 12.88 -23.67
N LYS E 113 1.67 14.02 -23.42
CA LYS E 113 0.93 14.27 -22.18
C LYS E 113 -0.13 13.18 -21.98
N GLY E 114 -0.53 12.98 -20.72
CA GLY E 114 -1.53 11.97 -20.36
C GLY E 114 -2.40 12.47 -19.23
N ALA E 115 -2.03 12.10 -18.00
CA ALA E 115 -2.66 12.65 -16.79
C ALA E 115 -1.79 13.79 -16.26
N ASN E 116 -0.83 13.43 -15.41
CA ASN E 116 0.18 14.40 -14.94
C ASN E 116 1.52 13.76 -15.11
N GLU E 117 1.57 12.93 -16.15
CA GLU E 117 2.80 12.25 -16.54
C GLU E 117 2.99 12.35 -18.05
N VAL E 118 4.23 12.24 -18.47
CA VAL E 118 4.56 12.16 -19.87
C VAL E 118 4.69 10.65 -20.19
N LEU E 119 4.16 10.25 -21.36
CA LEU E 119 4.13 8.85 -21.80
C LEU E 119 5.35 8.50 -22.64
N TYR E 120 6.24 9.48 -22.80
CA TYR E 120 7.46 9.28 -23.53
C TYR E 120 8.55 9.66 -22.54
N PRO E 121 8.85 8.75 -21.58
CA PRO E 121 9.69 9.05 -20.43
C PRO E 121 11.05 9.61 -20.79
N GLU E 122 11.75 8.98 -21.72
CA GLU E 122 13.10 9.43 -22.03
C GLU E 122 13.18 10.78 -22.73
N HIS E 123 12.08 11.24 -23.33
CA HIS E 123 12.01 12.59 -23.91
C HIS E 123 12.13 13.60 -22.79
N ALA E 124 11.23 13.52 -21.80
CA ALA E 124 11.28 14.39 -20.61
C ALA E 124 12.63 14.29 -19.89
N GLN E 125 13.17 13.08 -19.83
CA GLN E 125 14.47 12.85 -19.21
C GLN E 125 15.60 13.53 -19.98
N ALA E 126 15.52 13.51 -21.32
CA ALA E 126 16.53 14.15 -22.15
C ALA E 126 16.50 15.66 -21.93
N LEU E 127 15.30 16.17 -21.66
CA LEU E 127 15.04 17.59 -21.44
C LEU E 127 15.69 17.99 -20.14
N ARG E 128 15.53 17.14 -19.13
CA ARG E 128 16.03 17.33 -17.78
C ARG E 128 17.55 17.24 -17.69
N GLU E 129 18.11 16.19 -18.29
CA GLU E 129 19.52 15.87 -18.17
C GLU E 129 20.43 16.50 -19.20
N GLN E 130 19.88 16.92 -20.33
CA GLN E 130 20.71 17.38 -21.42
C GLN E 130 20.50 18.82 -21.82
N LEU E 131 19.24 19.27 -21.80
CA LEU E 131 18.90 20.61 -22.26
C LEU E 131 18.78 21.64 -21.13
N ALA E 132 18.15 21.25 -20.03
CA ALA E 132 18.03 22.13 -18.87
C ALA E 132 19.35 22.74 -18.38
N PRO E 133 20.43 21.92 -18.25
CA PRO E 133 21.64 22.48 -17.70
C PRO E 133 22.23 23.57 -18.60
N LEU E 134 21.83 23.60 -19.87
CA LEU E 134 22.34 24.56 -20.84
C LEU E 134 21.57 25.86 -20.88
N ALA E 135 20.48 25.95 -20.12
CA ALA E 135 19.62 27.12 -20.19
C ALA E 135 20.16 28.35 -19.47
N THR E 136 20.03 29.50 -20.11
CA THR E 136 20.17 30.80 -19.45
C THR E 136 18.86 31.02 -18.73
N VAL E 137 17.76 30.92 -19.47
CA VAL E 137 16.41 30.91 -18.87
C VAL E 137 15.69 29.63 -19.29
N ILE E 138 14.92 29.03 -18.37
CA ILE E 138 14.09 27.88 -18.75
C ILE E 138 12.69 28.20 -18.24
N THR E 139 11.68 27.94 -19.08
CA THR E 139 10.33 28.50 -18.87
C THR E 139 9.22 27.48 -18.86
N PRO E 140 9.24 26.53 -17.90
CA PRO E 140 8.18 25.52 -17.83
C PRO E 140 6.87 26.06 -17.29
N ASN E 141 5.76 25.53 -17.78
CA ASN E 141 4.47 25.82 -17.15
C ASN E 141 4.19 24.78 -16.08
N LEU E 142 3.01 24.83 -15.49
CA LEU E 142 2.75 24.03 -14.30
C LEU E 142 2.99 22.55 -14.54
N PHE E 143 2.50 22.07 -15.68
CA PHE E 143 2.68 20.68 -16.07
C PHE E 143 4.15 20.36 -16.30
N GLU E 144 4.77 21.11 -17.21
CA GLU E 144 6.19 20.99 -17.55
C GLU E 144 7.13 21.07 -16.36
N ALA E 145 6.80 21.97 -15.42
CA ALA E 145 7.58 22.18 -14.23
C ALA E 145 7.61 20.94 -13.35
N SER E 146 6.43 20.33 -13.17
CA SER E 146 6.28 19.18 -12.28
C SER E 146 6.95 17.95 -12.89
N GLN E 147 6.95 17.90 -14.20
CA GLN E 147 7.68 16.88 -14.94
C GLN E 147 9.20 16.99 -14.80
N LEU E 148 9.76 18.19 -14.92
CA LEU E 148 11.18 18.40 -14.76
C LEU E 148 11.64 18.23 -13.32
N SER E 149 10.80 18.63 -12.38
CA SER E 149 11.19 18.64 -10.99
C SER E 149 10.93 17.32 -10.31
N GLY E 150 10.12 16.48 -10.95
CA GLY E 150 9.83 15.14 -10.48
C GLY E 150 8.74 15.13 -9.43
N MET E 151 8.03 16.24 -9.28
CA MET E 151 7.00 16.34 -8.25
C MET E 151 5.55 16.29 -8.76
N ASP E 152 4.60 16.33 -7.84
CA ASP E 152 3.20 16.25 -8.17
C ASP E 152 2.67 17.53 -8.77
N GLU E 153 1.46 17.46 -9.30
CA GLU E 153 0.80 18.63 -9.84
C GLU E 153 0.94 19.85 -8.92
N LEU E 154 1.44 20.94 -9.51
CA LEU E 154 1.61 22.20 -8.81
C LEU E 154 0.27 22.90 -8.72
N LYS E 155 -0.09 23.34 -7.51
CA LYS E 155 -1.39 23.98 -7.27
C LYS E 155 -1.30 25.36 -6.63
N THR E 156 -0.19 25.60 -5.92
CA THR E 156 0.02 26.83 -5.15
C THR E 156 1.33 27.51 -5.56
N VAL E 157 1.43 28.81 -5.30
CA VAL E 157 2.66 29.54 -5.57
C VAL E 157 3.84 28.91 -4.83
N ASP E 158 3.58 28.32 -3.65
CA ASP E 158 4.61 27.62 -2.88
C ASP E 158 5.18 26.47 -3.64
N ASP E 159 4.30 25.74 -4.31
CA ASP E 159 4.66 24.63 -5.16
C ASP E 159 5.57 25.10 -6.30
N MET E 160 5.21 26.19 -6.94
CA MET E 160 6.01 26.73 -8.02
C MET E 160 7.42 27.07 -7.53
N ILE E 161 7.50 27.72 -6.37
CA ILE E 161 8.76 28.04 -5.75
C ILE E 161 9.67 26.82 -5.53
N GLU E 162 9.14 25.73 -5.01
CA GLU E 162 10.05 24.63 -4.74
C GLU E 162 10.39 23.88 -6.03
N ALA E 163 9.48 23.91 -7.00
CA ALA E 163 9.76 23.37 -8.34
C ALA E 163 10.88 24.15 -8.99
N ALA E 164 10.83 25.47 -8.89
CA ALA E 164 11.88 26.33 -9.41
C ALA E 164 13.24 25.97 -8.81
N LYS E 165 13.31 25.84 -7.49
CA LYS E 165 14.54 25.48 -6.81
C LYS E 165 15.03 24.14 -7.29
N LYS E 166 14.11 23.20 -7.46
CA LYS E 166 14.47 21.86 -7.92
C LYS E 166 14.97 21.89 -9.36
N ILE E 167 14.32 22.62 -10.25
CA ILE E 167 14.77 22.63 -11.65
C ILE E 167 15.99 23.53 -11.86
N HIS E 168 16.16 24.56 -11.04
CA HIS E 168 17.40 25.35 -11.08
C HIS E 168 18.59 24.46 -10.71
N ALA E 169 18.33 23.49 -9.84
CA ALA E 169 19.34 22.51 -9.44
C ALA E 169 19.81 21.61 -10.59
N LEU E 170 19.13 21.68 -11.74
CA LEU E 170 19.52 20.90 -12.92
C LEU E 170 20.63 21.57 -13.72
N GLY E 171 20.77 22.87 -13.54
CA GLY E 171 21.80 23.59 -14.24
C GLY E 171 21.38 24.87 -14.89
N ALA E 172 20.09 25.11 -14.93
CA ALA E 172 19.59 26.32 -15.55
C ALA E 172 20.00 27.52 -14.70
N GLN E 173 20.40 28.60 -15.35
CA GLN E 173 20.80 29.84 -14.68
C GLN E 173 19.61 30.51 -14.03
N TYR E 174 18.55 30.66 -14.79
CA TYR E 174 17.32 31.25 -14.30
C TYR E 174 16.15 30.37 -14.68
N VAL E 175 15.18 30.29 -13.76
CA VAL E 175 13.94 29.56 -13.99
C VAL E 175 12.76 30.51 -13.93
N VAL E 176 11.87 30.40 -14.90
CA VAL E 176 10.55 31.02 -14.81
C VAL E 176 9.50 29.92 -14.83
N ILE E 177 8.86 29.66 -13.69
CA ILE E 177 7.72 28.76 -13.72
C ILE E 177 6.53 29.60 -14.16
N THR E 178 5.89 29.23 -15.25
CA THR E 178 4.71 29.95 -15.65
C THR E 178 3.45 29.32 -15.06
N GLY E 179 2.57 30.16 -14.52
CA GLY E 179 1.30 29.72 -13.92
C GLY E 179 0.08 30.25 -14.63
N GLY E 180 -0.06 31.58 -14.69
CA GLY E 180 -1.17 32.26 -15.38
C GLY E 180 -2.55 31.66 -15.16
N GLY E 181 -3.31 31.60 -16.25
CA GLY E 181 -4.69 31.09 -16.24
C GLY E 181 -4.97 29.73 -15.62
N LYS E 182 -3.96 28.85 -15.60
CA LYS E 182 -4.11 27.49 -15.06
C LYS E 182 -3.87 27.39 -13.54
N LEU E 183 -3.46 28.51 -12.93
CA LEU E 183 -3.28 28.55 -11.48
C LEU E 183 -4.54 29.15 -10.89
N LYS E 184 -5.04 28.54 -9.81
CA LYS E 184 -6.10 29.16 -9.00
C LYS E 184 -5.43 30.30 -8.19
N HIS E 185 -5.73 31.53 -8.61
CA HIS E 185 -5.13 32.73 -8.04
C HIS E 185 -5.88 33.96 -8.54
N GLU E 186 -5.78 35.04 -7.78
CA GLU E 186 -6.42 36.32 -8.08
C GLU E 186 -5.77 36.99 -9.30
N LYS E 187 -4.45 36.83 -9.40
CA LYS E 187 -3.64 37.45 -10.46
C LYS E 187 -2.98 36.40 -11.33
N ALA E 188 -2.40 36.86 -12.45
CA ALA E 188 -1.69 35.97 -13.38
C ALA E 188 -0.24 35.87 -12.94
N VAL E 189 0.09 34.81 -12.21
CA VAL E 189 1.40 34.77 -11.56
C VAL E 189 2.40 33.82 -12.19
N ASP E 190 3.63 34.30 -12.32
CA ASP E 190 4.79 33.47 -12.64
C ASP E 190 5.87 33.64 -11.56
N VAL E 191 6.66 32.60 -11.36
CA VAL E 191 7.72 32.64 -10.39
C VAL E 191 9.09 32.63 -11.07
N LEU E 192 9.87 33.69 -10.82
CA LEU E 192 11.22 33.84 -11.35
C LEU E 192 12.22 33.52 -10.23
N TYR E 193 13.18 32.66 -10.54
CA TYR E 193 14.18 32.24 -9.56
C TYR E 193 15.59 32.27 -10.15
N ASP E 194 16.49 33.04 -9.51
CA ASP E 194 17.94 32.96 -9.77
C ASP E 194 18.49 31.93 -8.82
N GLY E 195 19.79 31.89 -8.62
CA GLY E 195 20.32 30.89 -7.68
C GLY E 195 19.82 31.09 -6.25
N GLU E 196 19.36 32.29 -5.96
CA GLU E 196 19.27 32.77 -4.61
C GLU E 196 17.83 32.97 -4.13
N THR E 197 17.06 33.82 -4.80
CA THR E 197 15.73 34.16 -4.31
C THR E 197 14.62 34.07 -5.35
N ALA E 198 13.42 33.84 -4.85
CA ALA E 198 12.21 33.67 -5.65
C ALA E 198 11.37 34.94 -5.68
N GLU E 199 11.05 35.38 -6.88
CA GLU E 199 10.28 36.60 -7.08
C GLU E 199 8.94 36.23 -7.73
N VAL E 200 7.86 36.83 -7.26
CA VAL E 200 6.56 36.49 -7.80
C VAL E 200 6.18 37.59 -8.75
N LEU E 201 6.15 37.26 -10.03
CA LEU E 201 5.75 38.20 -11.06
C LEU E 201 4.24 38.17 -11.15
N GLU E 202 3.63 39.34 -11.17
CA GLU E 202 2.19 39.43 -11.24
C GLU E 202 1.70 40.37 -12.32
N SER E 203 0.59 39.99 -12.94
CA SER E 203 -0.06 40.81 -13.93
C SER E 203 -1.53 40.62 -13.76
N GLU E 204 -2.32 41.47 -14.39
CA GLU E 204 -3.76 41.27 -14.45
C GLU E 204 -4.06 39.86 -15.00
N MET E 205 -5.01 39.16 -14.35
CA MET E 205 -5.59 37.95 -14.94
C MET E 205 -6.58 38.40 -15.98
N ILE E 206 -6.42 37.91 -17.20
CA ILE E 206 -7.40 38.18 -18.21
C ILE E 206 -8.32 36.97 -18.26
N ASP E 207 -9.62 37.23 -18.12
CA ASP E 207 -10.57 36.16 -18.13
C ASP E 207 -10.89 35.81 -19.57
N THR E 208 -10.17 34.81 -20.06
CA THR E 208 -10.20 34.41 -21.48
C THR E 208 -9.69 32.97 -21.71
N PRO E 209 -10.37 32.21 -22.57
CA PRO E 209 -9.79 30.92 -22.88
C PRO E 209 -8.81 31.02 -24.06
N TYR E 210 -8.59 32.24 -24.57
CA TYR E 210 -7.82 32.45 -25.79
C TYR E 210 -6.34 32.68 -25.52
N THR E 211 -5.67 31.65 -25.02
CA THR E 211 -4.27 31.75 -24.66
C THR E 211 -3.42 30.71 -25.40
N HIS E 212 -3.83 30.36 -26.60
CA HIS E 212 -3.06 29.45 -27.43
C HIS E 212 -1.74 30.10 -27.88
N GLY E 213 -0.64 29.40 -27.61
CA GLY E 213 0.69 29.87 -27.94
C GLY E 213 1.26 30.91 -26.98
N ALA E 214 0.62 31.09 -25.83
CA ALA E 214 1.06 32.04 -24.82
C ALA E 214 2.50 31.73 -24.40
N GLY E 215 2.75 30.47 -24.06
CA GLY E 215 4.03 30.02 -23.59
C GLY E 215 5.13 30.17 -24.61
N CYS E 216 4.82 29.85 -25.87
CA CYS E 216 5.75 30.05 -26.98
C CYS E 216 6.07 31.53 -27.12
N THR E 217 5.08 32.38 -26.88
CA THR E 217 5.20 33.81 -27.10
C THR E 217 5.99 34.43 -25.96
N PHE E 218 5.78 33.92 -24.76
CA PHE E 218 6.53 34.40 -23.62
C PHE E 218 8.03 34.15 -23.83
N SER E 219 8.35 32.89 -24.08
CA SER E 219 9.75 32.49 -24.30
C SER E 219 10.39 33.14 -25.53
N ALA E 220 9.61 33.43 -26.56
CA ALA E 220 10.14 34.16 -27.70
C ALA E 220 10.47 35.60 -27.30
N ALA E 221 9.56 36.21 -26.54
CA ALA E 221 9.74 37.56 -26.02
C ALA E 221 10.98 37.67 -25.12
N VAL E 222 11.20 36.68 -24.26
CA VAL E 222 12.43 36.69 -23.47
C VAL E 222 13.64 36.64 -24.43
N THR E 223 13.64 35.68 -25.34
CA THR E 223 14.70 35.50 -26.30
C THR E 223 14.97 36.81 -27.07
N ALA E 224 13.93 37.44 -27.58
CA ALA E 224 14.08 38.63 -28.37
C ALA E 224 14.74 39.75 -27.54
N GLU E 225 14.24 39.91 -26.33
CA GLU E 225 14.77 40.90 -25.41
C GLU E 225 16.24 40.63 -25.03
N LEU E 226 16.60 39.37 -24.82
CA LEU E 226 18.00 38.99 -24.60
C LEU E 226 18.89 39.25 -25.83
N ALA E 227 18.33 39.07 -27.02
CA ALA E 227 19.06 39.27 -28.27
C ALA E 227 19.45 40.73 -28.50
N LYS E 228 18.64 41.63 -27.96
CA LYS E 228 18.88 43.06 -28.04
C LYS E 228 19.82 43.56 -26.94
N GLY E 229 20.25 42.67 -26.03
CA GLY E 229 21.26 43.02 -25.05
C GLY E 229 20.77 43.26 -23.63
N ALA E 230 19.45 43.16 -23.41
CA ALA E 230 18.87 43.27 -22.07
C ALA E 230 19.48 42.34 -21.04
N GLU E 231 19.32 42.69 -19.77
CA GLU E 231 19.71 41.82 -18.70
C GLU E 231 18.66 40.73 -18.62
N VAL E 232 19.04 39.60 -18.05
CA VAL E 232 18.13 38.47 -17.99
C VAL E 232 16.83 38.84 -17.31
N LYS E 233 16.89 39.36 -16.09
CA LYS E 233 15.66 39.71 -15.37
C LYS E 233 14.87 40.80 -16.07
N GLU E 234 15.57 41.84 -16.51
CA GLU E 234 14.99 42.91 -17.32
C GLU E 234 14.22 42.34 -18.51
N ALA E 235 14.79 41.31 -19.16
CA ALA E 235 14.15 40.66 -20.30
C ALA E 235 12.87 39.92 -19.90
N ILE E 236 12.96 39.17 -18.80
CA ILE E 236 11.80 38.47 -18.26
C ILE E 236 10.62 39.41 -17.95
N TYR E 237 10.88 40.52 -17.24
CA TYR E 237 9.85 41.54 -17.00
C TYR E 237 9.26 42.08 -18.30
N ALA E 238 10.12 42.39 -19.28
CA ALA E 238 9.65 42.89 -20.58
C ALA E 238 8.70 41.88 -21.24
N ALA E 239 9.10 40.61 -21.18
CA ALA E 239 8.34 39.51 -21.76
C ALA E 239 7.01 39.32 -21.06
N LYS E 240 7.01 39.43 -19.74
CA LYS E 240 5.78 39.41 -18.95
C LYS E 240 4.81 40.49 -19.43
N GLU E 241 5.33 41.69 -19.70
CA GLU E 241 4.52 42.82 -20.16
C GLU E 241 3.93 42.56 -21.54
N PHE E 242 4.71 41.88 -22.38
CA PHE E 242 4.29 41.49 -23.72
C PHE E 242 3.09 40.51 -23.78
N ILE E 243 3.14 39.32 -23.14
CA ILE E 243 1.98 38.41 -23.24
C ILE E 243 0.77 38.91 -22.50
N THR E 244 0.98 39.57 -21.38
CA THR E 244 -0.12 40.21 -20.68
C THR E 244 -0.91 41.06 -21.65
N ALA E 245 -0.23 41.90 -22.43
CA ALA E 245 -0.88 42.72 -23.46
C ALA E 245 -1.48 41.85 -24.56
N ALA E 246 -0.75 40.83 -25.01
CA ALA E 246 -1.17 40.01 -26.16
C ALA E 246 -2.34 39.09 -25.82
N ILE E 247 -2.40 38.63 -24.57
CA ILE E 247 -3.55 37.87 -24.05
C ILE E 247 -4.77 38.78 -23.86
N LYS E 248 -4.54 40.00 -23.37
CA LYS E 248 -5.61 40.98 -23.13
C LYS E 248 -6.41 41.25 -24.39
N GLU E 249 -5.74 41.19 -25.53
CA GLU E 249 -6.34 41.46 -26.82
C GLU E 249 -6.56 40.19 -27.64
N SER E 250 -6.55 39.04 -26.97
CA SER E 250 -6.69 37.78 -27.68
C SER E 250 -8.11 37.60 -28.25
N PHE E 251 -8.25 36.69 -29.21
CA PHE E 251 -9.50 36.53 -29.94
C PHE E 251 -9.63 35.11 -30.51
N PRO E 252 -10.85 34.72 -30.90
CA PRO E 252 -10.99 33.36 -31.41
C PRO E 252 -10.68 33.27 -32.89
N LEU E 253 -10.21 32.11 -33.32
CA LEU E 253 -10.05 31.81 -34.73
C LEU E 253 -11.23 30.98 -35.18
N ASN E 254 -11.53 29.94 -34.41
CA ASN E 254 -12.72 29.12 -34.56
C ASN E 254 -13.16 28.65 -33.18
N GLN E 255 -13.98 27.62 -33.12
CA GLN E 255 -14.54 27.18 -31.84
C GLN E 255 -13.54 26.39 -30.99
N TYR E 256 -12.35 26.12 -31.52
CA TYR E 256 -11.37 25.28 -30.82
C TYR E 256 -10.18 26.05 -30.33
N VAL E 257 -9.87 27.17 -30.96
CA VAL E 257 -8.62 27.84 -30.65
C VAL E 257 -8.72 29.36 -30.75
N GLY E 258 -8.03 30.03 -29.83
CA GLY E 258 -7.93 31.48 -29.81
C GLY E 258 -6.50 31.85 -29.46
N PRO E 259 -5.77 32.44 -30.42
CA PRO E 259 -4.38 32.86 -30.19
C PRO E 259 -4.28 34.23 -29.53
N THR E 260 -3.08 34.55 -29.04
CA THR E 260 -2.80 35.89 -28.52
C THR E 260 -2.53 36.90 -29.65
N LYS E 261 -2.74 38.18 -29.36
CA LYS E 261 -2.47 39.24 -30.33
C LYS E 261 -1.11 39.85 -30.09
N HIS E 262 -0.14 39.38 -30.85
CA HIS E 262 1.26 39.80 -30.73
C HIS E 262 1.48 41.30 -30.93
N SER E 263 0.70 41.90 -31.81
CA SER E 263 0.79 43.34 -32.09
C SER E 263 0.27 44.23 -30.95
N ALA E 264 -0.44 43.64 -29.98
CA ALA E 264 -1.12 44.41 -28.91
C ALA E 264 -0.26 45.49 -28.26
N LEU E 265 0.87 45.10 -27.67
CA LEU E 265 1.75 46.04 -27.00
C LEU E 265 2.09 47.23 -27.90
N ARG E 266 2.40 46.94 -29.16
CA ARG E 266 2.76 47.98 -30.13
C ARG E 266 1.64 48.98 -30.34
N LEU E 267 0.43 48.53 -30.63
CA LEU E 267 -0.72 49.42 -30.88
C LEU E 267 -1.12 50.14 -29.57
N ASN E 268 -0.27 51.09 -29.18
CA ASN E 268 -0.32 51.79 -27.90
C ASN E 268 -0.44 50.87 -26.70
#